data_8D3M
#
_entry.id   8D3M
#
_cell.length_a   1.00
_cell.length_b   1.00
_cell.length_c   1.00
_cell.angle_alpha   90.00
_cell.angle_beta   90.00
_cell.angle_gamma   90.00
#
_symmetry.space_group_name_H-M   'P 1'
#
loop_
_entity.id
_entity.type
_entity.pdbx_description
1 polymer 'CRISPR-associated endonuclease Cas1'
2 polymer 'CRISPR-associated endonuclease Cas2'
3 polymer 'PAM/processed strand 2'
4 polymer 'PAM/Processed strand 1'
5 polymer 'CRISPR-associated exonuclease Cas4'
6 non-polymer 'MANGANESE (II) ION'
7 non-polymer 'IRON/SULFUR CLUSTER'
#
loop_
_entity_poly.entity_id
_entity_poly.type
_entity_poly.pdbx_seq_one_letter_code
_entity_poly.pdbx_strand_id
1 'polypeptide(L)'
;MKKLLNTLYVTQPDTYLSLDGDNVVLLKEQEKLGRLPLHNLEAIVGFGYTGASPALMGYCAERNISITFLTKNGRFLARV
VGESRGNVVLRKTQYRISENDQESTKIARNFITGKVYNSKWMLERMTREHPLRVNVEQFKATSQLLSVMMQEIRNCDSLE
SLRGWEGQAAINYNKVFDQMILQQKEEFAFHGRSRRPPKDNVNAMLSFAYTLLANDVAAALETVGLDAYVGFMHQDRPGR
ASLALDLMEELRGLYADRFVLSLINRKEMTADGFYKKENGAVLMTDEARKTFLKAWQTKKQEKITHPYLGEKMSWGLVPY
VQALLLARFLRGDLDEYPPFLWK
;
A,B,C,D
2 'polypeptide(L)'
;GSMLVLITYDVQTSSMGGTKRLRKVAKACQNYGQRVQNSVFECIVDSTQLTSLKLELTSLIDEEKDSLRIYRLGNNYKTK
VEHIGAKPSIDLEDPLIF
;
E,F
3 'polydeoxyribonucleotide'
;(DG)(DT)(DT)(DC)(DT)(DG)(DG)(DT)(DG)(DG)(DT)(DC)(DC)(DT)(DC)(DA)(DG)(DC)(DT)(DA)
(DC)(DG)(DT)(DT)(DT)(DT)(DT)(DT)(DG)(DA)(DA)(DT)(DT)
;
G
4 'polydeoxyribonucleotide'
;(DC)(DG)(DT)(DA)(DG)(DC)(DT)(DG)(DA)(DG)(DG)(DA)(DC)(DC)(DA)(DC)(DC)(DA)(DG)(DA)
(DA)(DC)(DT)(DT)(DT)(DT)(DT)(DT)(DG)(DA)(DA)(DT)
;
H
5 'polypeptide(L)'
;ASNEEDRYLMLSGLQHFQFCKRQWALIHIEQQWEENVRTIEGQHLHKKADQPFMKEKRGSKLTVRAMPIQSKNLQISGIC
DVVEFVQDSEGIELSGVSGSYKAFPVEYKRGKPKKGDEDIVQLVAQAMCLEEMLVCRIDKGYLFYNEIKHRVEVPITDAL
RDKVVQMAKEMHHYYENRHTPKVKTGPFCNNCSLQSICLPKLMNKRSVKRYIEGRLSE
;
I
#
# COMPACT_ATOMS: atom_id res chain seq x y z
N MET A 1 7.59 -35.75 38.62
CA MET A 1 7.31 -36.78 39.59
C MET A 1 8.57 -37.21 40.35
N LYS A 2 9.69 -37.26 39.63
CA LYS A 2 10.91 -37.86 40.14
C LYS A 2 12.00 -36.80 40.32
N LYS A 3 12.74 -36.93 41.42
CA LYS A 3 13.82 -36.02 41.75
C LYS A 3 15.13 -36.79 41.75
N LEU A 4 16.05 -36.42 40.86
CA LEU A 4 17.32 -37.10 40.70
C LEU A 4 18.44 -36.08 40.87
N LEU A 5 19.22 -36.24 41.93
CA LEU A 5 20.39 -35.37 42.17
C LEU A 5 20.00 -33.90 42.19
N ASN A 6 18.99 -33.58 43.00
CA ASN A 6 18.58 -32.19 43.23
C ASN A 6 18.04 -31.51 41.98
N THR A 7 17.46 -32.27 41.07
CA THR A 7 16.73 -31.71 39.94
C THR A 7 15.36 -32.37 39.88
N LEU A 8 14.43 -31.70 39.21
CA LEU A 8 13.04 -32.15 39.17
C LEU A 8 12.55 -32.18 37.74
N TYR A 9 12.31 -33.38 37.22
CA TYR A 9 11.83 -33.55 35.85
C TYR A 9 10.35 -33.95 35.89
N VAL A 10 9.53 -33.25 35.11
CA VAL A 10 8.12 -33.59 35.01
C VAL A 10 7.84 -34.16 33.64
N THR A 11 7.92 -35.48 33.52
CA THR A 11 7.93 -36.10 32.21
C THR A 11 6.54 -36.34 31.63
N GLN A 12 5.51 -36.46 32.47
CA GLN A 12 4.19 -36.70 31.90
C GLN A 12 3.60 -35.40 31.36
N PRO A 13 3.10 -35.39 30.14
CA PRO A 13 2.59 -34.15 29.55
C PRO A 13 1.25 -33.75 30.14
N ASP A 14 0.89 -32.49 29.89
CA ASP A 14 -0.39 -31.92 30.31
C ASP A 14 -0.58 -32.06 31.82
N THR A 15 0.30 -31.43 32.57
CA THR A 15 0.18 -31.33 34.02
C THR A 15 0.63 -29.94 34.45
N TYR A 16 -0.33 -29.10 34.81
CA TYR A 16 -0.04 -27.75 35.25
C TYR A 16 0.79 -27.81 36.52
N LEU A 17 1.48 -26.71 36.82
CA LEU A 17 2.36 -26.68 37.97
C LEU A 17 2.25 -25.32 38.64
N SER A 18 2.25 -25.31 39.97
CA SER A 18 2.03 -24.08 40.71
C SER A 18 2.76 -24.12 42.04
N LEU A 19 2.58 -23.06 42.82
CA LEU A 19 3.17 -22.91 44.14
C LEU A 19 2.07 -22.94 45.20
N ASP A 20 2.39 -23.57 46.34
CA ASP A 20 1.53 -23.52 47.51
C ASP A 20 2.42 -23.38 48.74
N GLY A 21 2.24 -22.30 49.49
CA GLY A 21 3.07 -22.06 50.65
C GLY A 21 4.52 -21.86 50.24
N ASP A 22 5.37 -22.83 50.57
CA ASP A 22 6.75 -22.85 50.11
C ASP A 22 7.07 -24.17 49.40
N ASN A 23 6.10 -24.72 48.69
CA ASN A 23 6.23 -26.02 48.04
C ASN A 23 5.70 -25.95 46.62
N VAL A 24 6.18 -26.86 45.79
CA VAL A 24 5.71 -26.99 44.43
C VAL A 24 4.57 -27.99 44.41
N VAL A 25 3.56 -27.72 43.59
CA VAL A 25 2.38 -28.56 43.48
C VAL A 25 2.11 -28.87 42.01
N LEU A 26 1.95 -30.14 41.72
CA LEU A 26 1.54 -30.57 40.39
C LEU A 26 0.01 -30.67 40.35
N LEU A 27 -0.55 -30.42 39.18
CA LEU A 27 -1.99 -30.51 39.01
C LEU A 27 -2.30 -31.06 37.65
N LYS A 28 -3.51 -31.64 37.54
CA LYS A 28 -4.02 -32.15 36.26
C LYS A 28 -5.53 -31.94 36.29
N GLU A 29 -5.96 -30.79 35.78
CA GLU A 29 -7.38 -30.41 35.73
C GLU A 29 -8.02 -30.47 37.12
N GLN A 30 -7.53 -29.58 37.98
CA GLN A 30 -8.07 -29.38 39.33
C GLN A 30 -8.05 -30.66 40.16
N GLU A 31 -6.99 -31.46 40.01
CA GLU A 31 -6.81 -32.67 40.81
C GLU A 31 -5.41 -32.66 41.40
N LYS A 32 -5.32 -32.62 42.73
CA LYS A 32 -4.03 -32.60 43.41
C LYS A 32 -3.32 -33.92 43.17
N LEU A 33 -2.17 -33.86 42.51
CA LEU A 33 -1.44 -35.06 42.10
C LEU A 33 -0.07 -35.18 42.74
N GLY A 34 0.52 -34.09 43.20
CA GLY A 34 1.80 -34.17 43.87
C GLY A 34 2.24 -32.91 44.59
N ARG A 35 2.89 -33.06 45.74
CA ARG A 35 3.42 -31.95 46.52
C ARG A 35 4.88 -32.23 46.84
N LEU A 36 5.75 -31.27 46.54
CA LEU A 36 7.17 -31.49 46.81
C LEU A 36 7.79 -30.27 47.47
N PRO A 37 8.64 -30.47 48.49
CA PRO A 37 9.34 -29.35 49.11
C PRO A 37 10.38 -28.78 48.18
N LEU A 38 10.59 -27.46 48.28
CA LEU A 38 11.55 -26.75 47.47
C LEU A 38 12.74 -26.27 48.30
N HIS A 39 12.98 -26.87 49.46
CA HIS A 39 14.04 -26.42 50.33
C HIS A 39 15.40 -26.65 49.69
N ASN A 40 15.62 -27.82 49.09
CA ASN A 40 16.94 -28.21 48.62
C ASN A 40 16.94 -28.60 47.14
N LEU A 41 16.19 -27.90 46.30
CA LEU A 41 16.28 -28.14 44.86
C LEU A 41 17.35 -27.24 44.25
N GLU A 42 17.73 -27.59 43.01
CA GLU A 42 18.78 -26.86 42.31
C GLU A 42 18.31 -26.39 40.95
N ALA A 43 17.37 -27.11 40.35
CA ALA A 43 16.79 -26.70 39.08
C ALA A 43 15.44 -27.38 38.89
N ILE A 44 14.68 -26.88 37.93
CA ILE A 44 13.41 -27.45 37.52
C ILE A 44 13.43 -27.64 36.02
N VAL A 45 13.02 -28.81 35.56
CA VAL A 45 12.98 -29.14 34.14
C VAL A 45 11.59 -29.63 33.82
N GLY A 46 10.91 -28.95 32.90
CA GLY A 46 9.58 -29.33 32.49
C GLY A 46 9.58 -29.94 31.11
N PHE A 47 8.57 -30.77 30.86
CA PHE A 47 8.37 -31.35 29.53
C PHE A 47 7.01 -31.08 28.92
N GLY A 48 6.01 -30.69 29.70
CA GLY A 48 4.66 -30.51 29.20
C GLY A 48 4.38 -29.07 28.81
N TYR A 49 3.22 -28.88 28.18
CA TYR A 49 2.72 -27.54 27.89
C TYR A 49 2.02 -27.00 29.14
N THR A 50 2.83 -26.84 30.19
CA THR A 50 2.33 -26.49 31.51
C THR A 50 2.21 -24.99 31.68
N GLY A 51 3.33 -24.28 31.56
CA GLY A 51 3.36 -22.87 31.79
C GLY A 51 3.76 -22.45 33.18
N ALA A 52 3.83 -23.40 34.12
CA ALA A 52 4.18 -23.09 35.51
C ALA A 52 3.24 -22.03 36.08
N SER A 53 3.57 -21.51 37.26
CA SER A 53 2.75 -20.45 37.79
C SER A 53 3.61 -19.24 38.12
N PRO A 54 3.13 -18.03 37.80
CA PRO A 54 3.97 -16.84 38.02
C PRO A 54 4.40 -16.67 39.46
N ALA A 55 3.59 -17.12 40.42
CA ALA A 55 4.01 -17.07 41.80
C ALA A 55 5.27 -17.91 42.01
N LEU A 56 5.27 -19.14 41.51
CA LEU A 56 6.46 -19.98 41.63
C LEU A 56 7.60 -19.43 40.79
N MET A 57 7.32 -18.86 39.63
CA MET A 57 8.39 -18.28 38.82
C MET A 57 9.12 -17.21 39.62
N GLY A 58 8.38 -16.28 40.21
CA GLY A 58 9.01 -15.27 41.05
C GLY A 58 9.73 -15.89 42.23
N TYR A 59 9.11 -16.90 42.85
CA TYR A 59 9.69 -17.51 44.05
C TYR A 59 11.04 -18.14 43.76
N CYS A 60 11.10 -19.00 42.74
CA CYS A 60 12.35 -19.65 42.39
C CYS A 60 13.39 -18.65 41.89
N ALA A 61 12.98 -17.74 40.99
CA ALA A 61 13.94 -16.76 40.48
C ALA A 61 14.50 -15.89 41.60
N GLU A 62 13.74 -15.71 42.68
CA GLU A 62 14.26 -15.02 43.85
C GLU A 62 15.18 -15.91 44.67
N ARG A 63 14.90 -17.21 44.73
CA ARG A 63 15.68 -18.13 45.56
C ARG A 63 16.77 -18.85 44.77
N ASN A 64 17.26 -18.24 43.70
CA ASN A 64 18.39 -18.77 42.93
C ASN A 64 18.12 -20.19 42.42
N ILE A 65 16.94 -20.39 41.83
CA ILE A 65 16.61 -21.58 41.08
C ILE A 65 16.15 -21.16 39.70
N SER A 66 16.84 -21.62 38.67
CA SER A 66 16.46 -21.34 37.30
C SER A 66 15.46 -22.39 36.83
N ILE A 67 14.67 -22.03 35.83
CA ILE A 67 13.71 -22.95 35.25
C ILE A 67 14.02 -23.13 33.77
N THR A 68 13.89 -24.35 33.30
CA THR A 68 14.09 -24.69 31.89
C THR A 68 12.84 -25.35 31.37
N PHE A 69 12.27 -24.82 30.31
CA PHE A 69 11.08 -25.41 29.73
C PHE A 69 11.43 -26.00 28.37
N LEU A 70 11.16 -27.28 28.22
CA LEU A 70 11.40 -28.06 27.02
C LEU A 70 10.06 -28.41 26.42
N THR A 71 10.08 -29.26 25.39
CA THR A 71 8.85 -29.90 24.93
C THR A 71 8.90 -31.38 25.31
N LYS A 72 7.76 -32.06 25.18
CA LYS A 72 7.65 -33.43 25.67
C LYS A 72 8.60 -34.38 24.96
N ASN A 73 9.13 -34.00 23.79
CA ASN A 73 10.08 -34.83 23.07
C ASN A 73 11.53 -34.40 23.27
N GLY A 74 11.78 -33.45 24.18
CA GLY A 74 13.13 -33.12 24.58
C GLY A 74 13.72 -31.87 23.95
N ARG A 75 13.07 -31.29 22.94
CA ARG A 75 13.59 -30.08 22.32
C ARG A 75 13.62 -28.93 23.32
N PHE A 76 14.58 -28.03 23.13
CA PHE A 76 14.75 -26.89 24.02
C PHE A 76 13.86 -25.74 23.58
N LEU A 77 13.13 -25.15 24.54
CA LEU A 77 12.24 -24.03 24.25
C LEU A 77 12.69 -22.74 24.93
N ALA A 78 12.86 -22.73 26.25
CA ALA A 78 13.18 -21.47 26.90
C ALA A 78 13.84 -21.72 28.23
N ARG A 79 14.46 -20.67 28.77
CA ARG A 79 15.14 -20.76 30.05
C ARG A 79 14.90 -19.47 30.83
N VAL A 80 14.14 -19.57 31.92
CA VAL A 80 13.83 -18.43 32.78
C VAL A 80 14.88 -18.36 33.88
N VAL A 81 15.64 -17.26 33.90
CA VAL A 81 16.66 -17.02 34.91
C VAL A 81 16.56 -15.58 35.38
N GLY A 82 17.17 -15.32 36.54
CA GLY A 82 17.28 -13.98 37.04
C GLY A 82 18.66 -13.41 36.78
N GLU A 83 19.32 -12.92 37.83
CA GLU A 83 20.67 -12.40 37.65
C GLU A 83 21.69 -13.52 37.47
N SER A 84 21.52 -14.64 38.18
CA SER A 84 22.58 -15.64 38.26
C SER A 84 22.82 -16.32 36.93
N ARG A 85 21.80 -17.00 36.39
CA ARG A 85 21.86 -17.79 35.16
C ARG A 85 22.69 -19.04 35.39
N GLY A 86 23.32 -19.15 36.56
CA GLY A 86 23.97 -20.38 36.97
C GLY A 86 25.28 -20.70 36.28
N ASN A 87 25.23 -20.99 34.99
CA ASN A 87 26.40 -21.50 34.26
C ASN A 87 27.25 -20.34 33.79
N VAL A 88 28.21 -19.94 34.64
CA VAL A 88 29.29 -19.05 34.24
C VAL A 88 30.66 -19.65 34.57
N VAL A 89 30.83 -20.08 35.83
CA VAL A 89 32.07 -20.74 36.20
C VAL A 89 32.19 -22.09 35.49
N LEU A 90 31.07 -22.79 35.31
CA LEU A 90 31.10 -24.06 34.59
C LEU A 90 31.53 -23.87 33.14
N ARG A 91 30.95 -22.88 32.47
CA ARG A 91 31.30 -22.65 31.07
C ARG A 91 32.74 -22.17 30.94
N LYS A 92 33.20 -21.32 31.86
CA LYS A 92 34.60 -20.90 31.85
C LYS A 92 35.52 -22.09 32.06
N THR A 93 35.15 -22.99 32.98
CA THR A 93 35.97 -24.19 33.19
C THR A 93 36.03 -25.04 31.94
N GLN A 94 34.90 -25.20 31.25
CA GLN A 94 34.94 -25.96 30.00
C GLN A 94 35.86 -25.32 28.99
N TYR A 95 35.75 -23.99 28.84
CA TYR A 95 36.56 -23.33 27.83
C TYR A 95 38.05 -23.41 28.17
N ARG A 96 38.39 -23.29 29.45
CA ARG A 96 39.79 -23.44 29.86
C ARG A 96 40.29 -24.85 29.60
N ILE A 97 39.48 -25.87 29.88
CA ILE A 97 39.92 -27.25 29.70
C ILE A 97 40.00 -27.60 28.21
N SER A 98 39.23 -26.92 27.36
CA SER A 98 39.15 -27.27 25.96
C SER A 98 40.46 -27.03 25.21
N GLU A 99 41.42 -26.34 25.79
CA GLU A 99 42.66 -25.98 25.10
C GLU A 99 43.90 -26.56 25.77
N ASN A 100 43.78 -27.74 26.37
CA ASN A 100 44.93 -28.44 26.94
C ASN A 100 44.81 -29.92 26.63
N ASP A 101 45.94 -30.56 26.35
CA ASP A 101 45.90 -31.96 25.93
C ASP A 101 45.65 -32.92 27.09
N GLN A 102 46.22 -32.64 28.27
CA GLN A 102 46.16 -33.63 29.34
C GLN A 102 44.73 -33.92 29.77
N GLU A 103 43.98 -32.86 30.10
CA GLU A 103 42.63 -33.05 30.62
C GLU A 103 41.69 -33.55 29.53
N SER A 104 41.88 -33.06 28.30
CA SER A 104 41.07 -33.55 27.19
C SER A 104 41.28 -35.04 26.97
N THR A 105 42.52 -35.50 27.01
CA THR A 105 42.78 -36.93 26.87
C THR A 105 42.21 -37.70 28.05
N LYS A 106 42.25 -37.13 29.26
CA LYS A 106 41.64 -37.83 30.40
C LYS A 106 40.15 -38.07 30.16
N ILE A 107 39.44 -37.04 29.72
CA ILE A 107 38.00 -37.19 29.51
C ILE A 107 37.72 -38.10 28.32
N ALA A 108 38.56 -38.04 27.28
CA ALA A 108 38.41 -38.97 26.17
C ALA A 108 38.60 -40.41 26.62
N ARG A 109 39.55 -40.65 27.54
CA ARG A 109 39.71 -41.97 28.11
C ARG A 109 38.44 -42.40 28.82
N ASN A 110 37.85 -41.49 29.60
CA ASN A 110 36.63 -41.82 30.32
C ASN A 110 35.51 -42.22 29.36
N PHE A 111 35.41 -41.55 28.21
CA PHE A 111 34.38 -41.90 27.24
C PHE A 111 34.66 -43.25 26.60
N ILE A 112 35.89 -43.44 26.12
CA ILE A 112 36.21 -44.60 25.29
C ILE A 112 36.18 -45.88 26.11
N THR A 113 36.62 -45.83 27.38
CA THR A 113 36.56 -47.02 28.21
C THR A 113 35.12 -47.52 28.36
N GLY A 114 34.19 -46.58 28.60
CA GLY A 114 32.80 -46.97 28.65
C GLY A 114 32.31 -47.55 27.33
N LYS A 115 32.72 -46.96 26.21
CA LYS A 115 32.31 -47.47 24.91
C LYS A 115 32.74 -48.92 24.72
N VAL A 116 34.03 -49.20 24.97
CA VAL A 116 34.53 -50.55 24.71
C VAL A 116 33.92 -51.54 25.69
N TYR A 117 33.70 -51.14 26.95
CA TYR A 117 33.09 -52.06 27.89
C TYR A 117 31.67 -52.42 27.45
N ASN A 118 30.90 -51.42 27.03
CA ASN A 118 29.54 -51.71 26.59
C ASN A 118 29.55 -52.64 25.39
N SER A 119 30.44 -52.39 24.42
CA SER A 119 30.50 -53.23 23.24
C SER A 119 30.85 -54.67 23.60
N LYS A 120 31.88 -54.85 24.44
CA LYS A 120 32.31 -56.19 24.81
C LYS A 120 31.22 -56.95 25.54
N TRP A 121 30.56 -56.30 26.51
CA TRP A 121 29.55 -57.00 27.27
C TRP A 121 28.35 -57.35 26.41
N MET A 122 27.98 -56.48 25.46
CA MET A 122 26.89 -56.83 24.55
C MET A 122 27.26 -58.03 23.69
N LEU A 123 28.50 -58.07 23.20
CA LEU A 123 28.94 -59.22 22.43
C LEU A 123 28.83 -60.51 23.24
N GLU A 124 29.36 -60.50 24.46
CA GLU A 124 29.35 -61.71 25.28
C GLU A 124 27.92 -62.12 25.62
N ARG A 125 27.05 -61.15 25.90
CA ARG A 125 25.66 -61.48 26.19
C ARG A 125 25.01 -62.15 25.00
N MET A 126 25.27 -61.65 23.79
CA MET A 126 24.66 -62.29 22.62
C MET A 126 25.25 -63.67 22.36
N THR A 127 26.54 -63.88 22.66
CA THR A 127 27.08 -65.23 22.58
C THR A 127 26.35 -66.16 23.53
N ARG A 128 26.12 -65.70 24.76
CA ARG A 128 25.46 -66.52 25.77
C ARG A 128 24.02 -66.83 25.37
N GLU A 129 23.32 -65.88 24.74
CA GLU A 129 21.90 -66.06 24.51
C GLU A 129 21.62 -67.13 23.46
N HIS A 130 22.30 -67.07 22.31
CA HIS A 130 21.92 -67.90 21.15
C HIS A 130 23.05 -68.80 20.70
N PRO A 131 22.96 -70.13 20.92
CA PRO A 131 24.09 -71.02 20.60
C PRO A 131 24.26 -71.34 19.13
N LEU A 132 23.17 -71.70 18.44
CA LEU A 132 23.29 -72.44 17.19
C LEU A 132 23.76 -71.55 16.04
N ARG A 133 23.28 -70.32 15.97
CA ARG A 133 23.47 -69.46 14.81
C ARG A 133 24.68 -68.54 14.96
N VAL A 134 25.71 -68.98 15.67
CA VAL A 134 26.81 -68.11 16.09
C VAL A 134 28.14 -68.82 15.86
N ASN A 135 29.11 -68.09 15.32
CA ASN A 135 30.52 -68.47 15.40
C ASN A 135 31.05 -67.98 16.74
N VAL A 136 30.99 -68.87 17.74
CA VAL A 136 31.35 -68.48 19.09
C VAL A 136 32.83 -68.12 19.18
N GLU A 137 33.67 -68.81 18.42
CA GLU A 137 35.12 -68.60 18.53
C GLU A 137 35.51 -67.19 18.12
N GLN A 138 34.92 -66.67 17.04
CA GLN A 138 35.26 -65.32 16.60
C GLN A 138 34.88 -64.30 17.67
N PHE A 139 33.69 -64.43 18.24
CA PHE A 139 33.26 -63.47 19.25
C PHE A 139 34.12 -63.55 20.50
N LYS A 140 34.49 -64.75 20.95
CA LYS A 140 35.32 -64.83 22.15
C LYS A 140 36.71 -64.26 21.89
N ALA A 141 37.26 -64.50 20.69
CA ALA A 141 38.56 -63.92 20.36
C ALA A 141 38.50 -62.39 20.37
N THR A 142 37.46 -61.83 19.74
CA THR A 142 37.31 -60.38 19.76
C THR A 142 37.07 -59.86 21.17
N SER A 143 36.40 -60.63 22.00
CA SER A 143 36.17 -60.22 23.39
C SER A 143 37.49 -60.09 24.14
N GLN A 144 38.38 -61.08 23.99
CA GLN A 144 39.68 -60.98 24.64
C GLN A 144 40.47 -59.79 24.10
N LEU A 145 40.43 -59.60 22.78
CA LEU A 145 41.12 -58.46 22.18
C LEU A 145 40.61 -57.14 22.77
N LEU A 146 39.29 -57.02 22.89
CA LEU A 146 38.70 -55.78 23.40
C LEU A 146 39.02 -55.56 24.86
N SER A 147 39.08 -56.64 25.67
CA SER A 147 39.46 -56.48 27.06
C SER A 147 40.87 -55.94 27.19
N VAL A 148 41.80 -56.51 26.42
CA VAL A 148 43.18 -56.01 26.45
C VAL A 148 43.22 -54.56 25.98
N MET A 149 42.43 -54.24 24.95
CA MET A 149 42.42 -52.88 24.42
C MET A 149 41.88 -51.89 25.44
N MET A 150 40.86 -52.28 26.20
CA MET A 150 40.35 -51.41 27.26
C MET A 150 41.40 -51.18 28.33
N GLN A 151 42.08 -52.25 28.74
CA GLN A 151 43.13 -52.09 29.75
C GLN A 151 44.22 -51.17 29.24
N GLU A 152 44.53 -51.22 27.94
CA GLU A 152 45.54 -50.34 27.39
C GLU A 152 45.06 -48.89 27.33
N ILE A 153 43.85 -48.66 26.85
CA ILE A 153 43.32 -47.30 26.72
C ILE A 153 43.23 -46.64 28.08
N ARG A 154 43.04 -47.41 29.14
CA ARG A 154 43.03 -46.81 30.47
C ARG A 154 44.32 -46.06 30.75
N ASN A 155 45.41 -46.47 30.11
CA ASN A 155 46.70 -45.84 30.35
C ASN A 155 47.22 -45.10 29.13
N CYS A 156 46.39 -44.25 28.54
CA CYS A 156 46.79 -43.40 27.41
C CYS A 156 47.01 -41.97 27.88
N ASP A 157 47.91 -41.26 27.18
CA ASP A 157 48.22 -39.88 27.55
C ASP A 157 48.38 -38.95 26.35
N SER A 158 48.18 -39.43 25.12
CA SER A 158 48.36 -38.61 23.93
C SER A 158 47.15 -38.76 23.02
N LEU A 159 46.78 -37.66 22.36
CA LEU A 159 45.55 -37.66 21.57
C LEU A 159 45.65 -38.63 20.39
N GLU A 160 46.79 -38.65 19.70
CA GLU A 160 46.92 -39.50 18.52
C GLU A 160 46.80 -40.98 18.87
N SER A 161 47.43 -41.38 19.99
CA SER A 161 47.36 -42.78 20.40
C SER A 161 45.92 -43.18 20.72
N LEU A 162 45.20 -42.31 21.44
CA LEU A 162 43.81 -42.61 21.76
C LEU A 162 42.95 -42.65 20.50
N ARG A 163 43.22 -41.77 19.54
CA ARG A 163 42.49 -41.82 18.28
C ARG A 163 42.74 -43.13 17.56
N GLY A 164 43.99 -43.59 17.54
CA GLY A 164 44.30 -44.86 16.89
C GLY A 164 43.62 -46.04 17.56
N TRP A 165 43.62 -46.05 18.91
CA TRP A 165 42.93 -47.12 19.61
C TRP A 165 41.43 -47.09 19.33
N GLU A 166 40.84 -45.89 19.28
CA GLU A 166 39.43 -45.80 18.93
C GLU A 166 39.17 -46.37 17.55
N GLY A 167 40.06 -46.06 16.59
CA GLY A 167 39.91 -46.62 15.26
C GLY A 167 39.96 -48.14 15.25
N GLN A 168 40.92 -48.71 15.99
CA GLN A 168 41.03 -50.17 16.00
C GLN A 168 39.80 -50.81 16.64
N ALA A 169 39.29 -50.23 17.73
CA ALA A 169 38.09 -50.77 18.35
C ALA A 169 36.90 -50.70 17.39
N ALA A 170 36.79 -49.59 16.66
CA ALA A 170 35.72 -49.47 15.68
C ALA A 170 35.83 -50.53 14.61
N ILE A 171 37.06 -50.78 14.13
CA ILE A 171 37.24 -51.81 13.10
C ILE A 171 36.83 -53.17 13.63
N ASN A 172 37.21 -53.48 14.86
CA ASN A 172 36.86 -54.78 15.43
C ASN A 172 35.35 -54.94 15.53
N TYR A 173 34.66 -53.96 16.13
CA TYR A 173 33.21 -54.09 16.27
C TYR A 173 32.52 -54.15 14.92
N ASN A 174 33.01 -53.37 13.95
CA ASN A 174 32.38 -53.38 12.63
C ASN A 174 32.56 -54.72 11.94
N LYS A 175 33.75 -55.32 12.03
CA LYS A 175 33.95 -56.62 11.42
C LYS A 175 33.20 -57.72 12.18
N VAL A 176 32.75 -57.43 13.40
CA VAL A 176 31.86 -58.36 14.11
C VAL A 176 30.38 -58.08 13.83
N PHE A 177 30.02 -56.86 13.44
CA PHE A 177 28.64 -56.41 13.54
C PHE A 177 27.70 -57.17 12.60
N ASP A 178 28.18 -57.56 11.42
CA ASP A 178 27.26 -58.00 10.37
C ASP A 178 26.45 -59.22 10.77
N GLN A 179 27.11 -60.23 11.35
CA GLN A 179 26.42 -61.46 11.70
C GLN A 179 25.52 -61.31 12.92
N MET A 180 25.47 -60.11 13.52
CA MET A 180 24.56 -59.89 14.65
C MET A 180 23.11 -60.01 14.20
N ILE A 181 22.81 -59.54 12.99
CA ILE A 181 21.46 -59.67 12.46
C ILE A 181 21.14 -61.13 12.24
N LEU A 182 19.95 -61.56 12.68
CA LEU A 182 19.55 -62.95 12.60
C LEU A 182 18.28 -63.17 11.79
N GLN A 183 17.85 -62.19 11.00
CA GLN A 183 16.68 -62.35 10.16
C GLN A 183 16.73 -61.37 9.00
N GLN A 184 16.13 -61.78 7.88
CA GLN A 184 15.95 -60.91 6.70
C GLN A 184 17.29 -60.38 6.19
N LYS A 185 18.21 -61.30 5.95
CA LYS A 185 19.53 -60.94 5.43
C LYS A 185 19.53 -60.73 3.92
N GLU A 186 18.37 -60.80 3.28
CA GLU A 186 18.31 -60.74 1.83
C GLU A 186 18.82 -59.40 1.32
N GLU A 187 18.45 -58.30 1.97
CA GLU A 187 18.89 -56.98 1.60
C GLU A 187 19.48 -56.19 2.76
N PHE A 188 19.47 -56.74 3.97
CA PHE A 188 19.94 -56.05 5.16
C PHE A 188 21.30 -56.65 5.51
N ALA A 189 22.35 -56.14 4.86
CA ALA A 189 23.70 -56.63 5.09
C ALA A 189 24.62 -55.43 5.32
N PHE A 190 25.43 -55.50 6.38
CA PHE A 190 26.36 -54.43 6.72
C PHE A 190 27.74 -54.78 6.20
N HIS A 191 28.30 -53.89 5.38
CA HIS A 191 29.63 -54.13 4.82
C HIS A 191 30.45 -52.85 4.77
N GLY A 192 30.25 -51.93 5.72
CA GLY A 192 31.02 -50.71 5.76
C GLY A 192 30.25 -49.50 6.24
N ARG A 193 30.95 -48.39 6.46
CA ARG A 193 30.35 -47.15 6.94
C ARG A 193 30.55 -46.06 5.90
N SER A 194 29.46 -45.43 5.48
CA SER A 194 29.50 -44.29 4.55
C SER A 194 28.47 -43.28 5.03
N ARG A 195 28.90 -42.36 5.89
CA ARG A 195 27.97 -41.42 6.51
C ARG A 195 27.37 -40.47 5.48
N ARG A 196 28.18 -39.85 4.71
CA ARG A 196 27.66 -38.95 3.71
C ARG A 196 27.16 -39.75 2.50
N PRO A 197 26.10 -39.27 1.85
CA PRO A 197 25.25 -40.13 1.03
C PRO A 197 25.33 -41.59 1.42
N PRO A 198 24.57 -42.01 2.43
CA PRO A 198 24.56 -43.43 2.82
C PRO A 198 24.08 -44.31 1.69
N LYS A 199 24.59 -45.54 1.66
CA LYS A 199 24.33 -46.47 0.58
C LYS A 199 23.75 -47.77 1.11
N ASP A 200 22.88 -48.38 0.30
CA ASP A 200 22.42 -49.75 0.47
C ASP A 200 21.73 -49.95 1.84
N ASN A 201 20.58 -49.31 1.96
CA ASN A 201 19.59 -49.65 2.97
C ASN A 201 20.07 -49.42 4.40
N VAL A 202 20.51 -50.48 5.07
CA VAL A 202 20.62 -50.47 6.53
C VAL A 202 21.50 -49.32 7.00
N ASN A 203 22.55 -49.01 6.25
CA ASN A 203 23.45 -47.93 6.63
C ASN A 203 22.69 -46.65 6.92
N ALA A 204 21.82 -46.25 5.99
CA ALA A 204 21.03 -45.04 6.18
C ALA A 204 20.27 -45.09 7.50
N MET A 205 19.62 -46.21 7.77
CA MET A 205 18.88 -46.36 9.01
C MET A 205 19.75 -45.99 10.20
N LEU A 206 20.94 -46.58 10.27
CA LEU A 206 21.84 -46.31 11.39
C LEU A 206 22.09 -44.82 11.51
N SER A 207 22.42 -44.18 10.40
CA SER A 207 22.71 -42.75 10.42
C SER A 207 21.57 -41.99 11.08
N PHE A 208 20.34 -42.29 10.66
CA PHE A 208 19.20 -41.55 11.19
C PHE A 208 19.20 -41.62 12.71
N ALA A 209 19.36 -42.83 13.26
CA ALA A 209 19.33 -42.99 14.71
C ALA A 209 20.33 -42.05 15.35
N TYR A 210 21.58 -42.08 14.86
CA TYR A 210 22.62 -41.23 15.45
C TYR A 210 22.13 -39.80 15.54
N THR A 211 21.60 -39.28 14.42
CA THR A 211 21.17 -37.89 14.41
C THR A 211 20.20 -37.61 15.54
N LEU A 212 19.15 -38.43 15.64
CA LEU A 212 18.17 -38.19 16.69
C LEU A 212 18.86 -38.18 18.04
N LEU A 213 19.65 -39.20 18.31
CA LEU A 213 20.30 -39.30 19.61
C LEU A 213 21.16 -38.07 19.85
N ALA A 214 21.93 -37.66 18.84
CA ALA A 214 22.76 -36.47 19.01
C ALA A 214 21.91 -35.28 19.41
N ASN A 215 20.83 -35.02 18.67
CA ASN A 215 19.95 -33.91 19.01
C ASN A 215 19.50 -34.04 20.46
N ASP A 216 19.07 -35.24 20.84
CA ASP A 216 18.66 -35.45 22.22
C ASP A 216 19.77 -35.05 23.17
N VAL A 217 20.97 -35.60 22.96
CA VAL A 217 22.07 -35.29 23.85
C VAL A 217 22.35 -33.79 23.81
N ALA A 218 22.25 -33.19 22.63
CA ALA A 218 22.46 -31.75 22.53
C ALA A 218 21.56 -31.01 23.50
N ALA A 219 20.26 -31.30 23.46
CA ALA A 219 19.34 -30.64 24.37
C ALA A 219 19.74 -30.91 25.81
N ALA A 220 20.17 -32.14 26.08
CA ALA A 220 20.62 -32.49 27.42
C ALA A 220 21.65 -31.50 27.93
N LEU A 221 22.67 -31.22 27.11
CA LEU A 221 23.70 -30.30 27.55
C LEU A 221 23.10 -28.94 27.86
N GLU A 222 22.22 -28.45 26.99
CA GLU A 222 21.69 -27.11 27.19
C GLU A 222 20.84 -27.03 28.45
N THR A 223 20.45 -28.16 29.02
CA THR A 223 19.71 -28.10 30.27
C THR A 223 20.57 -27.53 31.39
N VAL A 224 21.86 -27.87 31.40
CA VAL A 224 22.71 -27.50 32.52
C VAL A 224 23.57 -26.27 32.23
N GLY A 225 23.78 -25.94 30.96
CA GLY A 225 24.58 -24.78 30.62
C GLY A 225 25.90 -25.07 29.97
N LEU A 226 26.19 -26.34 29.69
CA LEU A 226 27.41 -26.65 28.95
C LEU A 226 27.27 -26.15 27.52
N ASP A 227 28.34 -25.54 27.02
CA ASP A 227 28.33 -24.93 25.69
C ASP A 227 28.48 -26.05 24.66
N ALA A 228 27.43 -26.29 23.89
CA ALA A 228 27.33 -27.51 23.12
C ALA A 228 28.31 -27.58 21.95
N TYR A 229 29.00 -26.50 21.61
CA TYR A 229 29.79 -26.46 20.38
C TYR A 229 31.29 -26.51 20.59
N VAL A 230 31.76 -26.67 21.82
CA VAL A 230 33.19 -26.70 22.12
C VAL A 230 33.49 -28.05 22.75
N GLY A 231 34.09 -28.95 21.97
CA GLY A 231 34.27 -30.32 22.40
C GLY A 231 35.53 -30.56 23.21
N PHE A 232 35.74 -31.83 23.55
CA PHE A 232 36.89 -32.27 24.32
C PHE A 232 37.81 -33.18 23.53
N MET A 233 37.28 -34.27 22.96
CA MET A 233 38.06 -35.09 22.05
C MET A 233 37.98 -34.53 20.63
N HIS A 234 36.77 -34.41 20.10
CA HIS A 234 36.60 -33.78 18.81
C HIS A 234 36.99 -32.30 18.89
N GLN A 235 37.69 -31.83 17.87
CA GLN A 235 38.12 -30.44 17.84
C GLN A 235 36.99 -29.53 17.35
N ASP A 236 37.01 -28.30 17.81
CA ASP A 236 35.91 -27.38 17.54
C ASP A 236 35.98 -26.82 16.13
N ARG A 237 34.84 -26.85 15.44
CA ARG A 237 34.66 -26.14 14.18
C ARG A 237 33.26 -25.55 14.18
N PRO A 238 33.08 -24.41 13.52
CA PRO A 238 31.75 -23.76 13.53
C PRO A 238 30.70 -24.60 12.83
N GLY A 239 29.49 -24.58 13.39
CA GLY A 239 28.36 -25.28 12.81
C GLY A 239 28.12 -26.69 13.31
N ARG A 240 29.06 -27.25 14.07
CA ARG A 240 28.95 -28.63 14.55
C ARG A 240 29.08 -28.63 16.06
N ALA A 241 28.21 -29.38 16.73
CA ALA A 241 28.23 -29.49 18.19
C ALA A 241 29.23 -30.58 18.57
N SER A 242 30.49 -30.17 18.75
CA SER A 242 31.54 -31.14 18.98
C SER A 242 31.35 -31.90 20.28
N LEU A 243 30.94 -31.22 21.35
CA LEU A 243 30.84 -31.89 22.63
C LEU A 243 29.72 -32.92 22.63
N ALA A 244 28.64 -32.66 21.89
CA ALA A 244 27.59 -33.67 21.78
C ALA A 244 28.12 -34.95 21.15
N LEU A 245 28.93 -34.82 20.09
CA LEU A 245 29.50 -36.00 19.45
C LEU A 245 30.51 -36.69 20.35
N ASP A 246 31.25 -35.91 21.15
CA ASP A 246 32.13 -36.53 22.15
C ASP A 246 31.33 -37.35 23.14
N LEU A 247 30.23 -36.78 23.64
CA LEU A 247 29.48 -37.42 24.72
C LEU A 247 28.73 -38.65 24.21
N MET A 248 28.10 -38.57 23.04
CA MET A 248 27.23 -39.65 22.60
C MET A 248 27.98 -40.87 22.13
N GLU A 249 29.29 -40.96 22.36
CA GLU A 249 30.01 -42.18 22.01
C GLU A 249 29.62 -43.34 22.93
N GLU A 250 29.55 -43.08 24.23
CA GLU A 250 29.28 -44.16 25.17
C GLU A 250 27.86 -44.69 25.03
N LEU A 251 26.93 -43.85 24.61
CA LEU A 251 25.54 -44.24 24.47
C LEU A 251 25.18 -44.66 23.05
N ARG A 252 26.14 -44.63 22.12
CA ARG A 252 25.82 -44.89 20.73
C ARG A 252 25.35 -46.32 20.53
N GLY A 253 26.14 -47.29 21.00
CA GLY A 253 25.88 -48.69 20.73
C GLY A 253 24.61 -49.21 21.36
N LEU A 254 24.61 -49.30 22.70
CA LEU A 254 23.49 -49.92 23.42
C LEU A 254 22.17 -49.25 23.16
N TYR A 255 22.16 -48.00 22.72
CA TYR A 255 20.93 -47.25 22.66
C TYR A 255 20.49 -46.96 21.22
N ALA A 256 21.36 -47.13 20.24
CA ALA A 256 20.96 -47.02 18.84
C ALA A 256 21.05 -48.34 18.10
N ASP A 257 22.19 -49.03 18.18
CA ASP A 257 22.34 -50.28 17.44
C ASP A 257 21.41 -51.35 17.98
N ARG A 258 21.25 -51.43 19.30
CA ARG A 258 20.31 -52.37 19.88
C ARG A 258 18.89 -52.11 19.38
N PHE A 259 18.50 -50.84 19.32
CA PHE A 259 17.18 -50.48 18.82
C PHE A 259 17.00 -50.89 17.36
N VAL A 260 18.01 -50.62 16.53
CA VAL A 260 17.92 -50.96 15.12
C VAL A 260 17.83 -52.47 14.93
N LEU A 261 18.65 -53.21 15.67
CA LEU A 261 18.63 -54.67 15.55
C LEU A 261 17.34 -55.26 16.09
N SER A 262 16.77 -54.65 17.12
CA SER A 262 15.45 -55.10 17.58
C SER A 262 14.39 -54.86 16.52
N LEU A 263 14.45 -53.71 15.84
CA LEU A 263 13.51 -53.48 14.75
C LEU A 263 13.67 -54.49 13.64
N ILE A 264 14.92 -54.83 13.30
CA ILE A 264 15.16 -55.74 12.19
C ILE A 264 14.73 -57.16 12.54
N ASN A 265 15.14 -57.64 13.72
CA ASN A 265 14.91 -59.03 14.09
C ASN A 265 13.44 -59.32 14.38
N ARG A 266 12.74 -58.36 14.97
CA ARG A 266 11.31 -58.53 15.27
C ARG A 266 10.43 -58.26 14.08
N LYS A 267 11.01 -58.07 12.89
CA LYS A 267 10.25 -57.80 11.66
C LYS A 267 9.33 -56.60 11.84
N GLU A 268 9.84 -55.57 12.53
CA GLU A 268 9.06 -54.36 12.74
C GLU A 268 8.90 -53.56 11.45
N MET A 269 9.72 -53.82 10.45
CA MET A 269 9.63 -53.11 9.17
C MET A 269 10.24 -53.97 8.08
N THR A 270 9.93 -53.60 6.84
CA THR A 270 10.45 -54.30 5.67
C THR A 270 11.08 -53.30 4.72
N ALA A 271 11.91 -53.81 3.80
CA ALA A 271 12.71 -52.96 2.94
C ALA A 271 11.88 -52.21 1.90
N ASP A 272 10.59 -52.50 1.78
CA ASP A 272 9.76 -51.82 0.80
C ASP A 272 9.64 -50.33 1.09
N GLY A 273 9.99 -49.89 2.29
CA GLY A 273 9.92 -48.49 2.66
C GLY A 273 11.14 -47.67 2.33
N PHE A 274 12.14 -48.22 1.63
CA PHE A 274 13.32 -47.48 1.25
C PHE A 274 13.32 -47.29 -0.27
N TYR A 275 13.48 -46.04 -0.71
CA TYR A 275 13.47 -45.72 -2.12
C TYR A 275 14.90 -45.71 -2.66
N LYS A 276 15.00 -45.64 -3.99
CA LYS A 276 16.24 -45.83 -4.70
C LYS A 276 16.80 -44.48 -5.14
N LYS A 277 18.12 -44.47 -5.37
CA LYS A 277 18.79 -43.33 -5.97
C LYS A 277 19.78 -43.86 -7.00
N GLU A 278 20.13 -43.01 -7.97
CA GLU A 278 20.86 -43.47 -9.12
C GLU A 278 22.32 -43.80 -8.79
N ASN A 279 22.93 -43.08 -7.85
CA ASN A 279 24.32 -43.31 -7.49
C ASN A 279 24.48 -44.35 -6.40
N GLY A 280 23.39 -45.01 -5.99
CA GLY A 280 23.43 -45.99 -4.93
C GLY A 280 22.99 -45.48 -3.58
N ALA A 281 22.68 -44.20 -3.46
CA ALA A 281 22.22 -43.65 -2.19
C ALA A 281 20.84 -44.20 -1.84
N VAL A 282 20.53 -44.14 -0.55
CA VAL A 282 19.28 -44.70 -0.02
C VAL A 282 18.64 -43.68 0.90
N LEU A 283 17.32 -43.56 0.78
CA LEU A 283 16.51 -42.62 1.56
C LEU A 283 15.40 -43.38 2.26
N MET A 284 14.61 -42.68 3.06
CA MET A 284 13.51 -43.26 3.82
C MET A 284 12.18 -42.70 3.36
N THR A 285 11.15 -43.55 3.46
CA THR A 285 9.79 -43.18 3.12
C THR A 285 9.12 -42.51 4.32
N ASP A 286 8.16 -41.63 4.04
CA ASP A 286 7.50 -40.89 5.12
C ASP A 286 6.80 -41.84 6.08
N GLU A 287 6.11 -42.85 5.56
CA GLU A 287 5.44 -43.81 6.45
C GLU A 287 6.45 -44.59 7.27
N ALA A 288 7.53 -45.06 6.64
CA ALA A 288 8.57 -45.77 7.38
C ALA A 288 9.20 -44.86 8.43
N ARG A 289 9.46 -43.61 8.07
CA ARG A 289 10.07 -42.67 9.01
C ARG A 289 9.15 -42.44 10.20
N LYS A 290 7.85 -42.27 9.97
CA LYS A 290 6.93 -42.06 11.07
C LYS A 290 6.84 -43.30 11.96
N THR A 291 6.85 -44.49 11.37
CA THR A 291 6.86 -45.70 12.18
C THR A 291 8.13 -45.78 13.02
N PHE A 292 9.27 -45.41 12.44
CA PHE A 292 10.51 -45.39 13.20
C PHE A 292 10.43 -44.43 14.38
N LEU A 293 9.89 -43.23 14.14
CA LEU A 293 9.78 -42.25 15.21
C LEU A 293 8.85 -42.74 16.31
N LYS A 294 7.73 -43.35 15.93
CA LYS A 294 6.80 -43.87 16.94
C LYS A 294 7.43 -45.00 17.74
N ALA A 295 8.18 -45.88 17.08
CA ALA A 295 8.86 -46.95 17.80
C ALA A 295 9.90 -46.40 18.75
N TRP A 296 10.64 -45.37 18.32
CA TRP A 296 11.60 -44.72 19.20
C TRP A 296 10.91 -44.12 20.43
N GLN A 297 9.79 -43.44 20.20
CA GLN A 297 9.07 -42.85 21.32
C GLN A 297 8.59 -43.92 22.29
N THR A 298 8.05 -45.02 21.76
CA THR A 298 7.56 -46.08 22.63
C THR A 298 8.71 -46.72 23.42
N LYS A 299 9.83 -46.97 22.75
CA LYS A 299 10.98 -47.53 23.47
C LYS A 299 11.49 -46.57 24.53
N LYS A 300 11.34 -45.27 24.31
CA LYS A 300 11.82 -44.29 25.27
C LYS A 300 11.11 -44.41 26.61
N GLN A 301 9.98 -45.11 26.66
CA GLN A 301 9.22 -45.30 27.89
C GLN A 301 9.54 -46.60 28.59
N GLU A 302 10.46 -47.41 28.06
CA GLU A 302 10.93 -48.58 28.79
C GLU A 302 11.58 -48.16 30.09
N LYS A 303 11.37 -48.94 31.13
CA LYS A 303 11.82 -48.60 32.48
C LYS A 303 12.94 -49.56 32.88
N ILE A 304 14.11 -49.01 33.20
CA ILE A 304 15.27 -49.80 33.59
C ILE A 304 15.84 -49.23 34.88
N THR A 305 16.97 -49.77 35.32
CA THR A 305 17.66 -49.30 36.51
C THR A 305 18.92 -48.53 36.11
N HIS A 306 19.43 -47.73 37.04
CA HIS A 306 20.62 -46.94 36.79
C HIS A 306 21.84 -47.64 37.37
N PRO A 307 22.82 -48.01 36.56
CA PRO A 307 23.96 -48.76 37.10
C PRO A 307 24.77 -48.00 38.15
N TYR A 308 24.88 -46.68 38.06
CA TYR A 308 25.74 -45.96 38.99
C TYR A 308 25.03 -45.46 40.23
N LEU A 309 23.73 -45.16 40.14
CA LEU A 309 22.99 -44.62 41.28
C LEU A 309 21.87 -45.52 41.78
N GLY A 310 21.22 -46.28 40.90
CA GLY A 310 20.30 -47.31 41.31
C GLY A 310 18.82 -46.98 41.19
N GLU A 311 18.46 -45.72 40.96
CA GLU A 311 17.06 -45.38 40.84
C GLU A 311 16.45 -46.01 39.59
N LYS A 312 15.22 -46.48 39.71
CA LYS A 312 14.52 -47.09 38.59
C LYS A 312 13.85 -45.99 37.77
N MET A 313 14.31 -45.81 36.54
CA MET A 313 13.92 -44.68 35.73
C MET A 313 13.76 -45.11 34.27
N SER A 314 13.13 -44.26 33.48
CA SER A 314 12.88 -44.57 32.09
C SER A 314 14.17 -44.45 31.28
N TRP A 315 14.15 -45.00 30.06
CA TRP A 315 15.30 -44.87 29.18
C TRP A 315 15.53 -43.41 28.79
N GLY A 316 14.45 -42.65 28.58
CA GLY A 316 14.58 -41.30 28.07
C GLY A 316 15.36 -40.36 28.94
N LEU A 317 15.52 -40.67 30.23
CA LEU A 317 16.29 -39.81 31.10
C LEU A 317 17.77 -40.16 31.16
N VAL A 318 18.19 -41.24 30.49
CA VAL A 318 19.61 -41.61 30.55
C VAL A 318 20.51 -40.50 29.98
N PRO A 319 20.24 -39.94 28.79
CA PRO A 319 21.14 -38.88 28.31
C PRO A 319 21.19 -37.66 29.20
N TYR A 320 20.11 -37.34 29.91
CA TYR A 320 20.14 -36.14 30.75
C TYR A 320 20.93 -36.38 32.02
N VAL A 321 20.61 -37.46 32.73
CA VAL A 321 21.26 -37.73 34.01
C VAL A 321 22.77 -37.82 33.83
N GLN A 322 23.23 -38.60 32.86
CA GLN A 322 24.64 -38.66 32.54
C GLN A 322 25.21 -37.26 32.31
N ALA A 323 24.52 -36.47 31.49
CA ALA A 323 24.99 -35.11 31.22
C ALA A 323 25.08 -34.33 32.52
N LEU A 324 24.09 -34.48 33.40
CA LEU A 324 24.14 -33.81 34.69
C LEU A 324 25.41 -34.20 35.44
N LEU A 325 25.72 -35.50 35.45
CA LEU A 325 26.96 -35.94 36.10
C LEU A 325 28.16 -35.27 35.46
N LEU A 326 28.17 -35.18 34.12
CA LEU A 326 29.25 -34.46 33.45
C LEU A 326 29.42 -33.08 34.04
N ALA A 327 28.30 -32.36 34.20
CA ALA A 327 28.38 -31.03 34.79
C ALA A 327 28.92 -31.09 36.20
N ARG A 328 28.47 -32.05 37.00
CA ARG A 328 28.98 -32.17 38.37
C ARG A 328 30.45 -32.52 38.39
N PHE A 329 31.00 -33.00 37.27
CA PHE A 329 32.44 -33.17 37.19
C PHE A 329 33.17 -31.84 37.04
N LEU A 330 32.63 -30.95 36.19
CA LEU A 330 33.37 -29.73 35.85
C LEU A 330 33.59 -28.85 37.07
N ARG A 331 32.60 -28.72 37.94
CA ARG A 331 32.75 -27.98 39.19
C ARG A 331 31.90 -28.69 40.24
N GLY A 332 32.55 -29.58 41.00
CA GLY A 332 31.84 -30.32 42.00
C GLY A 332 32.77 -31.25 42.75
N ASP A 333 32.17 -32.23 43.43
CA ASP A 333 32.92 -33.20 44.22
C ASP A 333 33.19 -34.50 43.48
N LEU A 334 32.95 -34.54 42.17
CA LEU A 334 33.22 -35.74 41.39
C LEU A 334 34.72 -35.93 41.24
N ASP A 335 35.19 -37.15 41.49
CA ASP A 335 36.61 -37.44 41.30
C ASP A 335 36.96 -37.52 39.82
N GLU A 336 36.13 -38.22 39.04
CA GLU A 336 36.37 -38.40 37.63
C GLU A 336 35.02 -38.59 36.94
N TYR A 337 34.97 -38.29 35.66
CA TYR A 337 33.73 -38.43 34.92
C TYR A 337 33.24 -39.86 34.94
N PRO A 338 32.03 -40.12 35.43
CA PRO A 338 31.51 -41.49 35.44
C PRO A 338 30.87 -41.84 34.10
N PRO A 339 31.38 -42.85 33.42
CA PRO A 339 30.75 -43.30 32.18
C PRO A 339 29.51 -44.12 32.47
N PHE A 340 28.72 -44.37 31.42
CA PHE A 340 27.52 -45.18 31.55
C PHE A 340 27.87 -46.66 31.44
N LEU A 341 28.59 -47.14 32.46
CA LEU A 341 28.98 -48.53 32.51
C LEU A 341 27.78 -49.40 32.81
N TRP A 342 27.10 -49.88 31.77
CA TRP A 342 25.85 -50.63 31.92
C TRP A 342 26.06 -52.03 31.37
N LYS A 343 25.96 -53.01 32.25
CA LYS A 343 26.04 -54.41 31.84
C LYS A 343 24.82 -54.76 31.02
N MET B 1 22.64 -0.30 11.40
CA MET B 1 21.56 -0.17 10.43
C MET B 1 20.39 -1.07 10.78
N LYS B 2 19.48 -0.59 11.63
CA LYS B 2 18.26 -1.31 11.97
C LYS B 2 17.12 -0.30 12.05
N LYS B 3 15.98 -0.76 12.56
CA LYS B 3 14.75 0.01 12.56
C LYS B 3 14.28 0.46 13.93
N LEU B 4 14.91 0.00 15.02
CA LEU B 4 14.51 0.35 16.37
C LEU B 4 13.04 -0.03 16.61
N LEU B 5 12.81 -1.33 16.64
CA LEU B 5 11.48 -1.87 16.87
C LEU B 5 10.91 -1.37 18.21
N ASN B 6 9.60 -1.54 18.35
CA ASN B 6 8.87 -0.97 19.48
C ASN B 6 9.09 -1.83 20.73
N THR B 7 8.28 -1.60 21.76
CA THR B 7 8.44 -2.31 23.03
C THR B 7 7.13 -2.25 23.78
N LEU B 8 6.80 -3.33 24.48
CA LEU B 8 5.51 -3.49 25.13
C LEU B 8 5.68 -3.50 26.65
N TYR B 9 4.96 -2.59 27.33
CA TYR B 9 4.93 -2.54 28.78
C TYR B 9 3.53 -2.90 29.23
N VAL B 10 3.38 -4.03 29.92
CA VAL B 10 2.08 -4.42 30.46
C VAL B 10 2.10 -4.16 31.96
N THR B 11 1.12 -3.40 32.43
CA THR B 11 1.05 -2.96 33.82
C THR B 11 -0.10 -3.56 34.61
N GLN B 12 -1.22 -3.82 33.96
CA GLN B 12 -2.37 -4.39 34.63
C GLN B 12 -2.05 -5.79 35.14
N PRO B 13 -2.38 -6.10 36.38
CA PRO B 13 -1.99 -7.38 36.97
C PRO B 13 -2.91 -8.53 36.55
N ASP B 14 -2.45 -9.74 36.87
CA ASP B 14 -3.21 -10.97 36.65
C ASP B 14 -3.60 -11.19 35.20
N THR B 15 -2.71 -10.83 34.27
CA THR B 15 -2.93 -11.14 32.87
C THR B 15 -2.27 -12.47 32.53
N TYR B 16 -2.15 -12.77 31.24
CA TYR B 16 -1.57 -14.03 30.78
C TYR B 16 -1.16 -13.84 29.34
N LEU B 17 0.14 -13.96 29.06
CA LEU B 17 0.67 -13.72 27.73
C LEU B 17 0.61 -15.03 26.95
N SER B 18 -0.32 -15.13 26.01
CA SER B 18 -0.48 -16.32 25.20
C SER B 18 -0.03 -16.05 23.77
N LEU B 19 0.13 -17.12 23.00
CA LEU B 19 0.65 -17.06 21.64
C LEU B 19 -0.36 -17.70 20.70
N ASP B 20 -0.62 -17.02 19.59
CA ASP B 20 -1.47 -17.56 18.53
C ASP B 20 -0.74 -17.34 17.21
N GLY B 21 -0.10 -18.39 16.70
CA GLY B 21 0.72 -18.24 15.53
C GLY B 21 1.88 -17.30 15.79
N ASP B 22 1.85 -16.12 15.17
CA ASP B 22 2.87 -15.11 15.37
C ASP B 22 2.39 -13.94 16.22
N ASN B 23 1.20 -14.05 16.81
CA ASN B 23 0.60 -12.97 17.56
C ASN B 23 0.75 -13.22 19.05
N VAL B 24 1.08 -12.18 19.79
CA VAL B 24 1.04 -12.24 21.25
C VAL B 24 -0.30 -11.68 21.70
N VAL B 25 -1.02 -12.44 22.50
CA VAL B 25 -2.36 -12.09 22.94
C VAL B 25 -2.34 -11.96 24.46
N LEU B 26 -3.05 -10.98 24.98
CA LEU B 26 -3.14 -10.79 26.42
C LEU B 26 -4.50 -11.30 26.88
N LEU B 27 -4.52 -12.46 27.51
CA LEU B 27 -5.76 -13.00 28.06
C LEU B 27 -5.85 -12.69 29.54
N LYS B 28 -7.08 -12.70 30.05
CA LYS B 28 -7.33 -12.42 31.46
C LYS B 28 -8.67 -13.09 31.79
N GLU B 29 -8.62 -14.23 32.46
CA GLU B 29 -9.76 -15.11 32.69
C GLU B 29 -10.66 -15.21 31.46
N GLN B 30 -10.06 -15.61 30.35
CA GLN B 30 -10.69 -15.88 29.06
C GLN B 30 -11.18 -14.61 28.38
N GLU B 31 -11.04 -13.45 29.01
CA GLU B 31 -11.37 -12.19 28.36
C GLU B 31 -10.15 -11.69 27.59
N LYS B 32 -10.35 -11.33 26.33
CA LYS B 32 -9.27 -10.85 25.49
C LYS B 32 -9.10 -9.35 25.66
N LEU B 33 -7.87 -8.92 25.97
CA LEU B 33 -7.57 -7.51 26.12
C LEU B 33 -6.85 -6.91 24.92
N GLY B 34 -6.27 -7.73 24.05
CA GLY B 34 -5.61 -7.21 22.87
C GLY B 34 -4.64 -8.23 22.33
N ARG B 35 -4.19 -7.96 21.11
CA ARG B 35 -3.18 -8.80 20.48
C ARG B 35 -2.30 -7.95 19.59
N LEU B 36 -1.02 -8.29 19.55
CA LEU B 36 -0.01 -7.56 18.81
C LEU B 36 0.79 -8.51 17.93
N PRO B 37 1.11 -8.11 16.72
CA PRO B 37 2.04 -8.90 15.91
C PRO B 37 3.43 -8.87 16.54
N LEU B 38 4.10 -10.01 16.52
CA LEU B 38 5.38 -10.16 17.20
C LEU B 38 6.57 -9.87 16.31
N HIS B 39 6.35 -9.52 15.05
CA HIS B 39 7.46 -9.05 14.23
C HIS B 39 7.71 -7.56 14.39
N ASN B 40 6.85 -6.86 15.13
CA ASN B 40 6.97 -5.43 15.36
C ASN B 40 7.39 -5.13 16.80
N LEU B 41 8.02 -6.08 17.47
CA LEU B 41 8.46 -5.89 18.85
C LEU B 41 9.93 -6.22 18.99
N GLU B 42 10.51 -5.69 20.05
CA GLU B 42 11.88 -5.96 20.46
C GLU B 42 11.94 -6.60 21.84
N ALA B 43 11.26 -6.02 22.81
CA ALA B 43 11.22 -6.54 24.16
C ALA B 43 9.80 -6.40 24.69
N ILE B 44 9.45 -7.28 25.62
CA ILE B 44 8.16 -7.26 26.26
C ILE B 44 8.39 -7.27 27.76
N VAL B 45 7.92 -6.24 28.45
CA VAL B 45 8.15 -6.06 29.88
C VAL B 45 6.85 -6.35 30.60
N GLY B 46 6.91 -7.15 31.66
CA GLY B 46 5.75 -7.49 32.45
C GLY B 46 5.88 -6.96 33.86
N PHE B 47 4.76 -6.53 34.42
CA PHE B 47 4.70 -6.00 35.78
C PHE B 47 3.79 -6.90 36.61
N GLY B 48 4.16 -7.09 37.88
CA GLY B 48 3.31 -7.88 38.75
C GLY B 48 3.26 -9.35 38.35
N TYR B 49 2.11 -9.97 38.59
CA TYR B 49 1.91 -11.39 38.32
C TYR B 49 1.39 -11.56 36.90
N THR B 50 2.31 -11.76 35.96
CA THR B 50 1.97 -12.06 34.58
C THR B 50 2.69 -13.33 34.17
N GLY B 51 1.92 -14.37 33.85
CA GLY B 51 2.48 -15.65 33.47
C GLY B 51 2.60 -15.76 31.96
N ALA B 52 3.49 -16.64 31.53
CA ALA B 52 3.78 -16.84 30.12
C ALA B 52 3.67 -18.32 29.78
N SER B 53 3.05 -18.62 28.64
CA SER B 53 2.98 -19.98 28.18
C SER B 53 4.33 -20.42 27.61
N PRO B 54 4.71 -21.69 27.77
CA PRO B 54 6.02 -22.12 27.27
C PRO B 54 6.21 -21.92 25.79
N ALA B 55 5.15 -22.05 25.00
CA ALA B 55 5.27 -21.82 23.57
C ALA B 55 5.70 -20.38 23.29
N LEU B 56 5.15 -19.43 24.04
CA LEU B 56 5.49 -18.03 23.78
C LEU B 56 6.95 -17.75 24.05
N MET B 57 7.47 -18.18 25.20
CA MET B 57 8.87 -17.93 25.49
C MET B 57 9.75 -18.67 24.51
N GLY B 58 9.35 -19.88 24.12
CA GLY B 58 10.13 -20.62 23.14
C GLY B 58 10.16 -19.96 21.78
N TYR B 59 9.08 -19.27 21.42
CA TYR B 59 9.07 -18.53 20.16
C TYR B 59 9.88 -17.24 20.26
N CYS B 60 9.82 -16.57 21.40
CA CYS B 60 10.49 -15.29 21.54
C CYS B 60 12.00 -15.45 21.72
N ALA B 61 12.45 -16.57 22.27
CA ALA B 61 13.89 -16.73 22.49
C ALA B 61 14.66 -16.85 21.19
N GLU B 62 14.08 -17.47 20.17
CA GLU B 62 14.81 -17.78 18.95
C GLU B 62 14.89 -16.63 17.97
N ARG B 63 14.16 -15.52 18.21
CA ARG B 63 14.17 -14.39 17.29
C ARG B 63 14.64 -13.12 17.96
N ASN B 64 15.34 -13.24 19.10
CA ASN B 64 15.92 -12.10 19.81
C ASN B 64 14.87 -11.07 20.20
N ILE B 65 13.71 -11.56 20.62
CA ILE B 65 12.67 -10.75 21.26
C ILE B 65 12.76 -11.06 22.74
N SER B 66 13.22 -10.11 23.54
CA SER B 66 13.48 -10.39 24.93
C SER B 66 12.22 -10.23 25.77
N ILE B 67 12.14 -10.99 26.85
CA ILE B 67 11.01 -10.96 27.76
C ILE B 67 11.55 -10.67 29.14
N THR B 68 10.94 -9.73 29.86
CA THR B 68 11.41 -9.37 31.19
C THR B 68 10.24 -9.32 32.16
N PHE B 69 10.51 -9.69 33.42
CA PHE B 69 9.53 -9.69 34.49
C PHE B 69 9.99 -8.77 35.61
N LEU B 70 9.09 -7.90 36.08
CA LEU B 70 9.39 -6.92 37.12
C LEU B 70 8.25 -6.97 38.14
N THR B 71 8.58 -6.80 39.42
CA THR B 71 7.53 -6.92 40.44
C THR B 71 6.75 -5.62 40.58
N LYS B 72 7.39 -4.60 41.14
CA LYS B 72 6.79 -3.27 41.28
C LYS B 72 7.74 -2.13 40.97
N ASN B 73 9.04 -2.32 41.10
CA ASN B 73 10.00 -1.24 41.05
C ASN B 73 11.21 -1.64 40.23
N GLY B 74 10.99 -2.30 39.11
CA GLY B 74 12.05 -2.60 38.18
C GLY B 74 13.17 -3.44 38.78
N ARG B 75 12.78 -4.47 39.51
CA ARG B 75 13.75 -5.39 40.09
C ARG B 75 14.19 -6.40 39.03
N PHE B 76 15.29 -7.10 39.30
CA PHE B 76 15.81 -8.08 38.36
C PHE B 76 15.20 -9.44 38.54
N LEU B 77 13.93 -9.49 38.97
CA LEU B 77 13.26 -10.74 39.34
C LEU B 77 13.53 -11.87 38.35
N ALA B 78 13.12 -11.72 37.09
CA ALA B 78 13.36 -12.78 36.13
C ALA B 78 13.28 -12.24 34.70
N ARG B 79 14.16 -12.75 33.85
CA ARG B 79 14.19 -12.49 32.42
C ARG B 79 13.96 -13.80 31.70
N VAL B 80 14.13 -13.81 30.38
CA VAL B 80 14.19 -15.04 29.62
C VAL B 80 15.52 -15.06 28.87
N VAL B 81 16.14 -16.21 28.79
CA VAL B 81 17.37 -16.39 28.02
C VAL B 81 17.25 -17.67 27.21
N GLY B 82 17.64 -17.61 25.94
CA GLY B 82 17.45 -18.71 25.03
C GLY B 82 18.64 -19.65 24.98
N GLU B 83 18.74 -20.36 23.86
CA GLU B 83 19.83 -21.30 23.65
C GLU B 83 21.10 -20.54 23.25
N SER B 84 22.15 -21.28 22.96
CA SER B 84 23.39 -20.71 22.44
C SER B 84 23.54 -21.05 20.97
N ARG B 85 24.06 -20.09 20.21
CA ARG B 85 24.20 -20.21 18.77
C ARG B 85 25.62 -20.62 18.41
N GLY B 86 25.79 -21.13 17.20
CA GLY B 86 27.06 -21.67 16.78
C GLY B 86 28.02 -20.65 16.19
N ASN B 87 28.52 -19.73 17.02
CA ASN B 87 29.43 -18.68 16.58
C ASN B 87 30.68 -18.69 17.46
N VAL B 88 31.28 -19.87 17.60
CA VAL B 88 32.31 -20.10 18.61
C VAL B 88 33.52 -19.17 18.49
N VAL B 89 33.72 -18.55 17.34
CA VAL B 89 34.90 -17.69 17.19
C VAL B 89 34.84 -16.53 18.17
N LEU B 90 33.71 -15.82 18.19
CA LEU B 90 33.59 -14.65 19.07
C LEU B 90 33.67 -15.06 20.54
N ARG B 91 32.99 -16.14 20.92
CA ARG B 91 32.99 -16.55 22.31
C ARG B 91 34.37 -17.02 22.76
N LYS B 92 35.07 -17.77 21.91
CA LYS B 92 36.43 -18.18 22.25
C LYS B 92 37.35 -16.97 22.38
N THR B 93 37.24 -16.02 21.46
CA THR B 93 38.04 -14.82 21.56
C THR B 93 37.77 -14.08 22.86
N GLN B 94 36.49 -13.92 23.21
CA GLN B 94 36.14 -13.18 24.42
C GLN B 94 36.67 -13.87 25.67
N TYR B 95 36.50 -15.20 25.75
CA TYR B 95 36.94 -15.91 26.94
C TYR B 95 38.47 -15.85 27.07
N ARG B 96 39.18 -16.07 25.97
CA ARG B 96 40.64 -16.00 26.02
C ARG B 96 41.12 -14.61 26.40
N ILE B 97 40.51 -13.57 25.83
CA ILE B 97 40.91 -12.21 26.16
C ILE B 97 40.64 -11.90 27.63
N SER B 98 39.47 -12.28 28.13
CA SER B 98 39.18 -12.08 29.54
C SER B 98 40.12 -12.86 30.43
N GLU B 99 40.74 -13.91 29.91
CA GLU B 99 41.76 -14.60 30.70
C GLU B 99 43.08 -13.83 30.77
N ASN B 100 43.24 -12.76 30.00
CA ASN B 100 44.47 -11.99 29.95
C ASN B 100 44.22 -10.60 30.55
N ASP B 101 44.93 -10.28 31.64
CA ASP B 101 44.70 -9.02 32.34
C ASP B 101 45.12 -7.82 31.50
N GLN B 102 46.15 -7.97 30.68
CA GLN B 102 46.65 -6.85 29.89
C GLN B 102 45.58 -6.37 28.90
N GLU B 103 44.94 -7.31 28.19
CA GLU B 103 43.83 -6.91 27.32
C GLU B 103 42.66 -6.36 28.12
N SER B 104 42.45 -6.87 29.33
CA SER B 104 41.43 -6.29 30.19
C SER B 104 41.69 -4.81 30.41
N THR B 105 42.93 -4.44 30.69
CA THR B 105 43.28 -3.04 30.82
C THR B 105 43.13 -2.30 29.50
N LYS B 106 43.58 -2.90 28.40
CA LYS B 106 43.49 -2.23 27.11
C LYS B 106 42.06 -2.00 26.66
N ILE B 107 41.08 -2.66 27.27
CA ILE B 107 39.68 -2.34 26.99
C ILE B 107 39.10 -1.38 28.03
N ALA B 108 39.40 -1.60 29.31
CA ALA B 108 38.88 -0.71 30.34
C ALA B 108 39.39 0.70 30.17
N ARG B 109 40.57 0.88 29.55
CA ARG B 109 41.03 2.21 29.21
C ARG B 109 39.99 2.95 28.39
N ASN B 110 39.55 2.34 27.29
CA ASN B 110 38.59 3.01 26.42
C ASN B 110 37.25 3.18 27.11
N PHE B 111 36.83 2.20 27.91
CA PHE B 111 35.56 2.34 28.61
C PHE B 111 35.55 3.58 29.50
N ILE B 112 36.55 3.71 30.38
CA ILE B 112 36.55 4.83 31.32
C ILE B 112 36.89 6.13 30.60
N THR B 113 37.70 6.09 29.55
CA THR B 113 37.96 7.29 28.78
C THR B 113 36.68 7.86 28.20
N GLY B 114 35.86 7.00 27.58
CA GLY B 114 34.58 7.46 27.08
C GLY B 114 33.70 8.00 28.20
N LYS B 115 33.71 7.34 29.35
CA LYS B 115 32.87 7.80 30.47
C LYS B 115 33.24 9.21 30.91
N VAL B 116 34.53 9.44 31.17
CA VAL B 116 34.93 10.76 31.66
C VAL B 116 34.74 11.82 30.58
N TYR B 117 34.97 11.49 29.31
CA TYR B 117 34.70 12.47 28.27
C TYR B 117 33.23 12.84 28.24
N ASN B 118 32.34 11.85 28.40
CA ASN B 118 30.91 12.13 28.48
C ASN B 118 30.63 13.11 29.60
N SER B 119 31.17 12.83 30.79
CA SER B 119 30.94 13.68 31.95
C SER B 119 31.39 15.11 31.69
N LYS B 120 32.62 15.29 31.20
CA LYS B 120 33.14 16.63 30.98
C LYS B 120 32.33 17.39 29.93
N TRP B 121 32.04 16.74 28.80
CA TRP B 121 31.39 17.49 27.72
C TRP B 121 29.98 17.87 28.12
N MET B 122 29.29 17.00 28.85
CA MET B 122 27.95 17.36 29.30
C MET B 122 28.01 18.47 30.35
N LEU B 123 29.02 18.45 31.23
CA LEU B 123 29.13 19.53 32.20
C LEU B 123 29.35 20.87 31.52
N GLU B 124 30.18 20.90 30.48
CA GLU B 124 30.41 22.15 29.76
C GLU B 124 29.17 22.60 28.98
N ARG B 125 28.42 21.65 28.41
CA ARG B 125 27.16 22.02 27.78
C ARG B 125 26.21 22.64 28.79
N MET B 126 26.15 22.08 30.00
CA MET B 126 25.27 22.65 31.03
C MET B 126 25.75 24.04 31.44
N THR B 127 27.04 24.25 31.57
CA THR B 127 27.48 25.57 32.07
C THR B 127 27.23 26.68 31.09
N ARG B 128 27.63 26.50 29.83
CA ARG B 128 27.53 27.58 28.85
C ARG B 128 26.15 28.10 28.46
N GLU B 129 25.09 27.42 28.87
CA GLU B 129 23.75 27.85 28.51
C GLU B 129 22.93 28.31 29.71
N HIS B 130 23.53 28.17 30.89
CA HIS B 130 22.89 28.59 32.12
C HIS B 130 23.71 29.75 32.79
N PRO B 131 23.11 30.96 33.02
CA PRO B 131 23.91 32.05 33.57
C PRO B 131 24.01 32.06 35.09
N LEU B 132 23.30 32.98 35.76
CA LEU B 132 23.39 33.12 37.22
C LEU B 132 22.79 31.94 37.93
N ARG B 133 22.21 31.02 37.18
CA ARG B 133 21.57 29.88 37.78
C ARG B 133 22.58 28.98 38.49
N VAL B 134 23.77 28.85 37.93
CA VAL B 134 24.75 27.94 38.51
C VAL B 134 26.04 28.62 38.94
N ASN B 135 26.84 27.94 39.78
CA ASN B 135 28.16 28.47 40.15
C ASN B 135 28.98 28.13 38.93
N VAL B 136 29.38 29.12 38.14
CA VAL B 136 30.02 28.83 36.87
C VAL B 136 31.48 28.42 37.03
N GLU B 137 32.25 29.15 37.84
CA GLU B 137 33.68 28.87 37.85
C GLU B 137 34.01 27.55 38.54
N GLN B 138 33.20 27.11 39.49
CA GLN B 138 33.41 25.77 40.04
C GLN B 138 33.22 24.70 38.98
N PHE B 139 32.18 24.84 38.15
CA PHE B 139 32.00 23.96 37.00
C PHE B 139 33.21 24.01 36.08
N LYS B 140 33.72 25.21 35.81
CA LYS B 140 34.87 25.33 34.92
C LYS B 140 36.09 24.62 35.50
N ALA B 141 36.34 24.80 36.79
CA ALA B 141 37.50 24.17 37.43
C ALA B 141 37.40 22.65 37.35
N THR B 142 36.22 22.11 37.66
CA THR B 142 36.02 20.68 37.48
C THR B 142 36.26 20.27 36.03
N SER B 143 35.96 21.16 35.08
CA SER B 143 36.15 20.83 33.67
C SER B 143 37.62 20.64 33.34
N GLN B 144 38.49 21.59 33.71
CA GLN B 144 39.89 21.34 33.36
C GLN B 144 40.47 20.19 34.19
N LEU B 145 39.97 19.99 35.42
CA LEU B 145 40.37 18.81 36.18
C LEU B 145 40.12 17.54 35.37
N LEU B 146 38.89 17.38 34.87
CA LEU B 146 38.55 16.19 34.10
C LEU B 146 39.35 16.10 32.81
N SER B 147 39.54 17.23 32.11
CA SER B 147 40.24 17.20 30.84
C SER B 147 41.68 16.74 31.01
N VAL B 148 42.36 17.23 32.05
CA VAL B 148 43.72 16.78 32.30
C VAL B 148 43.72 15.32 32.77
N MET B 149 42.71 14.92 33.54
CA MET B 149 42.72 13.57 34.10
C MET B 149 42.49 12.51 33.02
N MET B 150 41.72 12.85 31.98
CA MET B 150 41.41 11.87 30.93
C MET B 150 42.68 11.41 30.21
N GLN B 151 43.61 12.33 29.96
CA GLN B 151 44.86 11.95 29.31
C GLN B 151 45.66 10.98 30.17
N GLU B 152 45.66 11.18 31.49
CA GLU B 152 46.35 10.25 32.36
C GLU B 152 45.67 8.89 32.40
N ILE B 153 44.33 8.86 32.38
CA ILE B 153 43.63 7.57 32.36
C ILE B 153 43.95 6.83 31.07
N ARG B 154 44.08 7.56 29.96
CA ARG B 154 44.35 6.93 28.67
C ARG B 154 45.63 6.12 28.68
N ASN B 155 46.56 6.39 29.61
CA ASN B 155 47.82 5.66 29.66
C ASN B 155 47.96 4.83 30.93
N CYS B 156 46.89 4.15 31.33
CA CYS B 156 46.93 3.25 32.47
C CYS B 156 47.32 1.85 32.02
N ASP B 157 47.84 1.06 32.97
CA ASP B 157 48.42 -0.23 32.62
C ASP B 157 47.83 -1.40 33.39
N SER B 158 47.43 -1.23 34.64
CA SER B 158 46.89 -2.32 35.44
C SER B 158 45.49 -1.98 35.92
N LEU B 159 44.70 -3.02 36.19
CA LEU B 159 43.29 -2.82 36.50
C LEU B 159 43.09 -2.04 37.80
N GLU B 160 43.91 -2.29 38.82
CA GLU B 160 43.74 -1.59 40.09
C GLU B 160 43.91 -0.09 39.94
N SER B 161 44.90 0.34 39.16
CA SER B 161 45.10 1.76 38.92
C SER B 161 43.88 2.37 38.25
N LEU B 162 43.34 1.67 37.25
CA LEU B 162 42.18 2.19 36.53
C LEU B 162 40.96 2.26 37.44
N ARG B 163 40.80 1.29 38.34
CA ARG B 163 39.71 1.36 39.31
C ARG B 163 39.86 2.56 40.23
N GLY B 164 41.08 2.82 40.69
CA GLY B 164 41.31 3.99 41.52
C GLY B 164 40.95 5.28 40.81
N TRP B 165 41.40 5.42 39.56
CA TRP B 165 41.11 6.65 38.83
C TRP B 165 39.63 6.78 38.52
N GLU B 166 38.96 5.67 38.22
CA GLU B 166 37.52 5.70 38.00
C GLU B 166 36.78 6.18 39.25
N GLY B 167 37.18 5.69 40.42
CA GLY B 167 36.54 6.16 41.65
C GLY B 167 36.78 7.64 41.90
N GLN B 168 38.00 8.10 41.64
CA GLN B 168 38.31 9.52 41.80
C GLN B 168 37.42 10.37 40.91
N ALA B 169 37.28 9.98 39.63
CA ALA B 169 36.41 10.73 38.73
C ALA B 169 34.96 10.67 39.19
N ALA B 170 34.53 9.51 39.70
CA ALA B 170 33.14 9.37 40.13
C ALA B 170 32.81 10.33 41.26
N ILE B 171 33.66 10.41 42.28
CA ILE B 171 33.37 11.33 43.38
C ILE B 171 33.47 12.78 42.92
N ASN B 172 34.49 13.09 42.10
CA ASN B 172 34.66 14.47 41.66
C ASN B 172 33.59 14.91 40.67
N TYR B 173 32.80 13.98 40.13
CA TYR B 173 31.65 14.36 39.32
C TYR B 173 30.35 14.39 40.11
N ASN B 174 30.17 13.50 41.09
CA ASN B 174 28.98 13.59 41.93
C ASN B 174 28.97 14.90 42.72
N LYS B 175 30.16 15.41 43.06
CA LYS B 175 30.25 16.68 43.79
C LYS B 175 29.44 17.78 43.11
N VAL B 176 29.45 17.82 41.78
CA VAL B 176 28.67 18.82 41.07
C VAL B 176 27.35 18.27 40.52
N PHE B 177 27.19 16.95 40.44
CA PHE B 177 25.86 16.43 40.13
C PHE B 177 24.85 16.86 41.18
N ASP B 178 25.31 17.04 42.42
CA ASP B 178 24.40 17.48 43.47
C ASP B 178 23.82 18.89 43.25
N GLN B 179 24.12 19.55 42.14
CA GLN B 179 23.87 20.99 42.00
C GLN B 179 22.72 21.34 41.06
N MET B 180 22.00 20.38 40.51
CA MET B 180 20.97 20.68 39.50
C MET B 180 19.58 20.41 40.05
N ILE B 181 18.92 21.45 40.56
CA ILE B 181 17.50 21.42 40.85
C ILE B 181 16.85 22.64 40.21
N LEU B 182 17.40 23.07 39.09
CA LEU B 182 17.19 24.40 38.53
C LEU B 182 15.76 24.92 38.65
N GLN B 183 14.77 24.10 38.31
CA GLN B 183 13.40 24.58 38.20
C GLN B 183 12.44 23.69 38.97
N GLN B 184 12.82 23.30 40.17
CA GLN B 184 11.96 22.49 41.02
C GLN B 184 12.35 22.71 42.47
N LYS B 185 11.43 22.39 43.37
CA LYS B 185 11.60 22.72 44.77
C LYS B 185 12.53 21.69 45.43
N GLU B 186 12.75 21.84 46.73
CA GLU B 186 13.78 21.11 47.46
C GLU B 186 13.53 19.61 47.54
N GLU B 187 12.31 19.12 47.29
CA GLU B 187 12.08 17.69 47.41
C GLU B 187 12.85 16.87 46.38
N PHE B 188 13.39 17.51 45.35
CA PHE B 188 14.26 16.86 44.37
C PHE B 188 15.72 17.17 44.61
N ALA B 189 16.12 17.36 45.87
CA ALA B 189 17.51 17.63 46.21
C ALA B 189 18.23 16.31 46.46
N PHE B 190 19.26 16.03 45.68
CA PHE B 190 20.06 14.83 45.87
C PHE B 190 20.80 14.90 47.19
N HIS B 191 20.77 13.81 47.94
CA HIS B 191 21.46 13.73 49.23
C HIS B 191 22.14 12.38 49.41
N GLY B 192 22.73 11.85 48.35
CA GLY B 192 23.44 10.60 48.44
C GLY B 192 22.71 9.44 47.81
N ARG B 193 23.20 8.24 48.11
CA ARG B 193 22.74 7.02 47.47
C ARG B 193 22.20 6.04 48.51
N SER B 194 21.06 5.44 48.22
CA SER B 194 20.53 4.33 48.99
C SER B 194 20.24 3.19 48.02
N ARG B 195 20.73 1.99 48.34
CA ARG B 195 20.76 0.92 47.35
C ARG B 195 19.42 0.20 47.21
N ARG B 196 18.98 -0.49 48.26
CA ARG B 196 17.80 -1.32 48.05
C ARG B 196 16.48 -0.55 48.16
N PRO B 197 16.24 0.27 49.20
CA PRO B 197 15.02 1.08 49.19
C PRO B 197 15.28 2.43 48.56
N PRO B 198 14.49 2.82 47.57
CA PRO B 198 14.56 4.24 47.14
C PRO B 198 13.92 5.15 48.17
N LYS B 199 14.67 5.42 49.24
CA LYS B 199 14.14 6.14 50.40
C LYS B 199 13.79 7.60 50.09
N ASP B 200 14.20 8.12 48.95
CA ASP B 200 13.98 9.52 48.63
C ASP B 200 13.42 9.61 47.21
N ASN B 201 13.28 10.83 46.71
CA ASN B 201 12.99 11.02 45.29
C ASN B 201 14.32 10.98 44.54
N VAL B 202 14.29 11.33 43.25
CA VAL B 202 15.46 11.30 42.38
C VAL B 202 16.00 9.87 42.27
N ASN B 203 16.27 9.24 43.40
CA ASN B 203 16.62 7.82 43.40
C ASN B 203 15.49 6.99 42.80
N ALA B 204 14.24 7.34 43.11
CA ALA B 204 13.09 6.62 42.59
C ALA B 204 12.91 6.80 41.09
N MET B 205 13.63 7.72 40.46
CA MET B 205 13.66 7.79 39.00
C MET B 205 14.96 7.28 38.41
N LEU B 206 16.09 7.51 39.08
CA LEU B 206 17.36 6.98 38.58
C LEU B 206 17.35 5.45 38.59
N SER B 207 16.73 4.84 39.60
CA SER B 207 16.64 3.39 39.63
C SER B 207 15.86 2.86 38.43
N PHE B 208 14.73 3.49 38.11
CA PHE B 208 13.94 3.08 36.97
C PHE B 208 14.73 3.25 35.67
N ALA B 209 15.41 4.38 35.54
CA ALA B 209 16.20 4.61 34.32
C ALA B 209 17.30 3.57 34.17
N TYR B 210 17.99 3.26 35.27
CA TYR B 210 19.10 2.32 35.21
C TYR B 210 18.61 0.91 34.88
N THR B 211 17.49 0.48 35.48
CA THR B 211 16.95 -0.83 35.14
C THR B 211 16.54 -0.90 33.68
N LEU B 212 15.84 0.12 33.18
CA LEU B 212 15.41 0.09 31.79
C LEU B 212 16.55 0.24 30.81
N LEU B 213 17.71 0.76 31.24
CA LEU B 213 18.84 0.79 30.34
C LEU B 213 19.65 -0.51 30.38
N ALA B 214 19.78 -1.11 31.56
CA ALA B 214 20.46 -2.40 31.65
C ALA B 214 19.72 -3.45 30.84
N ASN B 215 18.39 -3.48 30.93
CA ASN B 215 17.65 -4.50 30.20
C ASN B 215 17.67 -4.29 28.69
N ASP B 216 18.18 -3.16 28.22
CA ASP B 216 18.39 -2.93 26.79
C ASP B 216 19.80 -3.27 26.37
N VAL B 217 20.79 -2.90 27.19
CA VAL B 217 22.18 -3.24 26.88
C VAL B 217 22.36 -4.74 26.84
N ALA B 218 21.77 -5.46 27.81
CA ALA B 218 21.91 -6.91 27.83
C ALA B 218 21.30 -7.54 26.58
N ALA B 219 20.12 -7.08 26.17
CA ALA B 219 19.49 -7.63 24.99
C ALA B 219 20.31 -7.39 23.75
N ALA B 220 20.87 -6.17 23.60
CA ALA B 220 21.69 -5.89 22.42
C ALA B 220 22.93 -6.78 22.40
N LEU B 221 23.60 -6.92 23.54
CA LEU B 221 24.82 -7.73 23.57
C LEU B 221 24.54 -9.19 23.29
N GLU B 222 23.43 -9.73 23.81
CA GLU B 222 23.11 -11.12 23.49
C GLU B 222 22.58 -11.28 22.08
N THR B 223 22.12 -10.20 21.45
CA THR B 223 21.72 -10.27 20.05
C THR B 223 22.92 -10.34 19.13
N VAL B 224 23.96 -9.54 19.40
CA VAL B 224 25.09 -9.48 18.46
C VAL B 224 25.80 -10.81 18.35
N GLY B 225 25.79 -11.63 19.39
CA GLY B 225 26.42 -12.93 19.37
C GLY B 225 27.31 -13.21 20.56
N LEU B 226 27.67 -12.20 21.34
CA LEU B 226 28.54 -12.39 22.49
C LEU B 226 27.77 -13.02 23.64
N ASP B 227 28.53 -13.43 24.66
CA ASP B 227 27.96 -13.79 25.94
C ASP B 227 28.11 -12.59 26.86
N ALA B 228 27.04 -12.26 27.57
CA ALA B 228 26.96 -11.01 28.30
C ALA B 228 27.20 -11.15 29.79
N TYR B 229 27.72 -12.29 30.26
CA TYR B 229 27.90 -12.48 31.70
C TYR B 229 29.37 -12.63 32.11
N VAL B 230 30.30 -12.42 31.19
CA VAL B 230 31.73 -12.36 31.52
C VAL B 230 32.25 -11.00 31.07
N GLY B 231 33.12 -10.41 31.88
CA GLY B 231 33.45 -9.01 31.65
C GLY B 231 34.91 -8.69 31.47
N PHE B 232 35.16 -7.55 30.82
CA PHE B 232 36.51 -7.02 30.69
C PHE B 232 36.96 -6.24 31.92
N MET B 233 36.05 -5.93 32.84
CA MET B 233 36.42 -5.22 34.06
C MET B 233 35.43 -5.65 35.15
N HIS B 234 35.41 -4.92 36.26
CA HIS B 234 34.69 -5.28 37.48
C HIS B 234 35.27 -6.54 38.11
N GLN B 235 35.12 -6.69 39.42
CA GLN B 235 35.42 -7.97 40.04
C GLN B 235 34.39 -8.98 39.56
N ASP B 236 34.87 -10.13 39.12
CA ASP B 236 33.99 -11.09 38.45
C ASP B 236 33.10 -11.79 39.46
N ARG B 237 32.18 -11.06 40.09
CA ARG B 237 31.21 -11.69 40.97
C ARG B 237 30.32 -12.61 40.14
N PRO B 238 30.10 -13.85 40.57
CA PRO B 238 29.37 -14.79 39.72
C PRO B 238 27.93 -14.38 39.52
N GLY B 239 27.39 -14.72 38.35
CA GLY B 239 25.98 -14.53 38.08
C GLY B 239 25.52 -13.09 38.09
N ARG B 240 26.26 -12.21 37.43
CA ARG B 240 25.83 -10.82 37.27
C ARG B 240 26.21 -10.36 35.86
N ALA B 241 25.36 -9.54 35.28
CA ALA B 241 25.55 -9.14 33.89
C ALA B 241 26.73 -8.19 33.77
N SER B 242 27.95 -8.71 33.97
CA SER B 242 29.12 -7.85 34.09
C SER B 242 29.40 -7.09 32.79
N LEU B 243 29.36 -7.78 31.65
CA LEU B 243 29.62 -7.08 30.40
C LEU B 243 28.58 -6.01 30.13
N ALA B 244 27.33 -6.25 30.54
CA ALA B 244 26.29 -5.23 30.39
C ALA B 244 26.64 -3.98 31.19
N LEU B 245 27.11 -4.17 32.43
CA LEU B 245 27.55 -3.03 33.23
C LEU B 245 28.70 -2.30 32.55
N ASP B 246 29.68 -3.05 32.03
CA ASP B 246 30.80 -2.42 31.36
C ASP B 246 30.34 -1.57 30.19
N LEU B 247 29.43 -2.10 29.36
CA LEU B 247 29.02 -1.35 28.18
C LEU B 247 28.06 -0.21 28.51
N MET B 248 27.33 -0.30 29.63
CA MET B 248 26.49 0.78 30.11
C MET B 248 27.28 1.89 30.77
N GLU B 249 28.50 1.60 31.23
CA GLU B 249 29.32 2.62 31.89
C GLU B 249 29.56 3.85 31.02
N GLU B 250 29.15 3.83 29.75
CA GLU B 250 29.42 4.92 28.82
C GLU B 250 28.17 5.71 28.46
N LEU B 251 27.04 5.05 28.27
CA LEU B 251 25.79 5.72 27.96
C LEU B 251 24.94 6.00 29.18
N ARG B 252 25.33 5.50 30.36
CA ARG B 252 24.62 5.85 31.57
C ARG B 252 24.61 7.36 31.80
N GLY B 253 25.76 8.01 31.59
CA GLY B 253 25.85 9.43 31.87
C GLY B 253 25.04 10.29 30.93
N LEU B 254 25.00 9.93 29.66
CA LEU B 254 24.37 10.78 28.65
C LEU B 254 23.04 10.26 28.16
N TYR B 255 22.48 9.23 28.79
CA TYR B 255 21.31 8.62 28.18
C TYR B 255 20.24 8.31 29.22
N ALA B 256 20.63 8.24 30.49
CA ALA B 256 19.70 7.96 31.56
C ALA B 256 19.55 9.12 32.54
N ASP B 257 20.62 9.55 33.20
CA ASP B 257 20.48 10.58 34.23
C ASP B 257 20.30 11.96 33.63
N ARG B 258 20.88 12.21 32.45
CA ARG B 258 20.51 13.42 31.72
C ARG B 258 19.02 13.44 31.44
N PHE B 259 18.44 12.27 31.14
CA PHE B 259 17.00 12.19 30.90
C PHE B 259 16.20 12.55 32.15
N VAL B 260 16.62 12.04 33.31
CA VAL B 260 15.90 12.36 34.55
C VAL B 260 16.01 13.85 34.86
N LEU B 261 17.20 14.42 34.68
CA LEU B 261 17.36 15.85 34.93
C LEU B 261 16.50 16.67 33.97
N SER B 262 16.43 16.27 32.71
CA SER B 262 15.55 16.95 31.78
C SER B 262 14.09 16.81 32.18
N LEU B 263 13.71 15.63 32.67
CA LEU B 263 12.34 15.41 33.11
C LEU B 263 11.99 16.32 34.29
N ILE B 264 12.90 16.45 35.25
CA ILE B 264 12.62 17.26 36.43
C ILE B 264 12.60 18.74 36.08
N ASN B 265 13.62 19.21 35.35
CA ASN B 265 13.75 20.64 35.10
C ASN B 265 12.60 21.17 34.24
N ARG B 266 12.02 20.32 33.40
CA ARG B 266 10.87 20.72 32.61
C ARG B 266 9.57 20.67 33.40
N LYS B 267 9.62 20.21 34.65
CA LYS B 267 8.43 20.07 35.49
C LYS B 267 7.37 19.21 34.80
N GLU B 268 7.81 18.09 34.22
CA GLU B 268 6.90 17.09 33.68
C GLU B 268 6.39 16.14 34.76
N MET B 269 6.97 16.19 35.96
CA MET B 269 6.56 15.33 37.06
C MET B 269 6.41 16.18 38.31
N THR B 270 5.40 15.87 39.10
CA THR B 270 5.09 16.63 40.31
C THR B 270 5.26 15.75 41.53
N ALA B 271 5.71 16.37 42.62
CA ALA B 271 5.99 15.61 43.84
C ALA B 271 4.75 14.99 44.47
N ASP B 272 3.56 15.41 44.05
CA ASP B 272 2.34 14.81 44.59
C ASP B 272 2.16 13.39 44.09
N GLY B 273 2.75 13.06 42.94
CA GLY B 273 2.60 11.72 42.39
C GLY B 273 3.17 10.64 43.28
N PHE B 274 4.34 10.88 43.85
CA PHE B 274 4.96 9.88 44.70
C PHE B 274 4.17 9.73 46.00
N TYR B 275 4.41 8.61 46.69
CA TYR B 275 3.83 8.41 48.01
C TYR B 275 4.77 7.52 48.81
N LYS B 276 4.29 7.09 49.98
CA LYS B 276 5.12 6.35 50.91
C LYS B 276 4.22 5.49 51.80
N LYS B 277 4.69 4.28 52.10
CA LYS B 277 4.01 3.40 53.03
C LYS B 277 4.50 3.68 54.45
N GLU B 278 4.20 2.78 55.39
CA GLU B 278 4.65 2.96 56.77
C GLU B 278 6.15 3.20 56.81
N ASN B 279 6.92 2.36 56.12
CA ASN B 279 8.28 2.72 55.75
C ASN B 279 8.41 2.83 54.23
N GLY B 280 8.12 1.75 53.51
CA GLY B 280 7.79 1.78 52.09
C GLY B 280 8.71 2.50 51.14
N ALA B 281 9.86 2.97 51.61
CA ALA B 281 10.82 3.74 50.79
C ALA B 281 10.02 4.79 50.02
N VAL B 282 10.13 4.83 48.69
CA VAL B 282 9.28 5.67 47.86
C VAL B 282 8.80 4.83 46.69
N LEU B 283 7.49 4.84 46.45
CA LEU B 283 6.88 4.09 45.35
C LEU B 283 6.24 5.08 44.39
N MET B 284 6.50 4.90 43.10
CA MET B 284 5.91 5.77 42.10
C MET B 284 4.41 5.46 41.97
N THR B 285 3.74 6.23 41.12
CA THR B 285 2.30 6.09 40.93
C THR B 285 1.99 5.67 39.50
N ASP B 286 0.82 5.06 39.33
CA ASP B 286 0.45 4.48 38.05
C ASP B 286 0.43 5.52 36.94
N GLU B 287 -0.19 6.67 37.21
CA GLU B 287 -0.12 7.76 36.23
C GLU B 287 1.30 8.29 36.12
N ALA B 288 2.02 8.35 37.24
CA ALA B 288 3.42 8.74 37.20
C ALA B 288 4.24 7.75 36.37
N ARG B 289 4.00 6.45 36.56
CA ARG B 289 4.69 5.46 35.75
C ARG B 289 4.36 5.62 34.27
N LYS B 290 3.08 5.87 33.96
CA LYS B 290 2.69 6.07 32.57
C LYS B 290 3.41 7.26 31.97
N THR B 291 3.51 8.36 32.72
CA THR B 291 4.20 9.54 32.21
C THR B 291 5.68 9.25 31.98
N PHE B 292 6.33 8.58 32.93
CA PHE B 292 7.74 8.24 32.77
C PHE B 292 7.95 7.43 31.50
N LEU B 293 7.13 6.40 31.29
CA LEU B 293 7.33 5.52 30.16
C LEU B 293 7.00 6.22 28.85
N LYS B 294 5.99 7.10 28.85
CA LYS B 294 5.68 7.85 27.64
C LYS B 294 6.83 8.77 27.24
N ALA B 295 7.38 9.51 28.21
CA ALA B 295 8.50 10.39 27.89
C ALA B 295 9.72 9.59 27.46
N TRP B 296 9.96 8.44 28.09
CA TRP B 296 11.09 7.61 27.72
C TRP B 296 10.99 7.11 26.28
N GLN B 297 9.86 6.49 25.94
CA GLN B 297 9.69 5.99 24.59
C GLN B 297 9.59 7.11 23.57
N THR B 298 9.22 8.32 23.98
CA THR B 298 9.20 9.43 23.04
C THR B 298 10.61 9.94 22.77
N LYS B 299 11.45 10.02 23.79
CA LYS B 299 12.82 10.47 23.58
C LYS B 299 13.65 9.43 22.83
N LYS B 300 13.32 8.15 23.00
CA LYS B 300 14.08 7.10 22.33
C LYS B 300 13.95 7.13 20.81
N GLN B 301 13.33 8.14 20.23
CA GLN B 301 13.18 8.22 18.78
C GLN B 301 13.81 9.47 18.19
N GLU B 302 14.78 10.08 18.87
CA GLU B 302 15.47 11.24 18.32
C GLU B 302 16.61 10.81 17.40
N LYS B 303 16.78 11.52 16.29
CA LYS B 303 17.76 11.17 15.27
C LYS B 303 19.00 12.04 15.42
N ILE B 304 20.16 11.39 15.54
CA ILE B 304 21.44 12.08 15.71
C ILE B 304 22.36 11.63 14.60
N THR B 305 23.59 12.12 14.63
CA THR B 305 24.66 11.62 13.77
C THR B 305 25.74 11.00 14.64
N HIS B 306 26.12 9.76 14.33
CA HIS B 306 27.09 9.04 15.14
C HIS B 306 28.49 9.59 14.88
N PRO B 307 29.31 9.75 15.91
CA PRO B 307 30.63 10.38 15.69
C PRO B 307 31.54 9.62 14.76
N TYR B 308 31.81 8.34 15.03
CA TYR B 308 32.77 7.59 14.24
C TYR B 308 32.18 7.14 12.91
N LEU B 309 31.11 6.34 12.97
CA LEU B 309 30.58 5.75 11.75
C LEU B 309 30.00 6.78 10.80
N GLY B 310 29.74 8.00 11.28
CA GLY B 310 29.30 9.06 10.42
C GLY B 310 27.99 8.79 9.69
N GLU B 311 26.97 8.36 10.42
CA GLU B 311 25.67 8.10 9.83
C GLU B 311 24.58 8.69 10.71
N LYS B 312 23.45 9.00 10.07
CA LYS B 312 22.28 9.58 10.73
C LYS B 312 21.41 8.43 11.26
N MET B 313 21.44 8.22 12.58
CA MET B 313 20.75 7.08 13.17
C MET B 313 20.00 7.51 14.41
N SER B 314 18.97 6.72 14.77
CA SER B 314 18.11 7.06 15.88
C SER B 314 18.81 6.85 17.22
N TRP B 315 18.28 7.51 18.25
CA TRP B 315 18.93 7.52 19.56
C TRP B 315 18.97 6.11 20.16
N GLY B 316 17.87 5.39 20.12
CA GLY B 316 17.80 4.10 20.78
C GLY B 316 18.74 3.05 20.22
N LEU B 317 19.18 3.20 18.97
CA LEU B 317 20.12 2.23 18.42
C LEU B 317 21.52 2.35 19.01
N VAL B 318 21.85 3.48 19.67
CA VAL B 318 23.23 3.68 20.11
C VAL B 318 23.75 2.55 20.97
N PRO B 319 23.00 2.02 21.95
CA PRO B 319 23.51 0.86 22.70
C PRO B 319 23.63 -0.42 21.88
N TYR B 320 23.13 -0.43 20.65
CA TYR B 320 23.31 -1.60 19.80
C TYR B 320 24.55 -1.48 18.92
N VAL B 321 24.62 -0.40 18.13
CA VAL B 321 25.74 -0.23 17.20
C VAL B 321 27.05 -0.25 17.94
N GLN B 322 27.11 0.41 19.10
CA GLN B 322 28.32 0.35 19.92
C GLN B 322 28.75 -1.09 20.15
N ALA B 323 27.82 -1.94 20.60
CA ALA B 323 28.14 -3.34 20.81
C ALA B 323 28.61 -3.99 19.52
N LEU B 324 27.97 -3.66 18.39
CA LEU B 324 28.44 -4.19 17.11
C LEU B 324 29.83 -3.65 16.78
N LEU B 325 30.09 -2.37 17.05
CA LEU B 325 31.44 -1.85 16.87
C LEU B 325 32.42 -2.50 17.83
N LEU B 326 31.93 -3.15 18.88
CA LEU B 326 32.80 -4.01 19.67
C LEU B 326 33.20 -5.25 18.88
N ALA B 327 32.21 -5.90 18.27
CA ALA B 327 32.42 -7.24 17.72
C ALA B 327 33.54 -7.24 16.68
N ARG B 328 33.49 -6.31 15.73
CA ARG B 328 34.50 -6.31 14.67
C ARG B 328 35.89 -6.08 15.22
N PHE B 329 36.01 -5.32 16.31
CA PHE B 329 37.33 -5.14 16.91
C PHE B 329 37.93 -6.48 17.31
N LEU B 330 37.09 -7.39 17.82
CA LEU B 330 37.57 -8.71 18.21
C LEU B 330 38.10 -9.49 17.01
N ARG B 331 37.57 -9.21 15.82
CA ARG B 331 38.07 -9.85 14.62
C ARG B 331 39.23 -9.09 13.99
N GLY B 332 39.57 -7.91 14.51
CA GLY B 332 40.75 -7.19 14.08
C GLY B 332 40.57 -6.24 12.92
N ASP B 333 39.35 -5.81 12.61
CA ASP B 333 39.11 -4.89 11.51
C ASP B 333 39.35 -3.43 11.89
N LEU B 334 39.64 -3.15 13.15
CA LEU B 334 39.97 -1.82 13.63
C LEU B 334 41.31 -1.88 14.35
N ASP B 335 41.64 -0.80 15.06
CA ASP B 335 42.80 -0.80 15.95
C ASP B 335 42.41 -0.93 17.42
N GLU B 336 41.45 -0.15 17.88
CA GLU B 336 40.91 -0.28 19.23
C GLU B 336 39.47 0.19 19.23
N TYR B 337 38.72 -0.27 20.23
CA TYR B 337 37.29 -0.02 20.26
C TYR B 337 37.01 1.47 20.48
N PRO B 338 36.28 2.12 19.57
CA PRO B 338 35.93 3.52 19.79
C PRO B 338 34.69 3.65 20.66
N PRO B 339 34.83 4.15 21.87
CA PRO B 339 33.65 4.37 22.72
C PRO B 339 32.85 5.55 22.21
N PHE B 340 31.66 5.71 22.77
CA PHE B 340 30.77 6.78 22.37
C PHE B 340 31.25 8.07 23.01
N LEU B 341 31.55 9.07 22.20
CA LEU B 341 32.14 10.31 22.70
C LEU B 341 31.26 11.49 22.32
N TRP B 342 29.95 11.35 22.54
CA TRP B 342 28.99 12.41 22.28
C TRP B 342 29.40 13.70 22.97
N MET C 1 -51.39 18.34 -30.42
CA MET C 1 -49.95 18.29 -30.20
C MET C 1 -49.23 19.12 -31.24
N LYS C 2 -49.23 18.63 -32.49
CA LYS C 2 -48.58 19.36 -33.57
C LYS C 2 -49.40 20.58 -33.93
N LYS C 3 -49.09 21.72 -33.31
CA LYS C 3 -49.79 22.95 -33.60
C LYS C 3 -49.51 23.39 -35.03
N LEU C 4 -50.34 24.32 -35.53
CA LEU C 4 -50.04 24.96 -36.81
C LEU C 4 -48.64 25.54 -36.78
N LEU C 5 -48.25 26.10 -35.64
CA LEU C 5 -46.86 26.44 -35.41
C LEU C 5 -46.02 25.18 -35.48
N ASN C 6 -44.95 25.22 -36.26
CA ASN C 6 -44.20 24.01 -36.62
C ASN C 6 -43.38 23.49 -35.45
N THR C 7 -44.07 23.01 -34.42
CA THR C 7 -43.43 22.34 -33.29
C THR C 7 -44.27 21.15 -32.85
N LEU C 8 -43.65 20.28 -32.08
CA LEU C 8 -44.28 19.09 -31.53
C LEU C 8 -44.28 19.17 -30.02
N TYR C 9 -45.44 18.91 -29.41
CA TYR C 9 -45.66 19.23 -28.01
C TYR C 9 -46.08 17.99 -27.23
N VAL C 10 -45.35 16.90 -27.41
CA VAL C 10 -45.67 15.67 -26.70
C VAL C 10 -45.62 15.93 -25.20
N THR C 11 -46.78 15.84 -24.55
CA THR C 11 -46.89 16.19 -23.14
C THR C 11 -47.27 15.02 -22.24
N GLN C 12 -47.69 13.90 -22.79
CA GLN C 12 -48.06 12.76 -21.96
C GLN C 12 -46.81 12.17 -21.32
N PRO C 13 -46.75 12.05 -20.00
CA PRO C 13 -45.55 11.51 -19.36
C PRO C 13 -45.38 10.04 -19.70
N ASP C 14 -44.12 9.58 -19.59
CA ASP C 14 -43.77 8.17 -19.78
C ASP C 14 -44.23 7.65 -21.13
N THR C 15 -44.11 8.50 -22.14
CA THR C 15 -44.26 8.10 -23.53
C THR C 15 -42.89 7.73 -24.07
N TYR C 16 -42.84 7.23 -25.29
CA TYR C 16 -41.59 6.98 -25.98
C TYR C 16 -41.69 7.51 -27.40
N LEU C 17 -40.56 7.92 -27.95
CA LEU C 17 -40.49 8.36 -29.33
C LEU C 17 -39.55 7.43 -30.09
N SER C 18 -39.99 6.97 -31.25
CA SER C 18 -39.14 6.14 -32.10
C SER C 18 -39.38 6.52 -33.54
N LEU C 19 -38.59 5.93 -34.43
CA LEU C 19 -38.59 6.28 -35.85
C LEU C 19 -39.06 5.09 -36.67
N ASP C 20 -40.02 5.33 -37.56
CA ASP C 20 -40.46 4.34 -38.54
C ASP C 20 -40.34 4.96 -39.93
N GLY C 21 -39.41 4.44 -40.72
CA GLY C 21 -39.19 4.98 -42.05
C GLY C 21 -38.76 6.43 -42.00
N ASP C 22 -39.67 7.34 -42.35
CA ASP C 22 -39.42 8.78 -42.30
C ASP C 22 -40.45 9.49 -41.43
N ASN C 23 -41.00 8.79 -40.43
CA ASN C 23 -42.04 9.34 -39.58
C ASN C 23 -41.75 9.01 -38.13
N VAL C 24 -42.31 9.82 -37.23
CA VAL C 24 -42.15 9.62 -35.80
C VAL C 24 -43.32 8.81 -35.28
N VAL C 25 -43.03 7.89 -34.36
CA VAL C 25 -44.03 7.06 -33.72
C VAL C 25 -43.98 7.28 -32.22
N LEU C 26 -45.13 7.61 -31.64
CA LEU C 26 -45.27 7.81 -30.20
C LEU C 26 -45.78 6.50 -29.62
N LEU C 27 -44.91 5.81 -28.86
CA LEU C 27 -45.24 4.56 -28.22
C LEU C 27 -45.74 4.83 -26.79
N LYS C 28 -46.85 4.20 -26.45
CA LYS C 28 -47.44 4.31 -25.11
C LYS C 28 -47.40 2.93 -24.47
N GLU C 29 -46.27 2.60 -23.86
CA GLU C 29 -46.05 1.29 -23.24
C GLU C 29 -46.29 0.15 -24.24
N GLN C 30 -45.48 0.17 -25.29
CA GLN C 30 -45.25 -0.91 -26.24
C GLN C 30 -46.36 -1.12 -27.27
N GLU C 31 -47.26 -0.17 -27.49
CA GLU C 31 -48.14 -0.21 -28.64
C GLU C 31 -48.12 1.14 -29.35
N LYS C 32 -48.42 1.11 -30.65
CA LYS C 32 -48.30 2.28 -31.50
C LYS C 32 -49.44 3.25 -31.18
N LEU C 33 -49.17 4.18 -30.25
CA LEU C 33 -50.18 5.16 -29.87
C LEU C 33 -50.38 6.21 -30.96
N GLY C 34 -49.30 6.73 -31.52
CA GLY C 34 -49.44 7.78 -32.51
C GLY C 34 -48.38 7.71 -33.60
N ARG C 35 -48.69 8.35 -34.73
CA ARG C 35 -47.78 8.43 -35.87
C ARG C 35 -47.91 9.79 -36.53
N LEU C 36 -46.78 10.47 -36.73
CA LEU C 36 -46.76 11.80 -37.31
C LEU C 36 -45.67 11.91 -38.36
N PRO C 37 -45.87 12.73 -39.39
CA PRO C 37 -44.82 12.95 -40.37
C PRO C 37 -43.80 13.99 -39.90
N LEU C 38 -42.67 14.02 -40.60
CA LEU C 38 -41.57 14.95 -40.28
C LEU C 38 -41.27 15.90 -41.43
N HIS C 39 -42.09 15.92 -42.48
CA HIS C 39 -41.74 16.67 -43.68
C HIS C 39 -41.83 18.18 -43.46
N ASN C 40 -42.76 18.63 -42.63
CA ASN C 40 -42.98 20.06 -42.42
C ASN C 40 -42.69 20.53 -40.99
N LEU C 41 -42.22 19.65 -40.11
CA LEU C 41 -41.88 20.06 -38.76
C LEU C 41 -40.59 20.88 -38.75
N GLU C 42 -40.42 21.68 -37.71
CA GLU C 42 -39.21 22.47 -37.53
C GLU C 42 -38.50 22.25 -36.20
N ALA C 43 -39.22 22.01 -35.11
CA ALA C 43 -38.59 21.71 -33.83
C ALA C 43 -39.51 20.81 -33.02
N ILE C 44 -38.91 20.07 -32.09
CA ILE C 44 -39.65 19.15 -31.23
C ILE C 44 -39.39 19.50 -29.78
N VAL C 45 -40.46 19.66 -29.02
CA VAL C 45 -40.41 19.90 -27.58
C VAL C 45 -40.94 18.67 -26.88
N GLY C 46 -40.15 18.11 -25.96
CA GLY C 46 -40.57 16.90 -25.31
C GLY C 46 -40.65 17.00 -23.80
N PHE C 47 -41.84 16.81 -23.24
CA PHE C 47 -42.01 16.77 -21.80
C PHE C 47 -41.94 15.34 -21.30
N GLY C 48 -41.58 15.19 -20.03
CA GLY C 48 -41.69 13.92 -19.36
C GLY C 48 -40.42 13.10 -19.40
N TYR C 49 -40.21 12.31 -18.34
CA TYR C 49 -39.08 11.40 -18.26
C TYR C 49 -39.35 10.26 -19.24
N THR C 50 -38.66 10.32 -20.36
CA THR C 50 -38.96 9.53 -21.55
C THR C 50 -37.62 9.22 -22.19
N GLY C 51 -37.66 8.93 -23.49
CA GLY C 51 -36.43 8.91 -24.24
C GLY C 51 -36.69 9.31 -25.67
N ALA C 52 -35.68 9.09 -26.50
CA ALA C 52 -35.86 9.13 -27.93
C ALA C 52 -35.06 7.98 -28.52
N SER C 53 -35.63 7.31 -29.50
CA SER C 53 -34.88 6.25 -30.17
C SER C 53 -33.72 6.88 -30.91
N PRO C 54 -32.50 6.35 -30.77
CA PRO C 54 -31.35 7.00 -31.39
C PRO C 54 -31.49 7.17 -32.88
N ALA C 55 -32.28 6.31 -33.54
CA ALA C 55 -32.59 6.51 -34.94
C ALA C 55 -33.33 7.83 -35.15
N LEU C 56 -34.28 8.15 -34.29
CA LEU C 56 -34.97 9.42 -34.40
C LEU C 56 -34.02 10.59 -34.17
N MET C 57 -33.13 10.47 -33.19
CA MET C 57 -32.17 11.54 -32.94
C MET C 57 -31.30 11.78 -34.16
N GLY C 58 -30.79 10.70 -34.77
CA GLY C 58 -29.99 10.83 -35.96
C GLY C 58 -30.76 11.40 -37.14
N TYR C 59 -32.03 11.02 -37.28
CA TYR C 59 -32.82 11.52 -38.39
C TYR C 59 -33.17 13.00 -38.20
N CYS C 60 -33.35 13.43 -36.96
CA CYS C 60 -33.68 14.81 -36.68
C CYS C 60 -32.47 15.72 -36.79
N ALA C 61 -31.29 15.26 -36.36
CA ALA C 61 -30.13 16.14 -36.31
C ALA C 61 -29.75 16.66 -37.70
N GLU C 62 -29.80 15.80 -38.71
CA GLU C 62 -29.28 16.18 -40.02
C GLU C 62 -30.15 17.25 -40.68
N ARG C 63 -31.46 17.05 -40.71
CA ARG C 63 -32.35 17.90 -41.50
C ARG C 63 -32.88 19.08 -40.69
N ASN C 64 -31.98 19.79 -40.01
CA ASN C 64 -32.26 21.05 -39.33
C ASN C 64 -33.49 20.95 -38.42
N ILE C 65 -33.47 19.97 -37.53
CA ILE C 65 -34.49 19.82 -36.49
C ILE C 65 -33.78 19.73 -35.14
N SER C 66 -34.19 20.57 -34.21
CA SER C 66 -33.64 20.56 -32.86
C SER C 66 -34.52 19.71 -31.96
N ILE C 67 -33.90 18.94 -31.07
CA ILE C 67 -34.63 18.09 -30.14
C ILE C 67 -34.41 18.68 -28.76
N THR C 68 -35.43 19.34 -28.23
CA THR C 68 -35.37 19.92 -26.89
C THR C 68 -36.06 18.98 -25.91
N PHE C 69 -35.44 18.76 -24.76
CA PHE C 69 -35.98 17.86 -23.77
C PHE C 69 -36.14 18.59 -22.45
N LEU C 70 -37.33 18.46 -21.87
CA LEU C 70 -37.72 19.08 -20.61
C LEU C 70 -38.14 17.99 -19.64
N THR C 71 -38.58 18.39 -18.45
CA THR C 71 -39.28 17.49 -17.57
C THR C 71 -40.74 17.43 -17.97
N LYS C 72 -41.55 16.71 -17.20
CA LYS C 72 -43.00 16.73 -17.43
C LYS C 72 -43.58 18.11 -17.16
N ASN C 73 -43.27 18.67 -15.98
CA ASN C 73 -43.90 19.92 -15.59
C ASN C 73 -43.52 21.06 -16.51
N GLY C 74 -42.26 21.13 -16.93
CA GLY C 74 -41.85 22.21 -17.80
C GLY C 74 -40.51 22.82 -17.51
N ARG C 75 -39.76 22.27 -16.56
CA ARG C 75 -38.38 22.70 -16.36
C ARG C 75 -37.53 22.28 -17.56
N PHE C 76 -36.45 23.03 -17.79
CA PHE C 76 -35.62 22.83 -18.98
C PHE C 76 -34.44 21.93 -18.65
N LEU C 77 -34.25 20.88 -19.47
CA LEU C 77 -33.19 19.90 -19.27
C LEU C 77 -32.05 20.03 -20.27
N ALA C 78 -32.32 19.91 -21.56
CA ALA C 78 -31.21 19.89 -22.52
C ALA C 78 -31.72 20.11 -23.94
N ARG C 79 -30.78 20.29 -24.86
CA ARG C 79 -31.07 20.48 -26.27
C ARG C 79 -30.05 19.73 -27.10
N VAL C 80 -30.52 19.11 -28.19
CA VAL C 80 -29.68 18.33 -29.09
C VAL C 80 -29.83 18.88 -30.50
N VAL C 81 -28.71 19.25 -31.12
CA VAL C 81 -28.69 19.81 -32.46
C VAL C 81 -27.27 19.76 -32.97
N GLY C 82 -27.11 19.70 -34.30
CA GLY C 82 -25.80 19.62 -34.91
C GLY C 82 -25.16 20.99 -35.06
N GLU C 83 -24.76 21.37 -36.27
CA GLU C 83 -24.37 22.75 -36.49
C GLU C 83 -25.58 23.64 -36.24
N SER C 84 -25.50 24.44 -35.17
CA SER C 84 -26.68 25.11 -34.64
C SER C 84 -27.33 25.99 -35.71
N ARG C 85 -28.65 25.87 -35.84
CA ARG C 85 -29.43 26.64 -36.79
C ARG C 85 -30.53 27.40 -36.06
N GLY C 86 -30.74 28.65 -36.46
CA GLY C 86 -31.84 29.43 -35.92
C GLY C 86 -31.66 29.97 -34.52
N ASN C 87 -30.42 30.07 -34.03
CA ASN C 87 -30.16 30.70 -32.75
C ASN C 87 -29.23 31.90 -32.85
N VAL C 88 -28.19 31.82 -33.68
CA VAL C 88 -27.22 32.90 -33.75
C VAL C 88 -27.86 34.18 -34.31
N VAL C 89 -28.56 34.06 -35.44
CA VAL C 89 -29.15 35.25 -36.05
C VAL C 89 -30.27 35.79 -35.18
N LEU C 90 -31.07 34.91 -34.58
CA LEU C 90 -32.16 35.36 -33.72
C LEU C 90 -31.62 36.10 -32.50
N ARG C 91 -30.60 35.55 -31.85
CA ARG C 91 -30.07 36.21 -30.65
C ARG C 91 -29.35 37.50 -30.99
N LYS C 92 -28.65 37.53 -32.13
CA LYS C 92 -28.01 38.78 -32.54
C LYS C 92 -29.06 39.86 -32.82
N THR C 93 -30.17 39.49 -33.48
CA THR C 93 -31.25 40.44 -33.69
C THR C 93 -31.84 40.90 -32.37
N GLN C 94 -31.99 39.98 -31.42
CA GLN C 94 -32.48 40.34 -30.10
C GLN C 94 -31.60 41.40 -29.48
N TYR C 95 -30.28 41.20 -29.52
CA TYR C 95 -29.37 42.15 -28.90
C TYR C 95 -29.35 43.48 -29.63
N ARG C 96 -29.43 43.44 -30.97
CA ARG C 96 -29.45 44.68 -31.75
C ARG C 96 -30.68 45.52 -31.42
N ILE C 97 -31.86 44.90 -31.36
CA ILE C 97 -33.06 45.64 -30.99
C ILE C 97 -33.00 46.08 -29.54
N SER C 98 -32.34 45.28 -28.69
CA SER C 98 -32.14 45.70 -27.30
C SER C 98 -31.29 46.97 -27.21
N GLU C 99 -30.36 47.15 -28.15
CA GLU C 99 -29.54 48.35 -28.14
C GLU C 99 -30.39 49.60 -28.36
N ASN C 100 -31.20 49.60 -29.41
CA ASN C 100 -31.99 50.78 -29.76
C ASN C 100 -33.16 50.94 -28.81
N ASP C 101 -33.86 52.08 -28.92
CA ASP C 101 -34.99 52.36 -28.04
C ASP C 101 -36.33 52.48 -28.76
N GLN C 102 -36.34 52.79 -30.05
CA GLN C 102 -37.62 52.97 -30.74
C GLN C 102 -38.39 51.65 -30.81
N GLU C 103 -37.73 50.59 -31.26
CA GLU C 103 -38.40 49.29 -31.32
C GLU C 103 -38.76 48.80 -29.93
N SER C 104 -37.90 49.05 -28.94
CA SER C 104 -38.21 48.66 -27.57
C SER C 104 -39.46 49.36 -27.07
N THR C 105 -39.59 50.65 -27.35
CA THR C 105 -40.80 51.38 -26.98
C THR C 105 -42.02 50.80 -27.69
N LYS C 106 -41.89 50.48 -28.97
CA LYS C 106 -43.01 49.91 -29.70
C LYS C 106 -43.47 48.59 -29.08
N ILE C 107 -42.52 47.71 -28.76
CA ILE C 107 -42.86 46.42 -28.19
C ILE C 107 -43.47 46.57 -26.80
N ALA C 108 -42.90 47.46 -25.98
CA ALA C 108 -43.44 47.66 -24.64
C ALA C 108 -44.85 48.22 -24.68
N ARG C 109 -45.12 49.15 -25.61
CA ARG C 109 -46.47 49.67 -25.72
C ARG C 109 -47.43 48.60 -26.22
N ASN C 110 -46.97 47.70 -27.08
CA ASN C 110 -47.79 46.57 -27.50
C ASN C 110 -48.15 45.70 -26.29
N PHE C 111 -47.17 45.39 -25.44
CA PHE C 111 -47.43 44.56 -24.27
C PHE C 111 -48.40 45.24 -23.31
N ILE C 112 -48.22 46.53 -23.06
CA ILE C 112 -49.08 47.23 -22.12
C ILE C 112 -50.50 47.32 -22.67
N THR C 113 -50.64 47.50 -24.00
CA THR C 113 -51.96 47.46 -24.61
C THR C 113 -52.63 46.13 -24.37
N GLY C 114 -51.88 45.03 -24.53
CA GLY C 114 -52.44 43.73 -24.24
C GLY C 114 -52.89 43.59 -22.79
N LYS C 115 -52.07 44.07 -21.85
CA LYS C 115 -52.43 43.93 -20.45
C LYS C 115 -53.69 44.73 -20.12
N VAL C 116 -53.79 45.96 -20.61
CA VAL C 116 -54.96 46.78 -20.28
C VAL C 116 -56.22 46.20 -20.91
N TYR C 117 -56.11 45.68 -22.15
CA TYR C 117 -57.25 44.99 -22.74
C TYR C 117 -57.70 43.84 -21.87
N ASN C 118 -56.75 43.01 -21.43
CA ASN C 118 -57.10 41.85 -20.63
C ASN C 118 -57.81 42.25 -19.34
N SER C 119 -57.25 43.22 -18.61
CA SER C 119 -57.84 43.60 -17.33
C SER C 119 -59.22 44.23 -17.52
N LYS C 120 -59.38 45.10 -18.52
CA LYS C 120 -60.67 45.73 -18.76
C LYS C 120 -61.73 44.68 -19.06
N TRP C 121 -61.41 43.73 -19.94
CA TRP C 121 -62.41 42.73 -20.27
C TRP C 121 -62.69 41.81 -19.08
N MET C 122 -61.68 41.56 -18.26
CA MET C 122 -61.88 40.75 -17.06
C MET C 122 -62.89 41.43 -16.13
N LEU C 123 -62.77 42.75 -15.96
CA LEU C 123 -63.76 43.45 -15.15
C LEU C 123 -65.14 43.42 -15.79
N GLU C 124 -65.20 43.55 -17.12
CA GLU C 124 -66.49 43.47 -17.80
C GLU C 124 -67.19 42.15 -17.49
N ARG C 125 -66.46 41.04 -17.65
CA ARG C 125 -67.05 39.73 -17.38
C ARG C 125 -67.36 39.56 -15.90
N MET C 126 -66.54 40.12 -15.02
CA MET C 126 -66.78 39.99 -13.59
C MET C 126 -68.07 40.69 -13.18
N THR C 127 -68.32 41.89 -13.72
CA THR C 127 -69.55 42.58 -13.39
C THR C 127 -70.76 42.00 -14.11
N ARG C 128 -70.56 41.34 -15.25
CA ARG C 128 -71.68 40.68 -15.91
C ARG C 128 -72.07 39.37 -15.21
N GLU C 129 -71.09 38.64 -14.68
CA GLU C 129 -71.36 37.33 -14.11
C GLU C 129 -72.27 37.43 -12.89
N HIS C 130 -72.04 38.41 -12.03
CA HIS C 130 -72.75 38.54 -10.76
C HIS C 130 -73.29 39.96 -10.61
N PRO C 131 -74.38 40.30 -11.34
CA PRO C 131 -74.99 41.63 -11.25
C PRO C 131 -76.04 41.72 -10.16
N LEU C 132 -75.69 41.31 -8.95
CA LEU C 132 -76.60 41.39 -7.80
C LEU C 132 -76.09 42.35 -6.73
N ARG C 133 -74.86 42.15 -6.25
CA ARG C 133 -74.25 43.00 -5.24
C ARG C 133 -72.87 43.39 -5.76
N VAL C 134 -72.83 44.44 -6.57
CA VAL C 134 -71.58 44.94 -7.13
C VAL C 134 -71.83 46.34 -7.67
N ASN C 135 -70.79 47.18 -7.61
CA ASN C 135 -70.89 48.56 -8.05
C ASN C 135 -70.72 48.61 -9.56
N VAL C 136 -71.84 48.48 -10.28
CA VAL C 136 -71.77 48.31 -11.73
C VAL C 136 -71.31 49.59 -12.41
N GLU C 137 -71.82 50.75 -11.98
CA GLU C 137 -71.44 51.99 -12.63
C GLU C 137 -70.00 52.38 -12.32
N GLN C 138 -69.51 52.05 -11.12
CA GLN C 138 -68.12 52.27 -10.80
C GLN C 138 -67.21 51.47 -11.73
N PHE C 139 -67.56 50.21 -11.97
CA PHE C 139 -66.75 49.38 -12.85
C PHE C 139 -66.87 49.84 -14.29
N LYS C 140 -68.04 50.35 -14.69
CA LYS C 140 -68.16 50.94 -16.02
C LYS C 140 -67.28 52.18 -16.16
N ALA C 141 -67.25 53.03 -15.14
CA ALA C 141 -66.41 54.23 -15.18
C ALA C 141 -64.94 53.86 -15.25
N THR C 142 -64.52 52.88 -14.46
CA THR C 142 -63.16 52.38 -14.57
C THR C 142 -62.89 51.80 -15.95
N SER C 143 -63.90 51.16 -16.54
CA SER C 143 -63.75 50.60 -17.88
C SER C 143 -63.52 51.69 -18.92
N GLN C 144 -64.27 52.79 -18.83
CA GLN C 144 -64.04 53.90 -19.75
C GLN C 144 -62.67 54.53 -19.53
N LEU C 145 -62.26 54.66 -18.26
CA LEU C 145 -60.94 55.19 -17.95
C LEU C 145 -59.84 54.36 -18.60
N LEU C 146 -59.91 53.03 -18.45
CA LEU C 146 -58.92 52.18 -19.07
C LEU C 146 -59.07 52.08 -20.59
N SER C 147 -60.25 52.32 -21.15
CA SER C 147 -60.37 52.41 -22.59
C SER C 147 -59.59 53.61 -23.13
N VAL C 148 -59.75 54.76 -22.48
CA VAL C 148 -59.01 55.95 -22.88
C VAL C 148 -57.51 55.71 -22.70
N MET C 149 -57.13 55.06 -21.59
CA MET C 149 -55.72 54.77 -21.38
C MET C 149 -55.18 53.81 -22.43
N MET C 150 -56.01 52.86 -22.88
CA MET C 150 -55.59 51.96 -23.95
C MET C 150 -55.35 52.73 -25.24
N GLN C 151 -56.23 53.67 -25.57
CA GLN C 151 -56.00 54.49 -26.75
C GLN C 151 -54.73 55.30 -26.62
N GLU C 152 -54.48 55.87 -25.44
CA GLU C 152 -53.26 56.65 -25.22
C GLU C 152 -52.01 55.79 -25.35
N ILE C 153 -52.04 54.58 -24.80
CA ILE C 153 -50.90 53.68 -24.92
C ILE C 153 -50.66 53.31 -26.37
N ARG C 154 -51.74 53.06 -27.12
CA ARG C 154 -51.58 52.85 -28.55
C ARG C 154 -51.06 54.09 -29.25
N ASN C 155 -51.18 55.26 -28.62
CA ASN C 155 -50.63 56.51 -29.15
C ASN C 155 -49.33 56.91 -28.45
N CYS C 156 -48.50 55.95 -28.06
CA CYS C 156 -47.29 56.25 -27.31
C CYS C 156 -46.07 56.29 -28.23
N ASP C 157 -45.05 57.02 -27.78
CA ASP C 157 -43.84 57.19 -28.58
C ASP C 157 -42.53 57.07 -27.81
N SER C 158 -42.53 57.12 -26.48
CA SER C 158 -41.30 57.13 -25.70
C SER C 158 -41.44 56.22 -24.50
N LEU C 159 -40.29 55.82 -23.95
CA LEU C 159 -40.29 54.92 -22.80
C LEU C 159 -40.82 55.61 -21.55
N GLU C 160 -40.47 56.89 -21.36
CA GLU C 160 -40.87 57.58 -20.14
C GLU C 160 -42.39 57.75 -20.07
N SER C 161 -43.01 58.14 -21.18
CA SER C 161 -44.46 58.27 -21.22
C SER C 161 -45.12 56.91 -20.97
N LEU C 162 -44.56 55.86 -21.53
CA LEU C 162 -45.09 54.52 -21.32
C LEU C 162 -45.04 54.13 -19.86
N ARG C 163 -43.90 54.37 -19.20
CA ARG C 163 -43.78 54.02 -17.78
C ARG C 163 -44.74 54.84 -16.93
N GLY C 164 -44.85 56.13 -17.23
CA GLY C 164 -45.77 56.97 -16.47
C GLY C 164 -47.20 56.52 -16.60
N TRP C 165 -47.64 56.24 -17.84
CA TRP C 165 -49.03 55.83 -18.05
C TRP C 165 -49.28 54.40 -17.61
N GLU C 166 -48.24 53.57 -17.49
CA GLU C 166 -48.42 52.25 -16.90
C GLU C 166 -48.60 52.34 -15.39
N GLY C 167 -47.79 53.17 -14.72
CA GLY C 167 -47.83 53.22 -13.27
C GLY C 167 -49.17 53.66 -12.73
N GLN C 168 -49.94 54.40 -13.54
CA GLN C 168 -51.22 54.92 -13.07
C GLN C 168 -52.21 53.79 -12.81
N ALA C 169 -52.28 52.80 -13.70
CA ALA C 169 -53.31 51.78 -13.60
C ALA C 169 -53.14 50.86 -12.40
N ALA C 170 -51.96 50.85 -11.79
CA ALA C 170 -51.68 49.88 -10.73
C ALA C 170 -52.62 50.08 -9.54
N ILE C 171 -52.74 51.32 -9.05
CA ILE C 171 -53.54 51.57 -7.85
C ILE C 171 -55.03 51.38 -8.15
N ASN C 172 -55.47 51.79 -9.34
CA ASN C 172 -56.85 51.57 -9.72
C ASN C 172 -57.17 50.07 -9.74
N TYR C 173 -56.29 49.28 -10.34
CA TYR C 173 -56.49 47.84 -10.34
C TYR C 173 -56.44 47.28 -8.93
N ASN C 174 -55.59 47.83 -8.07
CA ASN C 174 -55.51 47.35 -6.69
C ASN C 174 -56.84 47.52 -5.97
N LYS C 175 -57.41 48.72 -6.04
CA LYS C 175 -58.69 48.96 -5.38
C LYS C 175 -59.80 48.10 -5.98
N VAL C 176 -59.87 48.04 -7.30
CA VAL C 176 -60.95 47.28 -7.93
C VAL C 176 -60.79 45.79 -7.66
N PHE C 177 -59.55 45.29 -7.62
CA PHE C 177 -59.28 43.91 -7.28
C PHE C 177 -59.69 43.59 -5.85
N ASP C 178 -59.38 44.49 -4.92
CA ASP C 178 -59.85 44.28 -3.55
C ASP C 178 -61.37 44.22 -3.49
N GLN C 179 -62.04 45.01 -4.34
CA GLN C 179 -63.49 44.97 -4.39
C GLN C 179 -64.03 43.77 -5.19
N MET C 180 -63.17 43.07 -5.94
CA MET C 180 -63.63 42.07 -6.89
C MET C 180 -64.14 40.78 -6.24
N ILE C 181 -63.42 40.25 -5.25
CA ILE C 181 -63.70 38.90 -4.76
C ILE C 181 -65.10 38.82 -4.17
N LEU C 182 -65.71 37.64 -4.29
CA LEU C 182 -67.08 37.42 -3.84
C LEU C 182 -67.15 36.71 -2.49
N GLN C 183 -66.61 35.50 -2.41
CA GLN C 183 -66.69 34.70 -1.21
C GLN C 183 -65.52 35.00 -0.26
N GLN C 184 -65.80 34.86 1.04
CA GLN C 184 -64.79 35.03 2.08
C GLN C 184 -64.18 36.43 2.06
N LYS C 185 -64.97 37.41 1.61
CA LYS C 185 -64.47 38.78 1.50
C LYS C 185 -64.09 39.33 2.87
N GLU C 186 -64.87 38.99 3.90
CA GLU C 186 -64.55 39.45 5.25
C GLU C 186 -63.26 38.83 5.78
N GLU C 187 -62.94 37.61 5.35
CA GLU C 187 -61.84 36.87 5.96
C GLU C 187 -60.47 37.21 5.38
N PHE C 188 -60.40 37.62 4.13
CA PHE C 188 -59.15 38.01 3.48
C PHE C 188 -59.28 39.42 2.94
N ALA C 189 -58.21 40.20 3.07
CA ALA C 189 -58.22 41.60 2.63
C ALA C 189 -57.02 41.87 1.73
N PHE C 190 -57.17 42.89 0.89
CA PHE C 190 -56.14 43.34 -0.04
C PHE C 190 -56.03 44.86 -0.02
N HIS C 191 -55.95 45.43 1.18
CA HIS C 191 -55.86 46.88 1.28
C HIS C 191 -54.54 47.41 0.71
N GLY C 192 -53.44 46.70 0.96
CA GLY C 192 -52.13 47.16 0.55
C GLY C 192 -51.37 46.10 -0.23
N ARG C 193 -50.52 46.59 -1.12
CA ARG C 193 -49.76 45.75 -2.04
C ARG C 193 -48.28 45.89 -1.74
N SER C 194 -47.57 44.77 -1.65
CA SER C 194 -46.14 44.76 -1.36
C SER C 194 -45.47 43.70 -2.22
N ARG C 195 -44.45 44.07 -2.99
CA ARG C 195 -43.73 43.12 -3.85
C ARG C 195 -42.68 42.38 -3.07
N ARG C 196 -41.90 43.08 -2.27
CA ARG C 196 -40.90 42.50 -1.38
C ARG C 196 -41.64 41.72 -0.30
N PRO C 197 -40.95 41.03 0.63
CA PRO C 197 -41.64 40.09 1.53
C PRO C 197 -43.00 40.58 1.96
N PRO C 198 -44.05 39.84 1.65
CA PRO C 198 -45.39 40.42 1.59
C PRO C 198 -46.08 40.43 2.95
N LYS C 199 -47.10 41.29 3.06
CA LYS C 199 -48.11 41.23 4.10
C LYS C 199 -49.43 40.85 3.47
N ASP C 200 -50.34 40.33 4.30
CA ASP C 200 -51.64 39.81 3.88
C ASP C 200 -51.48 38.51 3.11
N ASN C 201 -52.39 37.56 3.33
CA ASN C 201 -52.24 36.23 2.72
C ASN C 201 -52.38 36.30 1.21
N VAL C 202 -53.32 37.10 0.71
CA VAL C 202 -53.57 37.16 -0.72
C VAL C 202 -52.34 37.64 -1.46
N ASN C 203 -51.66 38.64 -0.92
CA ASN C 203 -50.45 39.16 -1.57
C ASN C 203 -49.38 38.08 -1.67
N ALA C 204 -49.19 37.30 -0.60
CA ALA C 204 -48.19 36.24 -0.62
C ALA C 204 -48.55 35.16 -1.62
N MET C 205 -49.83 34.81 -1.72
CA MET C 205 -50.19 33.76 -2.67
C MET C 205 -50.11 34.27 -4.11
N LEU C 206 -50.35 35.58 -4.33
CA LEU C 206 -49.98 36.18 -5.60
C LEU C 206 -48.49 36.06 -5.87
N SER C 207 -47.66 36.26 -4.84
CA SER C 207 -46.22 36.11 -5.03
C SER C 207 -45.87 34.70 -5.46
N PHE C 208 -46.49 33.70 -4.84
CA PHE C 208 -46.21 32.31 -5.21
C PHE C 208 -46.65 32.02 -6.64
N ALA C 209 -47.85 32.48 -7.02
CA ALA C 209 -48.30 32.29 -8.39
C ALA C 209 -47.35 32.99 -9.37
N TYR C 210 -46.85 34.15 -8.98
CA TYR C 210 -45.90 34.87 -9.83
C TYR C 210 -44.62 34.07 -9.99
N THR C 211 -44.14 33.45 -8.93
CA THR C 211 -42.93 32.64 -9.02
C THR C 211 -43.12 31.44 -9.96
N LEU C 212 -44.28 30.79 -9.85
CA LEU C 212 -44.52 29.65 -10.74
C LEU C 212 -44.59 30.10 -12.19
N LEU C 213 -45.31 31.19 -12.46
CA LEU C 213 -45.35 31.71 -13.83
C LEU C 213 -43.96 32.18 -14.27
N ALA C 214 -43.14 32.60 -13.31
CA ALA C 214 -41.77 33.01 -13.61
C ALA C 214 -40.97 31.85 -14.16
N ASN C 215 -40.97 30.73 -13.45
CA ASN C 215 -40.22 29.57 -13.90
C ASN C 215 -40.75 29.09 -15.24
N ASP C 216 -42.08 29.10 -15.39
CA ASP C 216 -42.67 28.67 -16.66
C ASP C 216 -42.22 29.56 -17.82
N VAL C 217 -42.25 30.88 -17.64
CA VAL C 217 -41.88 31.79 -18.73
C VAL C 217 -40.39 31.69 -19.03
N ALA C 218 -39.56 31.50 -18.00
CA ALA C 218 -38.13 31.34 -18.24
C ALA C 218 -37.87 30.12 -19.12
N ALA C 219 -38.50 28.99 -18.79
CA ALA C 219 -38.35 27.82 -19.65
C ALA C 219 -38.93 28.07 -21.04
N ALA C 220 -40.02 28.85 -21.10
CA ALA C 220 -40.65 29.16 -22.38
C ALA C 220 -39.71 29.90 -23.30
N LEU C 221 -38.96 30.86 -22.76
CA LEU C 221 -37.96 31.55 -23.55
C LEU C 221 -36.83 30.59 -23.91
N GLU C 222 -36.31 29.85 -22.93
CA GLU C 222 -35.12 29.04 -23.18
C GLU C 222 -35.36 27.99 -24.26
N THR C 223 -36.59 27.50 -24.40
CA THR C 223 -36.80 26.41 -25.34
C THR C 223 -36.80 26.83 -26.80
N VAL C 224 -36.79 28.13 -27.10
CA VAL C 224 -36.87 28.58 -28.48
C VAL C 224 -35.58 29.21 -29.00
N GLY C 225 -34.72 29.71 -28.11
CA GLY C 225 -33.44 30.28 -28.51
C GLY C 225 -33.18 31.69 -28.02
N LEU C 226 -34.20 32.42 -27.57
CA LEU C 226 -33.98 33.78 -27.12
C LEU C 226 -33.24 33.79 -25.79
N ASP C 227 -32.79 34.97 -25.38
CA ASP C 227 -32.01 35.13 -24.17
C ASP C 227 -32.94 35.10 -22.95
N ALA C 228 -32.41 35.48 -21.80
CA ALA C 228 -33.25 35.69 -20.64
C ALA C 228 -32.99 37.06 -20.04
N TYR C 229 -31.73 37.50 -20.05
CA TYR C 229 -31.26 38.54 -19.16
C TYR C 229 -31.22 39.93 -19.77
N VAL C 230 -31.69 40.12 -21.00
CA VAL C 230 -31.84 41.45 -21.57
C VAL C 230 -33.28 41.61 -22.02
N GLY C 231 -33.94 42.67 -21.55
CA GLY C 231 -35.32 42.93 -21.85
C GLY C 231 -35.52 44.13 -22.75
N PHE C 232 -36.78 44.34 -23.12
CA PHE C 232 -37.17 45.41 -24.03
C PHE C 232 -37.65 46.65 -23.30
N MET C 233 -38.60 46.49 -22.39
CA MET C 233 -39.08 47.59 -21.56
C MET C 233 -38.25 47.72 -20.29
N HIS C 234 -38.12 46.63 -19.54
CA HIS C 234 -37.18 46.62 -18.43
C HIS C 234 -35.77 46.75 -18.95
N GLN C 235 -34.95 47.54 -18.25
CA GLN C 235 -33.58 47.74 -18.68
C GLN C 235 -32.71 46.55 -18.28
N ASP C 236 -31.60 46.38 -19.00
CA ASP C 236 -30.71 45.27 -18.75
C ASP C 236 -30.03 45.41 -17.39
N ARG C 237 -29.77 44.27 -16.75
CA ARG C 237 -29.14 44.25 -15.45
C ARG C 237 -28.61 42.85 -15.21
N PRO C 238 -27.42 42.70 -14.66
CA PRO C 238 -26.88 41.35 -14.43
C PRO C 238 -27.71 40.58 -13.41
N GLY C 239 -28.15 39.39 -13.79
CA GLY C 239 -28.85 38.49 -12.91
C GLY C 239 -30.35 38.58 -12.93
N ARG C 240 -30.94 39.51 -13.68
CA ARG C 240 -32.38 39.67 -13.74
C ARG C 240 -32.85 39.36 -15.15
N ALA C 241 -33.72 38.38 -15.29
CA ALA C 241 -34.23 37.97 -16.60
C ALA C 241 -35.29 38.98 -17.02
N SER C 242 -34.84 40.06 -17.66
CA SER C 242 -35.73 41.19 -17.93
C SER C 242 -36.81 40.83 -18.93
N LEU C 243 -36.48 40.07 -19.98
CA LEU C 243 -37.50 39.62 -20.91
C LEU C 243 -38.53 38.74 -20.21
N ALA C 244 -38.07 37.91 -19.27
CA ALA C 244 -38.99 37.11 -18.50
C ALA C 244 -39.99 37.99 -17.76
N LEU C 245 -39.51 39.04 -17.09
CA LEU C 245 -40.40 39.94 -16.38
C LEU C 245 -41.37 40.65 -17.31
N ASP C 246 -40.90 41.05 -18.50
CA ASP C 246 -41.80 41.72 -19.44
C ASP C 246 -42.95 40.80 -19.84
N LEU C 247 -42.64 39.54 -20.15
CA LEU C 247 -43.71 38.61 -20.51
C LEU C 247 -44.60 38.31 -19.31
N MET C 248 -44.02 38.28 -18.10
CA MET C 248 -44.80 38.09 -16.88
C MET C 248 -45.84 39.17 -16.75
N GLU C 249 -45.43 40.43 -16.95
CA GLU C 249 -46.36 41.54 -16.82
C GLU C 249 -47.41 41.49 -17.91
N GLU C 250 -47.03 41.04 -19.12
CA GLU C 250 -48.03 40.88 -20.17
C GLU C 250 -49.10 39.86 -19.79
N LEU C 251 -48.69 38.74 -19.21
CA LEU C 251 -49.61 37.64 -18.92
C LEU C 251 -50.05 37.57 -17.46
N ARG C 252 -49.83 38.62 -16.69
CA ARG C 252 -50.28 38.61 -15.30
C ARG C 252 -51.77 38.71 -15.16
N GLY C 253 -52.57 38.50 -16.20
CA GLY C 253 -53.99 38.69 -16.08
C GLY C 253 -54.73 37.42 -15.74
N LEU C 254 -55.39 36.82 -16.74
CA LEU C 254 -56.22 35.66 -16.49
C LEU C 254 -55.45 34.53 -15.83
N TYR C 255 -54.17 34.37 -16.17
CA TYR C 255 -53.41 33.19 -15.76
C TYR C 255 -53.01 33.23 -14.28
N ALA C 256 -53.06 34.39 -13.64
CA ALA C 256 -52.62 34.50 -12.25
C ALA C 256 -53.76 34.85 -11.30
N ASP C 257 -54.44 35.97 -11.52
CA ASP C 257 -55.39 36.45 -10.52
C ASP C 257 -56.70 35.66 -10.55
N ARG C 258 -57.11 35.17 -11.71
CA ARG C 258 -58.31 34.34 -11.76
C ARG C 258 -58.10 33.07 -10.95
N PHE C 259 -56.91 32.48 -11.05
CA PHE C 259 -56.57 31.34 -10.19
C PHE C 259 -56.64 31.74 -8.72
N VAL C 260 -56.19 32.96 -8.39
CA VAL C 260 -56.24 33.44 -7.02
C VAL C 260 -57.67 33.47 -6.51
N LEU C 261 -58.58 34.09 -7.27
CA LEU C 261 -59.96 34.20 -6.82
C LEU C 261 -60.63 32.84 -6.76
N SER C 262 -60.31 31.96 -7.71
CA SER C 262 -60.88 30.61 -7.68
C SER C 262 -60.44 29.85 -6.43
N LEU C 263 -59.16 29.96 -6.06
CA LEU C 263 -58.69 29.31 -4.84
C LEU C 263 -59.34 29.93 -3.60
N ILE C 264 -59.45 31.26 -3.57
CA ILE C 264 -60.04 31.92 -2.41
C ILE C 264 -61.53 31.59 -2.30
N ASN C 265 -62.25 31.72 -3.41
CA ASN C 265 -63.65 31.35 -3.41
C ASN C 265 -63.78 29.83 -3.46
N ARG C 266 -65.02 29.35 -3.53
CA ARG C 266 -65.31 27.92 -3.60
C ARG C 266 -64.86 27.20 -2.32
N LYS C 267 -64.34 27.96 -1.36
CA LYS C 267 -63.93 27.42 -0.07
C LYS C 267 -62.95 26.26 -0.23
N GLU C 268 -62.05 26.39 -1.20
CA GLU C 268 -61.04 25.38 -1.47
C GLU C 268 -59.76 25.61 -0.68
N MET C 269 -59.65 26.74 0.02
CA MET C 269 -58.48 27.06 0.82
C MET C 269 -58.95 27.71 2.12
N THR C 270 -58.27 27.36 3.21
CA THR C 270 -58.66 27.82 4.54
C THR C 270 -57.54 28.63 5.17
N ALA C 271 -57.87 29.26 6.29
CA ALA C 271 -56.92 30.12 7.00
C ALA C 271 -55.99 29.35 7.92
N ASP C 272 -56.18 28.04 8.06
CA ASP C 272 -55.31 27.26 8.95
C ASP C 272 -53.92 27.06 8.36
N GLY C 273 -53.75 27.21 7.05
CA GLY C 273 -52.48 27.02 6.40
C GLY C 273 -51.62 28.25 6.23
N PHE C 274 -52.03 29.39 6.77
CA PHE C 274 -51.32 30.64 6.59
C PHE C 274 -50.81 31.14 7.93
N TYR C 275 -49.57 31.65 7.95
CA TYR C 275 -48.89 31.98 9.19
C TYR C 275 -48.33 33.39 9.12
N LYS C 276 -47.59 33.76 10.18
CA LYS C 276 -47.12 35.12 10.38
C LYS C 276 -45.87 35.06 11.24
N LYS C 277 -44.76 35.64 10.74
CA LYS C 277 -43.50 35.67 11.50
C LYS C 277 -42.97 37.11 11.51
N GLU C 278 -43.52 37.92 12.41
CA GLU C 278 -42.94 39.18 12.84
C GLU C 278 -42.82 40.24 11.74
N ASN C 279 -43.16 39.90 10.50
CA ASN C 279 -43.04 40.89 9.42
C ASN C 279 -44.15 40.78 8.39
N GLY C 280 -45.25 40.09 8.68
CA GLY C 280 -46.31 39.87 7.73
C GLY C 280 -46.09 38.69 6.82
N ALA C 281 -44.98 37.97 6.96
CA ALA C 281 -44.68 36.84 6.10
C ALA C 281 -45.75 35.77 6.24
N VAL C 282 -46.18 35.25 5.11
CA VAL C 282 -47.18 34.18 5.07
C VAL C 282 -46.41 32.91 4.74
N LEU C 283 -45.97 32.20 5.78
CA LEU C 283 -45.27 30.93 5.60
C LEU C 283 -46.30 29.89 5.16
N MET C 284 -46.18 29.44 3.91
CA MET C 284 -47.11 28.45 3.39
C MET C 284 -46.89 27.11 4.07
N THR C 285 -47.97 26.52 4.57
CA THR C 285 -47.90 25.21 5.18
C THR C 285 -47.74 24.14 4.10
N ASP C 286 -47.05 23.05 4.45
CA ASP C 286 -46.70 22.04 3.46
C ASP C 286 -47.94 21.45 2.79
N GLU C 287 -48.99 21.16 3.57
CA GLU C 287 -50.22 20.68 2.97
C GLU C 287 -50.84 21.75 2.07
N ALA C 288 -50.74 23.01 2.47
CA ALA C 288 -51.30 24.09 1.68
C ALA C 288 -50.61 24.18 0.33
N ARG C 289 -49.27 24.11 0.32
CA ARG C 289 -48.55 24.18 -0.94
C ARG C 289 -48.76 22.94 -1.78
N LYS C 290 -48.91 21.78 -1.15
CA LYS C 290 -49.21 20.56 -1.91
C LYS C 290 -50.54 20.72 -2.64
N THR C 291 -51.57 21.18 -1.93
CA THR C 291 -52.87 21.42 -2.57
C THR C 291 -52.75 22.48 -3.65
N PHE C 292 -51.95 23.52 -3.41
CA PHE C 292 -51.77 24.58 -4.39
C PHE C 292 -51.19 24.03 -5.67
N LEU C 293 -50.13 23.21 -5.56
CA LEU C 293 -49.49 22.68 -6.75
C LEU C 293 -50.40 21.70 -7.49
N LYS C 294 -51.15 20.88 -6.74
CA LYS C 294 -52.10 19.99 -7.38
C LYS C 294 -53.17 20.78 -8.13
N ALA C 295 -53.68 21.85 -7.52
CA ALA C 295 -54.67 22.68 -8.19
C ALA C 295 -54.07 23.35 -9.42
N TRP C 296 -52.80 23.76 -9.33
CA TRP C 296 -52.14 24.37 -10.48
C TRP C 296 -52.04 23.39 -11.63
N GLN C 297 -51.65 22.14 -11.35
CA GLN C 297 -51.60 21.13 -12.40
C GLN C 297 -52.98 20.89 -12.99
N THR C 298 -53.99 20.79 -12.12
CA THR C 298 -55.35 20.56 -12.61
C THR C 298 -55.81 21.69 -13.52
N LYS C 299 -55.54 22.93 -13.13
CA LYS C 299 -55.87 24.07 -13.97
C LYS C 299 -55.12 24.01 -15.28
N LYS C 300 -53.84 23.63 -15.23
CA LYS C 300 -53.06 23.51 -16.46
C LYS C 300 -53.66 22.48 -17.40
N GLN C 301 -54.34 21.47 -16.85
CA GLN C 301 -54.99 20.50 -17.72
C GLN C 301 -56.26 21.02 -18.38
N GLU C 302 -56.79 22.15 -17.93
CA GLU C 302 -58.04 22.67 -18.48
C GLU C 302 -57.86 23.12 -19.92
N LYS C 303 -58.84 22.80 -20.76
CA LYS C 303 -58.80 23.14 -22.17
C LYS C 303 -59.38 24.53 -22.41
N ILE C 304 -58.74 25.29 -23.30
CA ILE C 304 -59.23 26.57 -23.78
C ILE C 304 -58.93 26.69 -25.26
N THR C 305 -59.28 27.85 -25.82
CA THR C 305 -59.04 28.16 -27.23
C THR C 305 -58.14 29.38 -27.30
N HIS C 306 -57.14 29.33 -28.17
CA HIS C 306 -56.26 30.48 -28.35
C HIS C 306 -57.03 31.61 -29.03
N PRO C 307 -56.99 32.82 -28.48
CA PRO C 307 -57.70 33.94 -29.14
C PRO C 307 -57.20 34.24 -30.54
N TYR C 308 -55.91 34.04 -30.80
CA TYR C 308 -55.34 34.39 -32.10
C TYR C 308 -55.36 33.23 -33.07
N LEU C 309 -54.70 32.12 -32.71
CA LEU C 309 -54.67 30.96 -33.60
C LEU C 309 -56.04 30.31 -33.73
N GLY C 310 -56.77 30.19 -32.61
CA GLY C 310 -58.06 29.55 -32.61
C GLY C 310 -58.04 28.07 -32.31
N GLU C 311 -56.87 27.45 -32.21
CA GLU C 311 -56.77 26.02 -31.98
C GLU C 311 -56.94 25.69 -30.51
N LYS C 312 -57.72 24.65 -30.23
CA LYS C 312 -57.94 24.20 -28.87
C LYS C 312 -56.65 23.64 -28.28
N MET C 313 -56.37 23.99 -27.03
CA MET C 313 -55.17 23.50 -26.36
C MET C 313 -55.40 23.54 -24.86
N SER C 314 -54.33 23.24 -24.12
CA SER C 314 -54.34 23.28 -22.68
C SER C 314 -53.94 24.67 -22.20
N TRP C 315 -54.04 24.90 -20.89
CA TRP C 315 -53.52 26.13 -20.31
C TRP C 315 -52.00 26.08 -20.22
N GLY C 316 -51.44 24.91 -19.93
CA GLY C 316 -50.00 24.78 -19.78
C GLY C 316 -49.22 25.11 -21.03
N LEU C 317 -49.84 25.01 -22.20
CA LEU C 317 -49.19 25.37 -23.45
C LEU C 317 -49.44 26.81 -23.85
N VAL C 318 -50.26 27.55 -23.11
CA VAL C 318 -50.53 28.95 -23.48
C VAL C 318 -49.27 29.80 -23.47
N PRO C 319 -48.40 29.76 -22.44
CA PRO C 319 -47.18 30.58 -22.50
C PRO C 319 -46.25 30.20 -23.64
N TYR C 320 -45.83 28.94 -23.71
CA TYR C 320 -44.79 28.58 -24.67
C TYR C 320 -45.18 29.00 -26.07
N VAL C 321 -46.38 28.61 -26.51
CA VAL C 321 -46.85 28.96 -27.85
C VAL C 321 -46.81 30.46 -28.04
N GLN C 322 -47.34 31.20 -27.07
CA GLN C 322 -47.29 32.66 -27.13
C GLN C 322 -45.86 33.13 -27.30
N ALA C 323 -44.96 32.66 -26.44
CA ALA C 323 -43.56 33.05 -26.54
C ALA C 323 -42.99 32.68 -27.89
N LEU C 324 -43.43 31.54 -28.44
CA LEU C 324 -42.89 31.11 -29.71
C LEU C 324 -43.23 32.11 -30.82
N LEU C 325 -44.41 32.73 -30.74
CA LEU C 325 -44.76 33.73 -31.74
C LEU C 325 -43.79 34.90 -31.68
N LEU C 326 -43.29 35.22 -30.49
CA LEU C 326 -42.26 36.24 -30.36
C LEU C 326 -41.08 35.92 -31.26
N ALA C 327 -40.66 34.65 -31.28
CA ALA C 327 -39.58 34.25 -32.18
C ALA C 327 -39.94 34.56 -33.62
N ARG C 328 -41.15 34.20 -34.04
CA ARG C 328 -41.55 34.47 -35.42
C ARG C 328 -41.68 35.96 -35.70
N PHE C 329 -41.73 36.78 -34.66
CA PHE C 329 -41.64 38.23 -34.88
C PHE C 329 -40.20 38.62 -35.20
N LEU C 330 -39.23 38.07 -34.48
CA LEU C 330 -37.84 38.45 -34.67
C LEU C 330 -37.23 37.82 -35.91
N ARG C 331 -37.93 36.90 -36.56
CA ARG C 331 -37.45 36.30 -37.79
C ARG C 331 -37.98 37.00 -39.03
N GLY C 332 -38.78 38.05 -38.87
CA GLY C 332 -39.24 38.85 -39.98
C GLY C 332 -40.54 38.39 -40.61
N ASP C 333 -41.19 37.37 -40.06
CA ASP C 333 -42.46 36.89 -40.61
C ASP C 333 -43.65 37.63 -40.03
N LEU C 334 -43.47 38.39 -38.95
CA LEU C 334 -44.55 39.10 -38.29
C LEU C 334 -44.32 40.60 -38.34
N ASP C 335 -45.43 41.34 -38.36
CA ASP C 335 -45.38 42.80 -38.36
C ASP C 335 -45.43 43.39 -36.94
N GLU C 336 -46.12 42.72 -36.02
CA GLU C 336 -46.16 43.13 -34.63
C GLU C 336 -46.25 41.87 -33.78
N TYR C 337 -46.54 42.04 -32.49
CA TYR C 337 -46.66 40.93 -31.55
C TYR C 337 -47.91 41.08 -30.70
N PRO C 338 -49.08 40.68 -31.22
CA PRO C 338 -50.31 40.77 -30.43
C PRO C 338 -50.49 39.55 -29.57
N PRO C 339 -50.43 39.69 -28.24
CA PRO C 339 -50.80 38.56 -27.38
C PRO C 339 -52.31 38.39 -27.24
N PHE C 340 -53.01 39.51 -27.03
CA PHE C 340 -54.46 39.55 -26.89
C PHE C 340 -54.88 40.93 -27.42
N LEU C 341 -55.15 41.00 -28.72
CA LEU C 341 -55.32 42.28 -29.38
C LEU C 341 -56.20 42.12 -30.61
N TRP C 342 -56.87 43.22 -30.99
CA TRP C 342 -57.83 43.19 -32.07
C TRP C 342 -57.15 43.33 -33.42
N LYS C 343 -56.48 44.46 -33.65
CA LYS C 343 -55.77 44.76 -34.90
C LYS C 343 -56.67 44.58 -36.13
N MET D 1 -5.07 27.55 -15.25
CA MET D 1 -4.70 26.74 -14.09
C MET D 1 -5.66 25.55 -13.99
N LYS D 2 -6.61 25.48 -14.93
CA LYS D 2 -7.52 24.35 -14.96
C LYS D 2 -6.77 23.06 -15.31
N LYS D 3 -7.36 21.93 -14.94
CA LYS D 3 -6.77 20.62 -15.19
C LYS D 3 -7.60 19.85 -16.20
N LEU D 4 -6.91 19.05 -17.01
CA LEU D 4 -7.57 18.27 -18.05
C LEU D 4 -8.39 17.14 -17.45
N LEU D 5 -9.48 16.78 -18.14
CA LEU D 5 -10.31 15.65 -17.76
C LEU D 5 -10.41 14.66 -18.91
N ASN D 6 -10.80 13.43 -18.56
CA ASN D 6 -10.78 12.32 -19.51
C ASN D 6 -11.89 12.46 -20.54
N THR D 7 -12.04 11.42 -21.36
CA THR D 7 -13.08 11.36 -22.37
C THR D 7 -13.42 9.89 -22.57
N LEU D 8 -14.70 9.62 -22.81
CA LEU D 8 -15.21 8.26 -22.93
C LEU D 8 -15.67 8.01 -24.35
N TYR D 9 -15.16 6.95 -24.96
CA TYR D 9 -15.49 6.57 -26.33
C TYR D 9 -16.34 5.30 -26.30
N VAL D 10 -17.47 5.32 -27.00
CA VAL D 10 -18.35 4.17 -27.09
C VAL D 10 -18.35 3.69 -28.53
N THR D 11 -17.95 2.44 -28.73
CA THR D 11 -17.91 1.84 -30.06
C THR D 11 -18.89 0.70 -30.25
N GLN D 12 -19.30 0.04 -29.17
CA GLN D 12 -20.26 -1.05 -29.30
C GLN D 12 -21.59 -0.50 -29.78
N PRO D 13 -22.17 -1.06 -30.84
CA PRO D 13 -23.48 -0.61 -31.28
C PRO D 13 -24.60 -1.08 -30.36
N ASP D 14 -25.73 -0.39 -30.45
CA ASP D 14 -26.95 -0.77 -29.73
C ASP D 14 -26.74 -0.83 -28.22
N THR D 15 -25.98 0.12 -27.69
CA THR D 15 -25.84 0.25 -26.25
C THR D 15 -26.83 1.29 -25.74
N TYR D 16 -26.72 1.64 -24.47
CA TYR D 16 -27.62 2.62 -23.88
C TYR D 16 -26.90 3.30 -22.72
N LEU D 17 -26.88 4.62 -22.73
CA LEU D 17 -26.30 5.40 -21.64
C LEU D 17 -27.42 5.77 -20.67
N SER D 18 -27.20 5.49 -19.39
CA SER D 18 -28.21 5.79 -18.38
C SER D 18 -27.55 6.46 -17.19
N LEU D 19 -28.34 7.25 -16.47
CA LEU D 19 -27.87 7.99 -15.32
C LEU D 19 -28.23 7.24 -14.04
N ASP D 20 -27.35 7.29 -13.06
CA ASP D 20 -27.69 6.85 -11.71
C ASP D 20 -26.91 7.74 -10.74
N GLY D 21 -27.60 8.70 -10.14
CA GLY D 21 -26.92 9.62 -9.26
C GLY D 21 -25.96 10.50 -10.01
N ASP D 22 -24.66 10.23 -9.85
CA ASP D 22 -23.62 10.92 -10.60
C ASP D 22 -22.81 9.95 -11.45
N ASN D 23 -23.33 8.77 -11.71
CA ASN D 23 -22.61 7.76 -12.48
C ASN D 23 -23.32 7.55 -13.81
N VAL D 24 -22.53 7.41 -14.87
CA VAL D 24 -23.07 6.99 -16.16
C VAL D 24 -22.87 5.49 -16.28
N VAL D 25 -23.93 4.77 -16.61
CA VAL D 25 -23.89 3.33 -16.74
C VAL D 25 -24.21 2.97 -18.18
N LEU D 26 -23.53 1.94 -18.69
CA LEU D 26 -23.80 1.45 -20.03
C LEU D 26 -24.57 0.13 -19.92
N LEU D 27 -25.70 0.07 -20.60
CA LEU D 27 -26.53 -1.12 -20.63
C LEU D 27 -26.68 -1.58 -22.07
N LYS D 28 -27.06 -2.85 -22.23
CA LYS D 28 -27.53 -3.33 -23.52
C LYS D 28 -28.44 -4.54 -23.23
N GLU D 29 -29.76 -4.30 -23.28
CA GLU D 29 -30.75 -5.28 -22.86
C GLU D 29 -30.50 -5.71 -21.41
N GLN D 30 -30.46 -4.71 -20.53
CA GLN D 30 -30.24 -4.90 -19.10
C GLN D 30 -29.05 -5.80 -18.80
N GLU D 31 -27.88 -5.38 -19.30
CA GLU D 31 -26.61 -6.03 -18.98
C GLU D 31 -25.60 -4.93 -18.68
N LYS D 32 -25.32 -4.71 -17.40
CA LYS D 32 -24.47 -3.59 -16.99
C LYS D 32 -23.04 -3.85 -17.45
N LEU D 33 -22.60 -3.13 -18.49
CA LEU D 33 -21.23 -3.24 -18.95
C LEU D 33 -20.27 -2.52 -18.01
N GLY D 34 -20.66 -1.36 -17.51
CA GLY D 34 -19.80 -0.65 -16.59
C GLY D 34 -20.40 0.69 -16.23
N ARG D 35 -19.92 1.24 -15.12
CA ARG D 35 -20.34 2.54 -14.64
C ARG D 35 -19.13 3.39 -14.34
N LEU D 36 -19.17 4.64 -14.78
CA LEU D 36 -18.10 5.59 -14.59
C LEU D 36 -18.61 6.82 -13.86
N PRO D 37 -17.91 7.29 -12.84
CA PRO D 37 -18.30 8.54 -12.17
C PRO D 37 -18.13 9.72 -13.12
N LEU D 38 -19.06 10.67 -13.03
CA LEU D 38 -19.12 11.78 -13.96
C LEU D 38 -18.43 13.04 -13.44
N HIS D 39 -17.80 12.98 -12.28
CA HIS D 39 -17.11 14.16 -11.78
C HIS D 39 -15.69 14.29 -12.32
N ASN D 40 -15.20 13.30 -13.06
CA ASN D 40 -13.90 13.37 -13.72
C ASN D 40 -14.02 12.93 -15.18
N LEU D 41 -15.01 13.50 -15.87
CA LEU D 41 -15.10 13.37 -17.32
C LEU D 41 -15.20 14.76 -17.90
N GLU D 42 -14.72 14.92 -19.14
CA GLU D 42 -14.86 16.19 -19.85
C GLU D 42 -15.82 16.09 -21.02
N ALA D 43 -15.88 14.94 -21.69
CA ALA D 43 -16.77 14.78 -22.83
C ALA D 43 -17.10 13.31 -22.98
N ILE D 44 -18.15 13.04 -23.76
CA ILE D 44 -18.58 11.69 -24.06
C ILE D 44 -18.88 11.60 -25.54
N VAL D 45 -18.29 10.62 -26.21
CA VAL D 45 -18.42 10.45 -27.65
C VAL D 45 -18.96 9.05 -27.92
N GLY D 46 -19.91 8.95 -28.83
CA GLY D 46 -20.52 7.67 -29.14
C GLY D 46 -20.53 7.39 -30.63
N PHE D 47 -20.30 6.12 -30.97
CA PHE D 47 -20.41 5.64 -32.34
C PHE D 47 -21.68 4.82 -32.51
N GLY D 48 -22.09 4.65 -33.76
CA GLY D 48 -23.25 3.83 -34.04
C GLY D 48 -24.53 4.43 -33.48
N TYR D 49 -25.48 3.55 -33.17
CA TYR D 49 -26.77 3.94 -32.60
C TYR D 49 -26.75 3.73 -31.10
N THR D 50 -26.40 4.80 -30.37
CA THR D 50 -26.43 4.79 -28.91
C THR D 50 -27.36 5.90 -28.43
N GLY D 51 -28.21 5.56 -27.46
CA GLY D 51 -29.14 6.53 -26.92
C GLY D 51 -28.76 6.98 -25.52
N ALA D 52 -29.36 8.06 -25.06
CA ALA D 52 -29.04 8.61 -23.75
C ALA D 52 -30.33 8.93 -23.00
N SER D 53 -30.27 8.81 -21.70
CA SER D 53 -31.41 9.12 -20.85
C SER D 53 -31.54 10.63 -20.69
N PRO D 54 -32.72 11.20 -20.95
CA PRO D 54 -32.86 12.67 -20.89
C PRO D 54 -32.39 13.28 -19.59
N ALA D 55 -32.49 12.55 -18.48
CA ALA D 55 -31.86 13.03 -17.25
C ALA D 55 -30.36 13.18 -17.43
N LEU D 56 -29.73 12.25 -18.14
CA LEU D 56 -28.28 12.34 -18.35
C LEU D 56 -27.92 13.54 -19.20
N MET D 57 -28.68 13.78 -20.27
CA MET D 57 -28.39 14.96 -21.09
C MET D 57 -28.56 16.23 -20.27
N GLY D 58 -29.61 16.29 -19.44
CA GLY D 58 -29.78 17.46 -18.59
C GLY D 58 -28.63 17.66 -17.62
N TYR D 59 -28.19 16.58 -16.97
CA TYR D 59 -27.08 16.66 -16.04
C TYR D 59 -25.81 17.15 -16.71
N CYS D 60 -25.45 16.54 -17.84
CA CYS D 60 -24.23 16.93 -18.54
C CYS D 60 -24.31 18.35 -19.05
N ALA D 61 -25.46 18.75 -19.60
CA ALA D 61 -25.59 20.12 -20.09
C ALA D 61 -25.45 21.12 -18.95
N GLU D 62 -26.01 20.81 -17.78
CA GLU D 62 -25.90 21.75 -16.67
C GLU D 62 -24.46 21.86 -16.17
N ARG D 63 -23.73 20.74 -16.09
CA ARG D 63 -22.45 20.73 -15.41
C ARG D 63 -21.24 20.86 -16.35
N ASN D 64 -21.44 21.38 -17.56
CA ASN D 64 -20.35 21.59 -18.52
C ASN D 64 -19.61 20.28 -18.82
N ILE D 65 -20.35 19.35 -19.41
CA ILE D 65 -19.80 18.12 -19.99
C ILE D 65 -20.46 17.94 -21.34
N SER D 66 -19.66 17.76 -22.37
CA SER D 66 -20.15 17.83 -23.75
C SER D 66 -20.41 16.43 -24.29
N ILE D 67 -21.62 16.20 -24.75
CA ILE D 67 -21.99 14.93 -25.36
C ILE D 67 -21.97 15.10 -26.87
N THR D 68 -21.36 14.15 -27.58
CA THR D 68 -21.27 14.22 -29.02
C THR D 68 -21.55 12.86 -29.63
N PHE D 69 -22.29 12.85 -30.73
CA PHE D 69 -22.66 11.62 -31.42
C PHE D 69 -21.96 11.56 -32.78
N LEU D 70 -21.45 10.39 -33.15
CA LEU D 70 -20.70 10.22 -34.39
C LEU D 70 -21.14 8.94 -35.09
N THR D 71 -20.66 8.74 -36.32
CA THR D 71 -21.11 7.63 -37.15
C THR D 71 -19.97 7.13 -38.02
N LYS D 72 -19.43 5.96 -37.69
CA LYS D 72 -18.51 5.20 -38.55
C LYS D 72 -17.23 5.94 -38.86
N ASN D 73 -17.33 7.03 -39.62
CA ASN D 73 -16.15 7.78 -40.04
C ASN D 73 -16.23 9.23 -39.54
N GLY D 74 -16.58 9.39 -38.27
CA GLY D 74 -16.57 10.72 -37.66
C GLY D 74 -17.48 11.72 -38.33
N ARG D 75 -18.52 11.25 -39.02
CA ARG D 75 -19.47 12.14 -39.65
C ARG D 75 -20.30 12.82 -38.57
N PHE D 76 -20.01 14.10 -38.31
CA PHE D 76 -20.57 14.79 -37.16
C PHE D 76 -22.08 14.80 -37.17
N LEU D 77 -22.68 14.64 -36.01
CA LEU D 77 -24.13 14.56 -35.86
C LEU D 77 -24.52 14.81 -34.42
N ALA D 78 -25.47 15.71 -34.21
CA ALA D 78 -26.18 15.85 -32.94
C ALA D 78 -25.24 16.13 -31.77
N ARG D 79 -24.67 17.34 -31.79
CA ARG D 79 -24.01 17.86 -30.60
C ARG D 79 -25.05 18.18 -29.53
N VAL D 80 -24.62 18.15 -28.27
CA VAL D 80 -25.50 18.44 -27.14
C VAL D 80 -25.15 19.81 -26.59
N VAL D 81 -26.07 20.75 -26.69
CA VAL D 81 -25.87 22.13 -26.29
C VAL D 81 -26.90 22.49 -25.22
N GLY D 82 -26.46 23.22 -24.21
CA GLY D 82 -27.31 23.54 -23.08
C GLY D 82 -28.09 24.82 -23.22
N GLU D 83 -27.80 25.79 -22.35
CA GLU D 83 -28.56 27.04 -22.30
C GLU D 83 -27.65 28.24 -22.11
N SER D 84 -28.22 29.40 -21.81
CA SER D 84 -27.47 30.61 -21.57
C SER D 84 -27.27 30.79 -20.06
N ARG D 85 -26.01 30.83 -19.63
CA ARG D 85 -25.67 30.79 -18.21
C ARG D 85 -25.40 32.16 -17.59
N GLY D 86 -25.36 33.23 -18.38
CA GLY D 86 -25.15 34.57 -17.87
C GLY D 86 -23.91 35.22 -18.48
N ASN D 87 -23.29 36.11 -17.70
CA ASN D 87 -22.24 37.00 -18.20
C ASN D 87 -22.68 37.68 -19.49
N VAL D 88 -23.76 38.46 -19.37
CA VAL D 88 -24.41 39.01 -20.56
C VAL D 88 -23.59 40.12 -21.17
N VAL D 89 -22.79 40.83 -20.37
CA VAL D 89 -21.98 41.91 -20.91
C VAL D 89 -20.94 41.37 -21.88
N LEU D 90 -20.38 40.20 -21.61
CA LEU D 90 -19.39 39.61 -22.51
C LEU D 90 -20.01 39.31 -23.87
N ARG D 91 -21.22 38.73 -23.87
CA ARG D 91 -21.93 38.50 -25.13
C ARG D 91 -22.28 39.81 -25.81
N LYS D 92 -22.66 40.83 -25.03
CA LYS D 92 -22.91 42.14 -25.62
C LYS D 92 -21.70 42.66 -26.37
N THR D 93 -20.52 42.60 -25.73
CA THR D 93 -19.30 43.04 -26.37
C THR D 93 -19.03 42.24 -27.63
N GLN D 94 -19.12 40.91 -27.55
CA GLN D 94 -18.81 40.10 -28.71
C GLN D 94 -19.77 40.37 -29.86
N TYR D 95 -21.05 40.56 -29.56
CA TYR D 95 -22.03 40.85 -30.61
C TYR D 95 -21.84 42.24 -31.20
N ARG D 96 -21.29 43.19 -30.43
CA ARG D 96 -21.01 44.51 -30.99
C ARG D 96 -19.76 44.48 -31.86
N ILE D 97 -18.73 43.73 -31.46
CA ILE D 97 -17.49 43.67 -32.22
C ILE D 97 -17.72 43.10 -33.61
N SER D 98 -18.63 42.14 -33.75
CA SER D 98 -18.95 41.64 -35.07
C SER D 98 -19.60 42.73 -35.92
N GLU D 99 -19.82 42.41 -37.19
CA GLU D 99 -20.42 43.29 -38.22
C GLU D 99 -19.75 44.67 -38.28
N ASN D 100 -18.53 44.78 -37.76
CA ASN D 100 -17.71 45.99 -37.90
C ASN D 100 -16.34 45.57 -38.40
N ASP D 101 -16.01 45.99 -39.62
CA ASP D 101 -14.90 45.38 -40.34
C ASP D 101 -13.54 45.71 -39.74
N GLN D 102 -13.41 46.78 -38.95
CA GLN D 102 -12.11 47.13 -38.41
C GLN D 102 -11.64 46.09 -37.39
N GLU D 103 -12.45 45.86 -36.35
CA GLU D 103 -12.08 44.86 -35.36
C GLU D 103 -12.07 43.46 -35.97
N SER D 104 -12.98 43.20 -36.90
CA SER D 104 -13.00 41.90 -37.56
C SER D 104 -11.70 41.66 -38.32
N THR D 105 -11.20 42.67 -39.02
CA THR D 105 -9.97 42.47 -39.77
C THR D 105 -8.76 42.41 -38.85
N LYS D 106 -8.83 43.07 -37.69
CA LYS D 106 -7.76 42.89 -36.70
C LYS D 106 -7.69 41.44 -36.24
N ILE D 107 -8.84 40.86 -35.90
CA ILE D 107 -8.83 39.49 -35.40
C ILE D 107 -8.44 38.51 -36.51
N ALA D 108 -8.90 38.76 -37.74
CA ALA D 108 -8.47 37.93 -38.86
C ALA D 108 -6.97 38.03 -39.07
N ARG D 109 -6.43 39.25 -38.95
CA ARG D 109 -5.00 39.45 -39.04
C ARG D 109 -4.26 38.54 -38.07
N ASN D 110 -4.66 38.57 -36.80
CA ASN D 110 -3.94 37.76 -35.81
C ASN D 110 -4.14 36.27 -36.06
N PHE D 111 -5.35 35.85 -36.41
CA PHE D 111 -5.60 34.43 -36.65
C PHE D 111 -4.70 33.88 -37.76
N ILE D 112 -4.73 34.53 -38.93
CA ILE D 112 -3.97 33.99 -40.04
C ILE D 112 -2.48 34.22 -39.83
N THR D 113 -2.09 35.25 -39.08
CA THR D 113 -0.69 35.39 -38.71
C THR D 113 -0.22 34.19 -37.92
N GLY D 114 -1.00 33.75 -36.94
CA GLY D 114 -0.65 32.55 -36.20
C GLY D 114 -0.55 31.33 -37.09
N LYS D 115 -1.52 31.18 -38.00
CA LYS D 115 -1.52 30.02 -38.89
C LYS D 115 -0.25 29.97 -39.74
N VAL D 116 0.08 31.09 -40.38
CA VAL D 116 1.26 31.15 -41.23
C VAL D 116 2.52 30.90 -40.42
N TYR D 117 2.62 31.51 -39.23
CA TYR D 117 3.81 31.31 -38.40
C TYR D 117 4.00 29.85 -38.07
N ASN D 118 2.92 29.17 -37.65
CA ASN D 118 3.04 27.75 -37.31
C ASN D 118 3.47 26.93 -38.52
N SER D 119 2.83 27.14 -39.68
CA SER D 119 3.17 26.34 -40.85
C SER D 119 4.63 26.52 -41.24
N LYS D 120 5.06 27.78 -41.39
CA LYS D 120 6.44 28.05 -41.78
C LYS D 120 7.43 27.47 -40.80
N TRP D 121 7.22 27.71 -39.50
CA TRP D 121 8.23 27.30 -38.53
C TRP D 121 8.27 25.78 -38.42
N MET D 122 7.12 25.11 -38.54
CA MET D 122 7.12 23.66 -38.53
C MET D 122 7.87 23.09 -39.72
N LEU D 123 7.68 23.70 -40.90
CA LEU D 123 8.41 23.24 -42.07
C LEU D 123 9.91 23.43 -41.90
N GLU D 124 10.33 24.57 -41.36
CA GLU D 124 11.75 24.78 -41.11
C GLU D 124 12.28 23.79 -40.10
N ARG D 125 11.51 23.50 -39.06
CA ARG D 125 11.96 22.52 -38.07
C ARG D 125 12.20 21.17 -38.73
N MET D 126 11.22 20.71 -39.53
CA MET D 126 11.34 19.41 -40.17
C MET D 126 12.54 19.36 -41.11
N THR D 127 12.80 20.44 -41.84
CA THR D 127 14.03 20.44 -42.64
C THR D 127 15.27 20.59 -41.77
N ARG D 128 15.11 20.93 -40.49
CA ARG D 128 16.28 21.06 -39.62
C ARG D 128 16.70 19.73 -39.00
N GLU D 129 15.76 18.84 -38.67
CA GLU D 129 16.26 17.59 -38.05
C GLU D 129 17.07 16.74 -39.02
N HIS D 130 16.44 16.25 -40.10
CA HIS D 130 17.10 15.30 -40.99
C HIS D 130 17.16 15.87 -42.41
N PRO D 131 18.29 16.46 -42.81
CA PRO D 131 18.37 17.12 -44.12
C PRO D 131 18.67 16.19 -45.28
N LEU D 132 18.99 14.92 -45.02
CA LEU D 132 19.37 14.02 -46.10
C LEU D 132 18.18 13.62 -46.95
N ARG D 133 17.01 13.42 -46.32
CA ARG D 133 15.88 12.85 -47.04
C ARG D 133 15.35 13.80 -48.12
N VAL D 134 15.23 15.08 -47.81
CA VAL D 134 14.60 16.03 -48.73
C VAL D 134 15.60 17.10 -49.15
N ASN D 135 15.15 18.03 -49.99
CA ASN D 135 15.97 19.14 -50.43
C ASN D 135 15.77 20.30 -49.46
N VAL D 136 16.82 20.64 -48.70
CA VAL D 136 16.74 21.75 -47.76
C VAL D 136 16.45 23.05 -48.51
N GLU D 137 17.19 23.29 -49.58
CA GLU D 137 17.12 24.55 -50.32
C GLU D 137 15.67 24.96 -50.58
N GLN D 138 14.94 24.14 -51.35
CA GLN D 138 13.57 24.50 -51.69
C GLN D 138 12.74 24.74 -50.43
N PHE D 139 12.90 23.88 -49.43
CA PHE D 139 12.17 24.09 -48.18
C PHE D 139 12.46 25.47 -47.63
N LYS D 140 13.75 25.80 -47.49
CA LYS D 140 14.13 27.14 -47.07
C LYS D 140 13.46 28.19 -47.94
N ALA D 141 13.47 27.96 -49.26
CA ALA D 141 12.79 28.84 -50.19
C ALA D 141 11.40 29.18 -49.68
N THR D 142 10.55 28.16 -49.55
CA THR D 142 9.18 28.39 -49.13
C THR D 142 9.14 29.27 -47.89
N SER D 143 10.01 28.96 -46.93
CA SER D 143 10.11 29.71 -45.69
C SER D 143 10.08 31.22 -45.95
N GLN D 144 11.07 31.74 -46.70
CA GLN D 144 11.16 33.19 -46.77
C GLN D 144 9.91 33.78 -47.40
N LEU D 145 9.34 33.09 -48.40
CA LEU D 145 8.19 33.70 -49.06
C LEU D 145 7.01 33.76 -48.10
N LEU D 146 6.83 32.73 -47.26
CA LEU D 146 5.83 32.86 -46.20
C LEU D 146 6.17 34.01 -45.28
N SER D 147 7.44 34.15 -44.90
CA SER D 147 7.85 35.31 -44.13
C SER D 147 7.44 36.59 -44.85
N VAL D 148 7.59 36.61 -46.18
CA VAL D 148 7.15 37.78 -46.94
C VAL D 148 5.69 38.07 -46.66
N MET D 149 4.84 37.04 -46.81
CA MET D 149 3.41 37.25 -46.60
C MET D 149 3.15 37.76 -45.19
N MET D 150 3.99 37.39 -44.23
CA MET D 150 3.80 37.84 -42.87
C MET D 150 3.77 39.35 -42.80
N GLN D 151 4.76 40.01 -43.42
CA GLN D 151 4.74 41.48 -43.36
C GLN D 151 3.43 42.00 -43.94
N GLU D 152 3.00 41.41 -45.05
CA GLU D 152 1.77 41.87 -45.69
C GLU D 152 0.60 41.73 -44.75
N ILE D 153 0.51 40.59 -44.04
CA ILE D 153 -0.68 40.37 -43.22
C ILE D 153 -0.73 41.38 -42.09
N ARG D 154 0.44 41.87 -41.65
CA ARG D 154 0.43 42.85 -40.58
C ARG D 154 0.03 44.23 -41.10
N ASN D 155 0.27 44.50 -42.38
CA ASN D 155 -0.13 45.76 -42.98
C ASN D 155 -1.46 45.62 -43.72
N CYS D 156 -2.47 45.16 -42.99
CA CYS D 156 -3.77 44.87 -43.59
C CYS D 156 -4.87 45.56 -42.80
N ASP D 157 -5.90 45.99 -43.52
CA ASP D 157 -7.03 46.68 -42.92
C ASP D 157 -8.38 46.18 -43.42
N SER D 158 -8.43 45.27 -44.39
CA SER D 158 -9.68 44.82 -44.98
C SER D 158 -9.75 43.30 -44.96
N LEU D 159 -10.91 42.78 -44.56
CA LEU D 159 -11.11 41.34 -44.53
C LEU D 159 -11.09 40.74 -45.93
N GLU D 160 -11.70 41.43 -46.91
CA GLU D 160 -11.77 40.89 -48.26
C GLU D 160 -10.40 40.66 -48.86
N SER D 161 -9.38 41.38 -48.37
CA SER D 161 -8.03 41.12 -48.85
C SER D 161 -7.51 39.77 -48.34
N LEU D 162 -7.66 39.51 -47.04
CA LEU D 162 -7.00 38.37 -46.41
C LEU D 162 -7.43 37.06 -47.04
N ARG D 163 -8.72 36.92 -47.37
CA ARG D 163 -9.19 35.70 -48.01
C ARG D 163 -8.33 35.37 -49.22
N GLY D 164 -8.07 36.37 -50.06
CA GLY D 164 -7.21 36.13 -51.22
C GLY D 164 -5.85 35.61 -50.79
N TRP D 165 -5.24 36.25 -49.80
CA TRP D 165 -3.95 35.79 -49.31
C TRP D 165 -4.05 34.37 -48.77
N GLU D 166 -5.21 34.01 -48.22
CA GLU D 166 -5.43 32.64 -47.78
C GLU D 166 -5.07 31.67 -48.89
N GLY D 167 -5.57 31.93 -50.09
CA GLY D 167 -5.29 31.03 -51.20
C GLY D 167 -3.80 30.83 -51.42
N GLN D 168 -3.02 31.91 -51.28
CA GLN D 168 -1.58 31.79 -51.42
C GLN D 168 -1.01 30.83 -50.39
N ALA D 169 -1.35 31.03 -49.12
CA ALA D 169 -0.91 30.09 -48.10
C ALA D 169 -1.55 28.72 -48.28
N ALA D 170 -2.63 28.64 -49.04
CA ALA D 170 -3.26 27.38 -49.38
C ALA D 170 -2.70 26.76 -50.66
N ILE D 171 -1.90 27.49 -51.42
CA ILE D 171 -1.24 26.93 -52.59
C ILE D 171 0.27 26.98 -52.52
N ASN D 172 0.83 27.73 -51.56
CA ASN D 172 2.27 27.73 -51.36
C ASN D 172 2.73 26.75 -50.30
N TYR D 173 1.81 25.93 -49.76
CA TYR D 173 2.17 24.89 -48.82
C TYR D 173 1.81 23.50 -49.29
N ASN D 174 0.73 23.33 -50.06
CA ASN D 174 0.36 22.01 -50.55
C ASN D 174 1.48 21.38 -51.37
N LYS D 175 2.21 22.20 -52.13
CA LYS D 175 3.31 21.68 -52.94
C LYS D 175 4.40 21.06 -52.10
N VAL D 176 4.46 21.36 -50.81
CA VAL D 176 5.40 20.69 -49.91
C VAL D 176 4.79 19.45 -49.27
N PHE D 177 3.46 19.41 -49.10
CA PHE D 177 2.85 18.37 -48.27
C PHE D 177 3.14 16.98 -48.77
N ASP D 178 3.12 16.77 -50.09
CA ASP D 178 3.35 15.43 -50.61
C ASP D 178 4.76 14.94 -50.29
N GLN D 179 5.72 15.85 -50.15
CA GLN D 179 7.07 15.48 -49.80
C GLN D 179 7.26 15.35 -48.29
N MET D 180 6.19 15.53 -47.51
CA MET D 180 6.28 15.47 -46.06
C MET D 180 6.56 14.06 -45.57
N ILE D 181 6.08 13.04 -46.29
CA ILE D 181 6.21 11.65 -45.87
C ILE D 181 7.65 11.20 -46.02
N LEU D 182 8.02 10.19 -45.23
CA LEU D 182 9.32 9.54 -45.37
C LEU D 182 9.19 8.06 -45.73
N GLN D 183 8.36 7.30 -45.01
CA GLN D 183 8.31 5.86 -45.14
C GLN D 183 6.95 5.43 -45.68
N GLN D 184 6.92 4.21 -46.22
CA GLN D 184 5.68 3.58 -46.69
C GLN D 184 4.98 4.45 -47.72
N LYS D 185 5.76 5.21 -48.50
CA LYS D 185 5.18 6.14 -49.46
C LYS D 185 4.41 5.41 -50.55
N GLU D 186 4.93 4.28 -51.02
CA GLU D 186 4.32 3.59 -52.15
C GLU D 186 3.01 2.91 -51.74
N GLU D 187 2.93 2.39 -50.51
CA GLU D 187 1.72 1.71 -50.07
C GLU D 187 0.60 2.70 -49.79
N PHE D 188 0.82 3.59 -48.83
CA PHE D 188 -0.13 4.66 -48.55
C PHE D 188 -0.34 5.50 -49.79
N ALA D 189 -1.56 5.46 -50.34
CA ALA D 189 -1.85 6.31 -51.49
C ALA D 189 -1.66 7.75 -51.07
N PHE D 190 -0.59 8.37 -51.54
CA PHE D 190 -0.15 9.65 -51.02
C PHE D 190 -0.14 10.65 -52.17
N HIS D 191 -1.31 11.27 -52.41
CA HIS D 191 -1.44 12.33 -53.39
C HIS D 191 -1.42 13.71 -52.72
N GLY D 192 -0.68 13.83 -51.62
CA GLY D 192 -0.61 15.08 -50.90
C GLY D 192 -1.93 15.40 -50.22
N ARG D 193 -2.20 16.70 -50.06
CA ARG D 193 -3.45 17.13 -49.44
C ARG D 193 -4.51 17.27 -50.50
N SER D 194 -4.35 16.60 -51.63
CA SER D 194 -5.39 16.63 -52.62
C SER D 194 -6.48 15.87 -51.92
N ARG D 195 -7.59 16.54 -51.61
CA ARG D 195 -8.60 15.87 -50.81
C ARG D 195 -9.93 15.60 -51.45
N ARG D 196 -10.64 14.63 -50.90
CA ARG D 196 -11.97 14.33 -51.40
C ARG D 196 -12.80 14.07 -50.16
N PRO D 197 -13.85 14.88 -49.94
CA PRO D 197 -14.71 14.72 -48.75
C PRO D 197 -15.34 13.34 -48.45
N PRO D 198 -15.71 12.53 -49.46
CA PRO D 198 -16.19 11.19 -49.07
C PRO D 198 -15.04 10.24 -48.74
N LYS D 199 -13.80 10.73 -48.64
CA LYS D 199 -12.60 9.93 -48.29
C LYS D 199 -11.99 9.03 -49.36
N ASP D 200 -10.70 9.22 -49.64
CA ASP D 200 -10.00 8.41 -50.63
C ASP D 200 -8.64 7.96 -50.15
N ASN D 201 -8.57 7.34 -48.96
CA ASN D 201 -7.31 6.85 -48.35
C ASN D 201 -6.31 7.89 -47.87
N VAL D 202 -5.68 7.62 -46.72
CA VAL D 202 -4.66 8.54 -46.21
C VAL D 202 -5.31 9.90 -46.00
N ASN D 203 -6.63 9.94 -46.09
CA ASN D 203 -7.44 11.07 -45.66
C ASN D 203 -8.44 10.71 -44.58
N ALA D 204 -8.67 9.41 -44.34
CA ALA D 204 -9.52 9.02 -43.23
C ALA D 204 -8.96 9.53 -41.91
N MET D 205 -7.66 9.32 -41.68
CA MET D 205 -7.05 9.80 -40.45
C MET D 205 -7.06 11.32 -40.38
N LEU D 206 -6.89 11.97 -41.52
CA LEU D 206 -6.92 13.44 -41.55
C LEU D 206 -8.29 13.97 -41.15
N SER D 207 -9.35 13.43 -41.74
CA SER D 207 -10.69 13.88 -41.40
C SER D 207 -11.04 13.54 -39.95
N PHE D 208 -10.61 12.37 -39.48
CA PHE D 208 -10.84 12.01 -38.08
C PHE D 208 -10.20 13.02 -37.15
N ALA D 209 -8.95 13.39 -37.44
CA ALA D 209 -8.28 14.38 -36.61
C ALA D 209 -9.00 15.72 -36.65
N TYR D 210 -9.45 16.14 -37.83
CA TYR D 210 -10.17 17.40 -37.93
C TYR D 210 -11.45 17.39 -37.10
N THR D 211 -12.22 16.29 -37.18
CA THR D 211 -13.48 16.22 -36.43
C THR D 211 -13.24 16.25 -34.93
N LEU D 212 -12.25 15.47 -34.45
CA LEU D 212 -11.95 15.49 -33.03
C LEU D 212 -11.55 16.89 -32.57
N LEU D 213 -10.69 17.56 -33.34
CA LEU D 213 -10.24 18.88 -32.93
C LEU D 213 -11.39 19.88 -32.92
N ALA D 214 -12.28 19.79 -33.91
CA ALA D 214 -13.42 20.72 -33.96
C ALA D 214 -14.32 20.55 -32.76
N ASN D 215 -14.65 19.31 -32.40
CA ASN D 215 -15.49 19.11 -31.23
C ASN D 215 -14.81 19.63 -29.96
N ASP D 216 -13.51 19.36 -29.83
CA ASP D 216 -12.79 19.81 -28.64
C ASP D 216 -12.83 21.33 -28.52
N VAL D 217 -12.55 22.04 -29.60
CA VAL D 217 -12.53 23.50 -29.53
C VAL D 217 -13.92 24.07 -29.29
N ALA D 218 -14.95 23.45 -29.87
CA ALA D 218 -16.31 23.91 -29.64
C ALA D 218 -16.67 23.83 -28.16
N ALA D 219 -16.35 22.71 -27.53
CA ALA D 219 -16.62 22.57 -26.10
C ALA D 219 -15.83 23.59 -25.29
N ALA D 220 -14.56 23.78 -25.63
CA ALA D 220 -13.71 24.69 -24.88
C ALA D 220 -14.23 26.12 -24.96
N LEU D 221 -14.72 26.53 -26.13
CA LEU D 221 -15.29 27.87 -26.26
C LEU D 221 -16.60 28.00 -25.52
N GLU D 222 -17.52 27.03 -25.68
CA GLU D 222 -18.82 27.14 -25.02
C GLU D 222 -18.72 27.12 -23.51
N THR D 223 -17.65 26.56 -22.94
CA THR D 223 -17.47 26.64 -21.49
C THR D 223 -17.41 28.08 -21.02
N VAL D 224 -16.79 28.96 -21.79
CA VAL D 224 -16.66 30.36 -21.40
C VAL D 224 -17.89 31.17 -21.78
N GLY D 225 -18.62 30.77 -22.82
CA GLY D 225 -19.86 31.43 -23.13
C GLY D 225 -19.94 32.22 -24.43
N LEU D 226 -19.35 31.71 -25.51
CA LEU D 226 -19.49 32.35 -26.81
C LEU D 226 -19.39 31.30 -27.90
N ASP D 227 -19.93 31.62 -29.07
CA ASP D 227 -19.99 30.70 -30.20
C ASP D 227 -19.35 31.35 -31.43
N ALA D 228 -18.35 30.70 -32.02
CA ALA D 228 -17.55 31.29 -33.09
C ALA D 228 -17.22 30.29 -34.20
N TYR D 229 -18.20 29.50 -34.65
CA TYR D 229 -17.97 28.68 -35.84
C TYR D 229 -18.34 29.43 -37.11
N VAL D 230 -19.32 30.30 -37.04
CA VAL D 230 -19.55 31.33 -38.04
C VAL D 230 -19.74 32.64 -37.29
N GLY D 231 -18.65 33.37 -37.09
CA GLY D 231 -18.63 34.54 -36.23
C GLY D 231 -18.10 35.73 -36.98
N PHE D 232 -17.34 36.56 -36.27
CA PHE D 232 -16.94 37.85 -36.84
C PHE D 232 -15.93 37.70 -37.97
N MET D 233 -15.08 36.68 -37.93
CA MET D 233 -14.00 36.56 -38.89
C MET D 233 -14.43 35.78 -40.13
N HIS D 234 -14.95 34.58 -39.94
CA HIS D 234 -15.25 33.70 -41.05
C HIS D 234 -16.47 34.21 -41.82
N GLN D 235 -16.61 33.71 -43.04
CA GLN D 235 -17.68 34.17 -43.91
C GLN D 235 -19.04 33.82 -43.32
N ASP D 236 -20.06 34.57 -43.74
CA ASP D 236 -21.43 34.33 -43.30
C ASP D 236 -22.07 33.14 -43.98
N ARG D 237 -21.32 32.39 -44.79
CA ARG D 237 -21.90 31.28 -45.51
C ARG D 237 -22.28 30.17 -44.54
N PRO D 238 -23.54 29.72 -44.55
CA PRO D 238 -23.92 28.58 -43.71
C PRO D 238 -23.24 27.30 -44.17
N GLY D 239 -23.01 26.41 -43.21
CA GLY D 239 -22.45 25.11 -43.49
C GLY D 239 -20.93 25.06 -43.59
N ARG D 240 -20.25 26.21 -43.52
CA ARG D 240 -18.79 26.25 -43.56
C ARG D 240 -18.25 26.38 -42.13
N ALA D 241 -18.45 25.30 -41.37
CA ALA D 241 -18.10 25.26 -39.95
C ALA D 241 -16.59 25.14 -39.82
N SER D 242 -15.93 26.30 -39.84
CA SER D 242 -14.47 26.33 -39.71
C SER D 242 -13.95 27.40 -38.77
N LEU D 243 -14.70 28.47 -38.47
CA LEU D 243 -14.15 29.52 -37.62
C LEU D 243 -13.87 28.99 -36.21
N ALA D 244 -14.76 28.17 -35.68
CA ALA D 244 -14.48 27.49 -34.42
C ALA D 244 -13.16 26.74 -34.51
N LEU D 245 -12.92 26.10 -35.65
CA LEU D 245 -11.61 25.53 -35.95
C LEU D 245 -10.64 26.57 -36.47
N ASP D 246 -11.11 27.77 -36.83
CA ASP D 246 -10.19 28.84 -37.20
C ASP D 246 -9.55 29.46 -35.97
N LEU D 247 -10.27 29.50 -34.84
CA LEU D 247 -9.58 29.77 -33.59
C LEU D 247 -8.44 28.78 -33.40
N MET D 248 -8.61 27.55 -33.87
CA MET D 248 -7.55 26.55 -33.92
C MET D 248 -6.94 26.42 -35.32
N GLU D 249 -7.12 27.40 -36.21
CA GLU D 249 -6.28 27.40 -37.40
C GLU D 249 -4.83 27.60 -37.03
N GLU D 250 -4.56 28.11 -35.82
CA GLU D 250 -3.24 27.95 -35.23
C GLU D 250 -2.92 26.49 -34.96
N LEU D 251 -3.95 25.68 -34.67
CA LEU D 251 -3.76 24.31 -34.25
C LEU D 251 -4.24 23.28 -35.28
N ARG D 252 -5.13 23.66 -36.21
CA ARG D 252 -5.62 22.71 -37.19
C ARG D 252 -4.48 22.16 -38.04
N GLY D 253 -3.63 23.06 -38.54
CA GLY D 253 -2.46 22.62 -39.27
C GLY D 253 -1.45 21.91 -38.40
N LEU D 254 -1.31 22.34 -37.15
CA LEU D 254 -0.27 21.79 -36.29
C LEU D 254 -0.67 20.46 -35.69
N TYR D 255 -1.70 20.46 -34.86
CA TYR D 255 -1.95 19.34 -33.95
C TYR D 255 -2.62 18.15 -34.63
N ALA D 256 -3.17 18.32 -35.81
CA ALA D 256 -3.78 17.22 -36.56
C ALA D 256 -2.89 16.70 -37.68
N ASP D 257 -2.37 17.61 -38.52
CA ASP D 257 -1.44 17.20 -39.57
C ASP D 257 -0.17 16.60 -38.97
N ARG D 258 0.34 17.22 -37.91
CA ARG D 258 1.53 16.68 -37.24
C ARG D 258 1.26 15.29 -36.69
N PHE D 259 0.08 15.08 -36.12
CA PHE D 259 -0.26 13.76 -35.57
C PHE D 259 -0.32 12.72 -36.67
N VAL D 260 -1.00 13.04 -37.77
CA VAL D 260 -1.08 12.08 -38.88
C VAL D 260 0.31 11.77 -39.40
N LEU D 261 1.13 12.79 -39.59
CA LEU D 261 2.47 12.58 -40.14
C LEU D 261 3.34 11.77 -39.19
N SER D 262 3.23 12.01 -37.88
CA SER D 262 4.01 11.23 -36.92
C SER D 262 3.59 9.77 -36.96
N LEU D 263 2.29 9.49 -37.04
CA LEU D 263 1.87 8.09 -37.13
C LEU D 263 2.39 7.45 -38.40
N ILE D 264 2.33 8.16 -39.52
CA ILE D 264 2.76 7.58 -40.79
C ILE D 264 4.27 7.33 -40.77
N ASN D 265 5.04 8.31 -40.33
CA ASN D 265 6.50 8.19 -40.32
C ASN D 265 6.98 7.16 -39.32
N ARG D 266 6.27 7.00 -38.20
CA ARG D 266 6.67 6.04 -37.19
C ARG D 266 6.14 4.64 -37.49
N LYS D 267 5.71 4.39 -38.73
CA LYS D 267 5.37 3.06 -39.24
C LYS D 267 4.45 2.28 -38.30
N GLU D 268 3.64 2.99 -37.50
CA GLU D 268 2.78 2.38 -36.51
C GLU D 268 1.41 1.98 -37.07
N MET D 269 1.08 2.39 -38.28
CA MET D 269 -0.16 1.98 -38.91
C MET D 269 0.16 1.27 -40.22
N THR D 270 -0.46 0.11 -40.43
CA THR D 270 -0.21 -0.73 -41.57
C THR D 270 -1.36 -0.63 -42.56
N ALA D 271 -1.04 -0.78 -43.86
CA ALA D 271 -2.02 -0.55 -44.91
C ALA D 271 -3.19 -1.53 -44.84
N ASP D 272 -3.06 -2.63 -44.11
CA ASP D 272 -4.17 -3.56 -43.96
C ASP D 272 -5.23 -3.04 -43.01
N GLY D 273 -5.00 -1.91 -42.35
CA GLY D 273 -5.95 -1.31 -41.44
C GLY D 273 -7.01 -0.45 -42.09
N PHE D 274 -7.07 -0.42 -43.42
CA PHE D 274 -8.06 0.34 -44.15
C PHE D 274 -8.71 -0.55 -45.19
N TYR D 275 -9.87 -0.12 -45.68
CA TYR D 275 -10.50 -0.83 -46.80
C TYR D 275 -11.38 0.14 -47.57
N LYS D 276 -11.85 -0.32 -48.72
CA LYS D 276 -12.69 0.48 -49.60
C LYS D 276 -13.97 -0.26 -49.93
N LYS D 277 -15.07 0.47 -50.05
CA LYS D 277 -16.35 -0.12 -50.37
C LYS D 277 -16.40 -0.49 -51.85
N GLU D 278 -17.55 -1.03 -52.26
CA GLU D 278 -17.78 -1.34 -53.67
C GLU D 278 -17.81 -0.07 -54.52
N ASN D 279 -18.48 0.97 -54.03
CA ASN D 279 -18.62 2.20 -54.81
C ASN D 279 -17.34 3.03 -54.84
N GLY D 280 -16.49 2.92 -53.82
CA GLY D 280 -15.24 3.66 -53.77
C GLY D 280 -14.96 4.37 -52.46
N ALA D 281 -15.89 4.37 -51.51
CA ALA D 281 -15.64 5.01 -50.22
C ALA D 281 -14.59 4.23 -49.44
N VAL D 282 -13.89 4.93 -48.54
CA VAL D 282 -12.78 4.37 -47.79
C VAL D 282 -13.09 4.45 -46.30
N LEU D 283 -12.91 3.33 -45.60
CA LEU D 283 -13.19 3.22 -44.18
C LEU D 283 -11.97 2.64 -43.45
N MET D 284 -11.98 2.79 -42.13
CA MET D 284 -10.89 2.36 -41.27
C MET D 284 -11.35 1.16 -40.43
N THR D 285 -10.42 0.22 -40.19
CA THR D 285 -10.75 -0.94 -39.37
C THR D 285 -10.87 -0.55 -37.91
N ASP D 286 -11.60 -1.40 -37.16
CA ASP D 286 -11.90 -1.10 -35.77
C ASP D 286 -10.64 -1.10 -34.92
N GLU D 287 -9.75 -2.06 -35.14
CA GLU D 287 -8.50 -2.10 -34.37
C GLU D 287 -7.64 -0.89 -34.67
N ALA D 288 -7.60 -0.47 -35.94
CA ALA D 288 -6.87 0.75 -36.28
C ALA D 288 -7.47 1.96 -35.59
N ARG D 289 -8.81 2.02 -35.52
CA ARG D 289 -9.45 3.13 -34.81
C ARG D 289 -9.08 3.13 -33.33
N LYS D 290 -9.07 1.96 -32.70
CA LYS D 290 -8.67 1.90 -31.30
C LYS D 290 -7.23 2.35 -31.13
N THR D 291 -6.34 1.94 -32.04
CA THR D 291 -4.95 2.38 -31.98
C THR D 291 -4.85 3.89 -32.12
N PHE D 292 -5.60 4.46 -33.07
CA PHE D 292 -5.58 5.90 -33.29
C PHE D 292 -6.04 6.64 -32.04
N LEU D 293 -7.12 6.17 -31.42
CA LEU D 293 -7.65 6.85 -30.25
C LEU D 293 -6.71 6.74 -29.05
N LYS D 294 -6.10 5.58 -28.87
CA LYS D 294 -5.11 5.44 -27.80
C LYS D 294 -3.95 6.40 -28.02
N ALA D 295 -3.45 6.48 -29.25
CA ALA D 295 -2.36 7.39 -29.55
C ALA D 295 -2.78 8.85 -29.34
N TRP D 296 -4.01 9.18 -29.74
CA TRP D 296 -4.48 10.57 -29.60
C TRP D 296 -4.55 10.97 -28.13
N GLN D 297 -5.10 10.11 -27.29
CA GLN D 297 -5.16 10.43 -25.86
C GLN D 297 -3.76 10.51 -25.26
N THR D 298 -2.89 9.57 -25.61
CA THR D 298 -1.54 9.59 -25.04
C THR D 298 -0.79 10.85 -25.44
N LYS D 299 -0.95 11.30 -26.70
CA LYS D 299 -0.33 12.56 -27.11
C LYS D 299 -0.94 13.73 -26.37
N LYS D 300 -2.28 13.76 -26.25
CA LYS D 300 -2.92 14.87 -25.56
C LYS D 300 -2.51 14.94 -24.10
N GLN D 301 -2.04 13.84 -23.52
CA GLN D 301 -1.62 13.89 -22.13
C GLN D 301 -0.26 14.57 -21.95
N GLU D 302 0.58 14.57 -22.98
CA GLU D 302 1.95 15.03 -22.79
C GLU D 302 1.99 16.52 -22.46
N LYS D 303 2.99 16.91 -21.68
CA LYS D 303 3.00 18.18 -20.97
C LYS D 303 4.14 19.04 -21.47
N ILE D 304 3.85 20.31 -21.75
CA ILE D 304 4.77 21.27 -22.35
C ILE D 304 4.77 22.57 -21.56
N THR D 305 5.42 23.60 -22.10
CA THR D 305 5.47 24.92 -21.49
C THR D 305 4.91 25.95 -22.46
N HIS D 306 3.97 26.77 -21.97
CA HIS D 306 3.34 27.84 -22.72
C HIS D 306 4.30 29.04 -22.83
N PRO D 307 4.32 29.72 -23.99
CA PRO D 307 5.20 30.88 -24.13
C PRO D 307 4.89 32.05 -23.20
N TYR D 308 3.63 32.26 -22.84
CA TYR D 308 3.23 33.51 -22.20
C TYR D 308 3.86 33.66 -20.82
N LEU D 309 3.53 32.76 -19.89
CA LEU D 309 4.08 32.82 -18.54
C LEU D 309 4.95 31.63 -18.20
N GLY D 310 4.88 30.55 -18.96
CA GLY D 310 5.73 29.41 -18.72
C GLY D 310 5.26 28.45 -17.66
N GLU D 311 4.13 28.74 -17.01
CA GLU D 311 3.56 27.77 -16.08
C GLU D 311 3.27 26.48 -16.84
N LYS D 312 3.64 25.36 -16.23
CA LYS D 312 3.83 24.13 -16.97
C LYS D 312 2.44 23.58 -17.27
N MET D 313 2.13 23.41 -18.55
CA MET D 313 0.75 23.26 -19.01
C MET D 313 0.67 22.04 -19.90
N SER D 314 -0.55 21.54 -20.13
CA SER D 314 -0.74 20.32 -20.92
C SER D 314 -1.40 20.65 -22.25
N TRP D 315 -1.35 19.67 -23.17
CA TRP D 315 -1.78 19.92 -24.54
C TRP D 315 -3.28 20.10 -24.66
N GLY D 316 -4.08 19.32 -23.91
CA GLY D 316 -5.51 19.46 -24.04
C GLY D 316 -6.03 20.84 -23.63
N LEU D 317 -5.24 21.59 -22.88
CA LEU D 317 -5.58 22.94 -22.48
C LEU D 317 -5.27 23.97 -23.55
N VAL D 318 -4.64 23.56 -24.65
CA VAL D 318 -4.31 24.52 -25.72
C VAL D 318 -5.54 25.19 -26.30
N PRO D 319 -6.62 24.48 -26.66
CA PRO D 319 -7.83 25.20 -27.09
C PRO D 319 -8.44 26.04 -25.99
N TYR D 320 -8.58 25.47 -24.79
CA TYR D 320 -9.30 26.16 -23.71
C TYR D 320 -8.69 27.51 -23.41
N VAL D 321 -7.37 27.56 -23.22
CA VAL D 321 -6.72 28.83 -22.94
C VAL D 321 -6.96 29.81 -24.07
N GLN D 322 -6.92 29.33 -25.32
CA GLN D 322 -7.17 30.21 -26.45
C GLN D 322 -8.56 30.83 -26.39
N ALA D 323 -9.51 30.12 -25.78
CA ALA D 323 -10.81 30.73 -25.51
C ALA D 323 -10.70 31.76 -24.40
N LEU D 324 -10.04 31.39 -23.30
CA LEU D 324 -10.03 32.25 -22.11
C LEU D 324 -9.40 33.61 -22.42
N LEU D 325 -8.26 33.59 -23.12
CA LEU D 325 -7.63 34.85 -23.51
C LEU D 325 -8.56 35.68 -24.38
N LEU D 326 -9.30 35.03 -25.28
CA LEU D 326 -10.23 35.78 -26.12
C LEU D 326 -11.27 36.49 -25.27
N ALA D 327 -11.56 35.97 -24.09
CA ALA D 327 -12.41 36.71 -23.16
C ALA D 327 -11.71 37.97 -22.67
N ARG D 328 -10.49 37.84 -22.18
CA ARG D 328 -9.79 38.96 -21.57
C ARG D 328 -9.53 40.10 -22.54
N PHE D 329 -9.34 39.80 -23.83
CA PHE D 329 -9.23 40.87 -24.82
C PHE D 329 -10.55 41.60 -24.98
N LEU D 330 -11.67 40.87 -25.00
CA LEU D 330 -12.97 41.51 -25.14
C LEU D 330 -13.40 42.28 -23.91
N ARG D 331 -12.75 42.05 -22.77
CA ARG D 331 -12.94 42.86 -21.59
C ARG D 331 -12.13 44.16 -21.63
N GLY D 332 -11.27 44.32 -22.63
CA GLY D 332 -10.49 45.54 -22.77
C GLY D 332 -9.24 45.62 -21.93
N ASP D 333 -8.82 44.51 -21.29
CA ASP D 333 -7.63 44.56 -20.46
C ASP D 333 -6.34 44.52 -21.30
N LEU D 334 -6.36 43.82 -22.43
CA LEU D 334 -5.21 43.76 -23.33
C LEU D 334 -5.42 44.73 -24.50
N ASP D 335 -4.53 44.62 -25.48
CA ASP D 335 -4.61 45.48 -26.66
C ASP D 335 -5.13 44.72 -27.89
N GLU D 336 -4.50 43.59 -28.21
CA GLU D 336 -4.99 42.72 -29.25
C GLU D 336 -4.69 41.28 -28.88
N TYR D 337 -5.44 40.36 -29.47
CA TYR D 337 -5.34 38.95 -29.14
C TYR D 337 -3.94 38.42 -29.40
N PRO D 338 -3.28 37.85 -28.40
CA PRO D 338 -2.04 37.13 -28.65
C PRO D 338 -2.32 35.70 -29.03
N PRO D 339 -2.03 35.31 -30.27
CA PRO D 339 -2.30 33.93 -30.70
C PRO D 339 -1.21 32.98 -30.20
N PHE D 340 -1.38 31.71 -30.54
CA PHE D 340 -0.43 30.67 -30.16
C PHE D 340 0.58 30.49 -31.27
N LEU D 341 1.86 30.68 -30.95
CA LEU D 341 2.92 30.80 -31.96
C LEU D 341 4.04 29.82 -31.64
N TRP D 342 4.00 28.67 -32.30
CA TRP D 342 5.13 27.75 -32.29
C TRP D 342 5.55 27.42 -33.70
N GLY E 1 12.98 1.46 7.81
CA GLY E 1 11.92 1.67 6.83
C GLY E 1 10.56 1.80 7.52
N SER E 2 9.94 0.67 7.80
CA SER E 2 8.64 0.61 8.46
C SER E 2 7.61 1.44 7.69
N MET E 3 7.37 1.02 6.45
CA MET E 3 6.35 1.59 5.59
C MET E 3 5.00 0.97 5.90
N LEU E 4 3.95 1.77 5.75
CA LEU E 4 2.60 1.30 6.05
C LEU E 4 2.00 0.68 4.81
N VAL E 5 1.47 -0.54 4.96
CA VAL E 5 0.95 -1.33 3.86
C VAL E 5 -0.42 -1.86 4.25
N LEU E 6 -1.38 -1.73 3.35
CA LEU E 6 -2.76 -2.12 3.60
C LEU E 6 -3.12 -3.32 2.75
N ILE E 7 -3.72 -4.33 3.36
CA ILE E 7 -4.04 -5.60 2.70
C ILE E 7 -5.54 -5.82 2.77
N THR E 8 -6.17 -6.09 1.63
CA THR E 8 -7.58 -6.47 1.62
C THR E 8 -7.71 -7.78 0.86
N TYR E 9 -8.55 -8.67 1.37
CA TYR E 9 -8.77 -9.94 0.70
C TYR E 9 -10.22 -10.07 0.42
N ASP E 10 -10.60 -11.05 -0.38
CA ASP E 10 -12.00 -11.33 -0.67
C ASP E 10 -12.09 -12.71 -1.33
N VAL E 11 -12.54 -13.69 -0.56
CA VAL E 11 -12.55 -15.07 -1.00
C VAL E 11 -13.99 -15.50 -1.28
N GLN E 12 -14.12 -16.62 -1.98
CA GLN E 12 -15.42 -17.14 -2.40
C GLN E 12 -15.66 -18.47 -1.68
N THR E 13 -16.77 -18.54 -0.94
CA THR E 13 -17.10 -19.72 -0.15
C THR E 13 -18.15 -20.60 -0.81
N SER E 14 -18.46 -20.38 -2.07
CA SER E 14 -19.40 -21.24 -2.77
C SER E 14 -18.74 -22.45 -3.44
N SER E 15 -17.42 -22.50 -3.46
CA SER E 15 -16.71 -23.59 -4.14
C SER E 15 -16.50 -24.75 -3.18
N MET E 16 -15.66 -25.71 -3.59
CA MET E 16 -15.48 -26.93 -2.79
C MET E 16 -14.86 -26.62 -1.44
N GLY E 17 -13.73 -25.91 -1.42
CA GLY E 17 -13.04 -25.65 -0.18
C GLY E 17 -13.10 -24.20 0.27
N GLY E 18 -14.27 -23.57 0.12
CA GLY E 18 -14.35 -22.14 0.40
C GLY E 18 -14.04 -21.81 1.85
N THR E 19 -14.65 -22.55 2.79
CA THR E 19 -14.43 -22.25 4.19
C THR E 19 -12.98 -22.49 4.59
N LYS E 20 -12.37 -23.56 4.06
CA LYS E 20 -10.98 -23.82 4.35
C LYS E 20 -10.09 -22.67 3.88
N ARG E 21 -10.33 -22.19 2.66
CA ARG E 21 -9.52 -21.08 2.15
C ARG E 21 -9.72 -19.83 2.98
N LEU E 22 -10.96 -19.53 3.36
CA LEU E 22 -11.21 -18.33 4.15
C LEU E 22 -10.49 -18.42 5.48
N ARG E 23 -10.60 -19.57 6.17
CA ARG E 23 -9.94 -19.73 7.46
C ARG E 23 -8.43 -19.58 7.32
N LYS E 24 -7.86 -20.23 6.29
CA LYS E 24 -6.41 -20.18 6.13
C LYS E 24 -5.93 -18.79 5.77
N VAL E 25 -6.66 -18.06 4.92
CA VAL E 25 -6.23 -16.72 4.56
C VAL E 25 -6.33 -15.78 5.74
N ALA E 26 -7.41 -15.87 6.52
CA ALA E 26 -7.53 -15.01 7.69
C ALA E 26 -6.41 -15.28 8.68
N LYS E 27 -6.11 -16.55 8.94
CA LYS E 27 -5.02 -16.87 9.86
C LYS E 27 -3.67 -16.42 9.31
N ALA E 28 -3.45 -16.58 8.00
CA ALA E 28 -2.16 -16.24 7.43
C ALA E 28 -1.93 -14.74 7.38
N CYS E 29 -3.00 -13.96 7.19
CA CYS E 29 -2.85 -12.51 7.14
C CYS E 29 -2.87 -11.86 8.52
N GLN E 30 -3.49 -12.51 9.51
CA GLN E 30 -3.47 -11.95 10.86
C GLN E 30 -2.10 -12.03 11.51
N ASN E 31 -1.15 -12.76 10.93
CA ASN E 31 0.15 -12.93 11.55
C ASN E 31 1.03 -11.70 11.44
N TYR E 32 0.75 -10.80 10.51
CA TYR E 32 1.61 -9.64 10.26
C TYR E 32 1.00 -8.31 10.63
N GLY E 33 -0.32 -8.15 10.45
CA GLY E 33 -0.98 -6.91 10.74
C GLY E 33 -2.16 -7.11 11.68
N GLN E 34 -2.84 -6.01 11.96
CA GLN E 34 -4.05 -6.02 12.78
C GLN E 34 -5.27 -5.81 11.92
N ARG E 35 -6.44 -6.00 12.51
CA ARG E 35 -7.70 -5.89 11.81
C ARG E 35 -8.40 -4.59 12.19
N VAL E 36 -8.77 -3.80 11.19
CA VAL E 36 -9.50 -2.57 11.40
C VAL E 36 -10.98 -2.70 11.01
N GLN E 37 -11.25 -3.39 9.90
CA GLN E 37 -12.60 -3.76 9.53
C GLN E 37 -12.59 -5.16 8.93
N ASN E 38 -13.77 -5.77 8.87
CA ASN E 38 -13.89 -7.09 8.27
C ASN E 38 -13.30 -7.08 6.87
N SER E 39 -12.41 -8.04 6.61
CA SER E 39 -11.80 -8.23 5.30
C SER E 39 -10.79 -7.14 4.96
N VAL E 40 -10.30 -6.38 5.93
CA VAL E 40 -9.19 -5.45 5.68
C VAL E 40 -8.24 -5.49 6.87
N PHE E 41 -6.94 -5.37 6.58
CA PHE E 41 -5.90 -5.26 7.59
C PHE E 41 -4.95 -4.15 7.20
N GLU E 42 -4.34 -3.53 8.20
CA GLU E 42 -3.30 -2.54 7.95
C GLU E 42 -2.10 -2.87 8.82
N CYS E 43 -0.92 -2.85 8.21
CA CYS E 43 0.29 -3.32 8.87
C CYS E 43 1.42 -2.33 8.62
N ILE E 44 2.41 -2.34 9.51
CA ILE E 44 3.60 -1.50 9.39
C ILE E 44 4.77 -2.44 9.20
N VAL E 45 5.24 -2.58 7.98
CA VAL E 45 6.21 -3.61 7.64
C VAL E 45 7.36 -3.00 6.87
N ASP E 46 8.46 -3.75 6.80
CA ASP E 46 9.59 -3.42 5.97
C ASP E 46 9.35 -3.98 4.57
N SER E 47 10.36 -3.93 3.70
CA SER E 47 10.19 -4.47 2.36
C SER E 47 10.25 -6.00 2.36
N THR E 48 11.16 -6.58 3.15
CA THR E 48 11.33 -8.03 3.15
C THR E 48 10.10 -8.73 3.70
N GLN E 49 9.53 -8.24 4.80
CA GLN E 49 8.30 -8.85 5.30
C GLN E 49 7.17 -8.73 4.30
N LEU E 50 7.11 -7.60 3.59
CA LEU E 50 6.09 -7.46 2.56
C LEU E 50 6.25 -8.51 1.48
N THR E 51 7.48 -8.73 1.01
CA THR E 51 7.71 -9.75 -0.01
C THR E 51 7.35 -11.14 0.51
N SER E 52 7.73 -11.44 1.75
CA SER E 52 7.41 -12.75 2.31
C SER E 52 5.91 -12.95 2.44
N LEU E 53 5.19 -11.96 2.94
CA LEU E 53 3.74 -12.05 3.07
C LEU E 53 3.08 -12.20 1.71
N LYS E 54 3.54 -11.44 0.73
CA LYS E 54 2.99 -11.54 -0.62
C LYS E 54 3.18 -12.93 -1.18
N LEU E 55 4.37 -13.50 -1.02
CA LEU E 55 4.63 -14.85 -1.52
C LEU E 55 3.75 -15.88 -0.81
N GLU E 56 3.60 -15.75 0.51
CA GLU E 56 2.77 -16.69 1.26
C GLU E 56 1.33 -16.67 0.80
N LEU E 57 0.72 -15.47 0.75
CA LEU E 57 -0.66 -15.38 0.32
C LEU E 57 -0.83 -15.80 -1.12
N THR E 58 0.11 -15.44 -2.00
CA THR E 58 -0.01 -15.85 -3.40
C THR E 58 0.01 -17.36 -3.53
N SER E 59 0.82 -18.04 -2.71
CA SER E 59 0.84 -19.49 -2.76
C SER E 59 -0.42 -20.10 -2.15
N LEU E 60 -1.00 -19.43 -1.15
CA LEU E 60 -2.07 -20.06 -0.39
C LEU E 60 -3.42 -19.99 -1.11
N ILE E 61 -3.79 -18.80 -1.60
CA ILE E 61 -5.07 -18.64 -2.29
C ILE E 61 -4.99 -19.33 -3.63
N ASP E 62 -6.13 -19.46 -4.31
CA ASP E 62 -6.15 -19.90 -5.69
C ASP E 62 -6.59 -18.74 -6.56
N GLU E 63 -6.00 -18.63 -7.74
CA GLU E 63 -6.32 -17.52 -8.62
C GLU E 63 -7.68 -17.76 -9.26
N GLU E 64 -8.11 -16.79 -10.09
CA GLU E 64 -9.34 -16.80 -10.87
C GLU E 64 -10.58 -17.10 -10.02
N LYS E 65 -10.45 -17.10 -8.69
CA LYS E 65 -11.61 -17.17 -7.81
C LYS E 65 -11.56 -16.23 -6.62
N ASP E 66 -10.41 -15.71 -6.23
CA ASP E 66 -10.30 -14.82 -5.09
C ASP E 66 -9.76 -13.47 -5.53
N SER E 67 -9.73 -12.53 -4.60
CA SER E 67 -9.20 -11.20 -4.89
C SER E 67 -8.35 -10.71 -3.73
N LEU E 68 -7.25 -10.04 -4.05
CA LEU E 68 -6.34 -9.54 -3.02
C LEU E 68 -5.71 -8.25 -3.52
N ARG E 69 -5.76 -7.21 -2.70
CA ARG E 69 -5.22 -5.91 -3.05
C ARG E 69 -4.25 -5.45 -1.97
N ILE E 70 -3.12 -4.90 -2.41
CA ILE E 70 -2.07 -4.44 -1.51
C ILE E 70 -1.74 -3.00 -1.88
N TYR E 71 -2.00 -2.08 -0.96
CA TYR E 71 -1.66 -0.68 -1.14
C TYR E 71 -0.51 -0.30 -0.21
N ARG E 72 0.27 0.70 -0.60
CA ARG E 72 1.35 1.16 0.26
C ARG E 72 1.30 2.67 0.36
N LEU E 73 1.41 3.19 1.57
CA LEU E 73 1.27 4.62 1.82
C LEU E 73 2.59 5.35 1.93
N GLY E 74 3.71 4.66 1.78
CA GLY E 74 4.99 5.31 2.00
C GLY E 74 5.27 5.53 3.47
N ASN E 75 6.26 6.38 3.73
CA ASN E 75 6.73 6.62 5.09
C ASN E 75 6.12 7.85 5.74
N ASN E 76 5.14 8.49 5.11
CA ASN E 76 4.53 9.71 5.63
C ASN E 76 3.04 9.49 5.94
N TYR E 77 2.71 8.37 6.57
CA TYR E 77 1.32 7.95 6.64
C TYR E 77 0.52 8.68 7.72
N LYS E 78 1.18 9.34 8.67
CA LYS E 78 0.46 9.90 9.80
C LYS E 78 -0.49 11.02 9.38
N THR E 79 -0.17 11.72 8.29
CA THR E 79 -1.00 12.81 7.79
C THR E 79 -1.86 12.38 6.61
N LYS E 80 -1.98 11.09 6.35
CA LYS E 80 -2.78 10.58 5.26
C LYS E 80 -3.96 9.74 5.70
N VAL E 81 -4.09 9.44 6.99
CA VAL E 81 -5.11 8.54 7.49
C VAL E 81 -6.11 9.33 8.32
N GLU E 82 -7.40 9.12 8.05
CA GLU E 82 -8.46 9.80 8.77
C GLU E 82 -9.53 8.79 9.16
N HIS E 83 -9.95 8.83 10.42
CA HIS E 83 -10.94 7.90 10.96
C HIS E 83 -12.09 8.70 11.59
N ILE E 84 -13.31 8.21 11.41
CA ILE E 84 -14.51 8.91 11.84
C ILE E 84 -15.35 8.08 12.80
N GLY E 85 -15.55 6.80 12.51
CA GLY E 85 -16.51 6.00 13.24
C GLY E 85 -16.09 5.58 14.64
N ALA E 86 -16.48 4.38 15.06
CA ALA E 86 -16.27 3.89 16.41
C ALA E 86 -15.73 2.47 16.41
N LYS E 87 -14.69 2.22 15.64
CA LYS E 87 -13.93 0.97 15.70
C LYS E 87 -12.44 1.31 15.73
N PRO E 88 -11.95 1.86 16.84
CA PRO E 88 -10.58 2.36 16.87
C PRO E 88 -9.57 1.24 16.70
N SER E 89 -8.42 1.59 16.14
CA SER E 89 -7.33 0.67 15.89
C SER E 89 -6.11 1.09 16.71
N ILE E 90 -5.49 0.12 17.38
CA ILE E 90 -4.28 0.39 18.13
C ILE E 90 -3.14 0.67 17.16
N ASP E 91 -2.45 1.78 17.35
CA ASP E 91 -1.26 2.10 16.57
C ASP E 91 -0.02 1.55 17.24
N LEU E 92 1.03 1.32 16.44
CA LEU E 92 2.22 0.61 16.89
C LEU E 92 3.47 1.49 16.91
N GLU E 93 3.30 2.81 17.04
CA GLU E 93 4.43 3.72 17.13
C GLU E 93 4.42 4.61 18.36
N ASP E 94 3.29 4.73 19.04
CA ASP E 94 3.19 5.46 20.30
C ASP E 94 3.86 4.64 21.40
N PRO E 95 3.93 5.13 22.64
CA PRO E 95 4.53 4.32 23.72
C PRO E 95 3.98 2.91 23.84
N LEU E 96 2.71 2.69 23.54
CA LEU E 96 2.12 1.35 23.50
C LEU E 96 2.24 0.63 24.84
N ILE E 97 1.60 1.21 25.85
CA ILE E 97 1.59 0.66 27.19
C ILE E 97 0.18 0.19 27.52
N PHE E 98 0.08 -1.03 28.04
CA PHE E 98 -1.20 -1.59 28.43
C PHE E 98 -1.31 -1.59 29.95
N GLY F 1 -5.57 18.70 -8.01
CA GLY F 1 -4.49 17.72 -7.93
C GLY F 1 -4.86 16.45 -8.70
N SER F 2 -6.13 16.05 -8.60
CA SER F 2 -6.64 14.83 -9.22
C SER F 2 -5.78 13.62 -8.80
N MET F 3 -5.85 13.35 -7.51
CA MET F 3 -5.09 12.28 -6.88
C MET F 3 -6.02 11.31 -6.15
N LEU F 4 -5.50 10.13 -5.86
CA LEU F 4 -6.34 8.99 -5.48
C LEU F 4 -6.52 8.90 -3.98
N VAL F 5 -7.74 8.59 -3.55
CA VAL F 5 -8.06 8.29 -2.16
C VAL F 5 -8.95 7.05 -2.11
N LEU F 6 -8.78 6.29 -1.04
CA LEU F 6 -9.46 5.02 -0.83
C LEU F 6 -10.42 5.14 0.35
N ILE F 7 -11.65 4.64 0.19
CA ILE F 7 -12.70 4.80 1.17
C ILE F 7 -13.27 3.45 1.54
N THR F 8 -13.38 3.17 2.84
CA THR F 8 -13.99 1.94 3.31
C THR F 8 -15.02 2.29 4.39
N TYR F 9 -16.10 1.52 4.40
CA TYR F 9 -17.15 1.74 5.39
C TYR F 9 -17.45 0.45 6.08
N ASP F 10 -18.13 0.53 7.20
CA ASP F 10 -18.58 -0.66 7.93
C ASP F 10 -19.74 -0.22 8.81
N VAL F 11 -20.96 -0.51 8.36
CA VAL F 11 -22.19 -0.09 9.01
C VAL F 11 -22.97 -1.32 9.41
N GLN F 12 -23.42 -1.37 10.66
CA GLN F 12 -24.13 -2.54 11.15
C GLN F 12 -25.60 -2.46 10.77
N THR F 13 -26.16 -3.58 10.35
CA THR F 13 -27.53 -3.65 9.89
C THR F 13 -28.45 -4.38 10.86
N SER F 14 -27.97 -4.71 12.06
CA SER F 14 -28.81 -5.34 13.06
C SER F 14 -29.48 -4.34 14.00
N SER F 15 -29.14 -3.06 13.89
CA SER F 15 -29.68 -2.04 14.79
C SER F 15 -31.08 -1.65 14.34
N MET F 16 -31.59 -0.53 14.88
CA MET F 16 -32.96 -0.14 14.61
C MET F 16 -33.20 0.15 13.13
N GLY F 17 -32.37 1.01 12.54
CA GLY F 17 -32.55 1.35 11.15
C GLY F 17 -31.31 1.06 10.32
N GLY F 18 -30.64 -0.04 10.64
CA GLY F 18 -29.36 -0.31 10.03
C GLY F 18 -29.44 -0.48 8.51
N THR F 19 -30.51 -1.12 8.03
CA THR F 19 -30.63 -1.36 6.60
C THR F 19 -30.69 -0.04 5.83
N LYS F 20 -31.46 0.92 6.33
CA LYS F 20 -31.57 2.21 5.65
C LYS F 20 -30.23 2.94 5.65
N ARG F 21 -29.52 2.91 6.77
CA ARG F 21 -28.22 3.56 6.82
C ARG F 21 -27.24 2.92 5.84
N LEU F 22 -27.24 1.58 5.77
CA LEU F 22 -26.36 0.90 4.83
C LEU F 22 -26.68 1.28 3.40
N ARG F 23 -27.97 1.27 3.05
CA ARG F 23 -28.37 1.60 1.68
C ARG F 23 -27.95 3.02 1.33
N LYS F 24 -28.22 3.97 2.21
CA LYS F 24 -27.89 5.36 1.91
C LYS F 24 -26.38 5.57 1.85
N VAL F 25 -25.63 4.92 2.73
CA VAL F 25 -24.17 5.10 2.72
C VAL F 25 -23.58 4.54 1.43
N ALA F 26 -24.02 3.35 1.01
CA ALA F 26 -23.50 2.79 -0.22
C ALA F 26 -23.84 3.67 -1.41
N LYS F 27 -25.09 4.16 -1.47
CA LYS F 27 -25.48 5.01 -2.60
C LYS F 27 -24.70 6.31 -2.62
N ALA F 28 -24.44 6.90 -1.44
CA ALA F 28 -23.69 8.15 -1.39
C ALA F 28 -22.24 7.95 -1.78
N CYS F 29 -21.64 6.84 -1.35
CA CYS F 29 -20.23 6.63 -1.65
C CYS F 29 -20.00 6.17 -3.08
N GLN F 30 -20.98 5.54 -3.73
CA GLN F 30 -20.79 5.10 -5.10
C GLN F 30 -20.74 6.26 -6.10
N ASN F 31 -21.22 7.44 -5.71
CA ASN F 31 -21.28 8.55 -6.65
C ASN F 31 -19.90 9.08 -7.00
N TYR F 32 -19.03 9.21 -6.01
CA TYR F 32 -17.73 9.85 -6.21
C TYR F 32 -16.61 8.88 -6.58
N GLY F 33 -16.88 7.58 -6.61
CA GLY F 33 -15.80 6.64 -6.83
C GLY F 33 -16.18 5.34 -7.51
N GLN F 34 -15.31 4.35 -7.39
CA GLN F 34 -15.47 3.06 -8.05
C GLN F 34 -15.33 1.95 -7.01
N ARG F 35 -16.19 0.94 -7.12
CA ARG F 35 -16.18 -0.18 -6.17
C ARG F 35 -15.18 -1.21 -6.61
N VAL F 36 -14.13 -1.41 -5.81
CA VAL F 36 -13.14 -2.43 -6.14
C VAL F 36 -13.47 -3.70 -5.37
N GLN F 37 -14.00 -3.58 -4.16
CA GLN F 37 -14.38 -4.76 -3.40
C GLN F 37 -15.61 -4.43 -2.55
N ASN F 38 -16.23 -5.47 -2.01
CA ASN F 38 -17.34 -5.28 -1.09
C ASN F 38 -16.90 -4.38 0.05
N SER F 39 -17.57 -3.23 0.20
CA SER F 39 -17.29 -2.26 1.24
C SER F 39 -15.96 -1.55 1.04
N VAL F 40 -15.38 -1.56 -0.16
CA VAL F 40 -14.12 -0.88 -0.44
C VAL F 40 -14.21 -0.20 -1.79
N PHE F 41 -14.15 1.13 -1.81
CA PHE F 41 -14.13 1.96 -3.00
C PHE F 41 -12.80 2.69 -3.12
N GLU F 42 -12.43 3.03 -4.34
CA GLU F 42 -11.30 3.93 -4.57
C GLU F 42 -11.70 4.97 -5.61
N CYS F 43 -11.14 6.16 -5.49
CA CYS F 43 -11.60 7.28 -6.32
C CYS F 43 -10.47 8.27 -6.52
N ILE F 44 -10.64 9.11 -7.55
CA ILE F 44 -9.68 10.15 -7.89
C ILE F 44 -10.37 11.49 -7.72
N VAL F 45 -9.84 12.33 -6.83
CA VAL F 45 -10.48 13.59 -6.46
C VAL F 45 -9.44 14.68 -6.31
N ASP F 46 -9.91 15.92 -6.28
CA ASP F 46 -9.13 17.07 -5.83
C ASP F 46 -9.38 17.27 -4.34
N SER F 47 -8.99 18.43 -3.82
CA SER F 47 -9.26 18.72 -2.41
C SER F 47 -10.73 19.08 -2.19
N THR F 48 -11.32 19.84 -3.12
CA THR F 48 -12.67 20.35 -2.91
C THR F 48 -13.71 19.24 -2.97
N GLN F 49 -13.63 18.37 -3.99
CA GLN F 49 -14.57 17.27 -4.03
C GLN F 49 -14.41 16.34 -2.84
N LEU F 50 -13.18 16.14 -2.37
CA LEU F 50 -12.98 15.31 -1.20
C LEU F 50 -13.61 15.93 0.04
N THR F 51 -13.48 17.25 0.20
CA THR F 51 -14.12 17.91 1.32
C THR F 51 -15.64 17.78 1.22
N SER F 52 -16.19 17.96 0.02
CA SER F 52 -17.62 17.80 -0.15
C SER F 52 -18.08 16.40 0.20
N LEU F 53 -17.36 15.38 -0.26
CA LEU F 53 -17.74 14.00 0.03
C LEU F 53 -17.63 13.69 1.51
N LYS F 54 -16.58 14.18 2.17
CA LYS F 54 -16.43 13.93 3.60
C LYS F 54 -17.55 14.57 4.39
N LEU F 55 -17.91 15.82 4.06
CA LEU F 55 -19.02 16.48 4.75
C LEU F 55 -20.36 15.80 4.47
N GLU F 56 -20.57 15.32 3.25
CA GLU F 56 -21.80 14.61 2.94
C GLU F 56 -21.88 13.29 3.71
N LEU F 57 -20.78 12.56 3.78
CA LEU F 57 -20.78 11.22 4.34
C LEU F 57 -20.70 11.22 5.86
N THR F 58 -20.26 12.31 6.47
CA THR F 58 -20.20 12.37 7.93
C THR F 58 -21.58 12.36 8.58
N SER F 59 -22.61 12.78 7.86
CA SER F 59 -23.94 12.90 8.45
C SER F 59 -24.80 11.66 8.29
N LEU F 60 -24.62 10.89 7.20
CA LEU F 60 -25.43 9.70 7.00
C LEU F 60 -25.14 8.65 8.08
N ILE F 61 -23.86 8.36 8.32
CA ILE F 61 -23.51 7.45 9.39
C ILE F 61 -23.81 8.10 10.74
N ASP F 62 -23.82 7.27 11.77
CA ASP F 62 -23.95 7.74 13.15
C ASP F 62 -22.74 7.29 13.93
N GLU F 63 -22.17 8.20 14.72
CA GLU F 63 -21.03 7.85 15.55
C GLU F 63 -21.46 6.91 16.66
N GLU F 64 -20.47 6.27 17.28
CA GLU F 64 -20.66 5.26 18.32
C GLU F 64 -21.45 4.07 17.81
N LYS F 65 -21.66 3.94 16.49
CA LYS F 65 -22.32 2.78 15.93
C LYS F 65 -21.67 2.22 14.67
N ASP F 66 -20.88 2.99 13.94
CA ASP F 66 -20.37 2.58 12.63
C ASP F 66 -18.89 2.89 12.54
N SER F 67 -18.30 2.55 11.39
CA SER F 67 -16.88 2.80 11.15
C SER F 67 -16.70 3.28 9.72
N LEU F 68 -15.77 4.22 9.52
CA LEU F 68 -15.52 4.76 8.20
C LEU F 68 -14.08 5.25 8.13
N ARG F 69 -13.35 4.82 7.11
CA ARG F 69 -11.93 5.12 6.98
C ARG F 69 -11.61 5.68 5.62
N ILE F 70 -10.78 6.72 5.58
CA ILE F 70 -10.35 7.38 4.36
C ILE F 70 -8.83 7.42 4.34
N TYR F 71 -8.23 6.83 3.30
CA TYR F 71 -6.80 6.84 3.11
C TYR F 71 -6.46 7.66 1.89
N ARG F 72 -5.32 8.33 1.93
CA ARG F 72 -4.92 9.25 0.89
C ARG F 72 -3.51 8.92 0.43
N LEU F 73 -3.34 8.63 -0.85
CA LEU F 73 -2.07 8.09 -1.35
C LEU F 73 -1.13 9.19 -1.81
N GLY F 74 -1.53 9.96 -2.81
CA GLY F 74 -0.65 10.95 -3.40
C GLY F 74 -0.84 11.05 -4.90
N ASN F 75 -0.01 11.87 -5.56
CA ASN F 75 -0.19 12.15 -6.98
C ASN F 75 0.52 11.16 -7.89
N ASN F 76 1.24 10.19 -7.34
CA ASN F 76 2.00 9.21 -8.11
C ASN F 76 1.55 7.78 -7.83
N TYR F 77 0.23 7.59 -7.79
CA TYR F 77 -0.37 6.36 -7.28
C TYR F 77 -0.16 5.14 -8.18
N LYS F 78 0.37 5.32 -9.39
CA LYS F 78 0.47 4.18 -10.30
C LYS F 78 1.41 3.10 -9.77
N THR F 79 2.39 3.48 -8.96
CA THR F 79 3.39 2.54 -8.46
C THR F 79 3.16 2.13 -7.01
N LYS F 80 1.97 2.37 -6.46
CA LYS F 80 1.67 2.01 -5.09
C LYS F 80 0.43 1.12 -4.99
N VAL F 81 0.16 0.31 -6.01
CA VAL F 81 -1.01 -0.55 -6.02
C VAL F 81 -0.62 -1.91 -6.63
N GLU F 82 -1.07 -2.99 -6.00
CA GLU F 82 -0.85 -4.33 -6.52
C GLU F 82 -2.17 -5.10 -6.49
N HIS F 83 -2.41 -5.89 -7.53
CA HIS F 83 -3.61 -6.71 -7.62
C HIS F 83 -3.19 -8.13 -8.03
N ILE F 84 -3.74 -9.13 -7.34
CA ILE F 84 -3.28 -10.50 -7.52
C ILE F 84 -4.42 -11.42 -7.95
N GLY F 85 -5.63 -11.09 -7.54
CA GLY F 85 -6.75 -12.00 -7.72
C GLY F 85 -7.43 -11.92 -9.07
N ALA F 86 -8.76 -12.00 -9.07
CA ALA F 86 -9.57 -12.00 -10.28
C ALA F 86 -10.75 -11.06 -10.14
N LYS F 87 -10.49 -9.85 -9.65
CA LYS F 87 -11.50 -8.79 -9.59
C LYS F 87 -10.87 -7.50 -10.13
N PRO F 88 -10.63 -7.44 -11.43
CA PRO F 88 -9.89 -6.32 -12.00
C PRO F 88 -10.65 -5.00 -11.88
N SER F 89 -9.89 -3.91 -11.76
CA SER F 89 -10.44 -2.58 -11.59
C SER F 89 -10.08 -1.74 -12.82
N ILE F 90 -11.08 -1.02 -13.33
CA ILE F 90 -10.86 -0.14 -14.49
C ILE F 90 -10.06 1.07 -14.04
N ASP F 91 -9.02 1.40 -14.80
CA ASP F 91 -8.25 2.62 -14.58
C ASP F 91 -8.82 3.75 -15.42
N LEU F 92 -8.82 4.96 -14.86
CA LEU F 92 -9.44 6.12 -15.48
C LEU F 92 -8.44 7.01 -16.23
N GLU F 93 -7.17 6.61 -16.32
CA GLU F 93 -6.23 7.25 -17.23
C GLU F 93 -5.98 6.43 -18.50
N ASP F 94 -6.38 5.17 -18.49
CA ASP F 94 -6.39 4.39 -19.71
C ASP F 94 -7.36 5.05 -20.69
N PRO F 95 -7.01 5.14 -21.98
CA PRO F 95 -7.90 5.80 -22.95
C PRO F 95 -9.39 5.48 -22.89
N LEU F 96 -9.78 4.35 -22.29
CA LEU F 96 -11.19 4.03 -22.08
C LEU F 96 -11.94 3.91 -23.40
N ILE F 97 -11.49 2.99 -24.25
CA ILE F 97 -12.13 2.75 -25.55
C ILE F 97 -13.17 1.65 -25.33
N PHE F 98 -14.36 2.04 -24.93
CA PHE F 98 -15.44 1.08 -24.75
C PHE F 98 -16.06 0.70 -26.07
N ALA I 1 38.01 -34.22 11.99
CA ALA I 1 38.24 -35.29 11.05
C ALA I 1 37.87 -36.64 11.66
N SER I 2 36.61 -37.04 11.50
CA SER I 2 36.17 -38.33 12.03
C SER I 2 36.93 -39.46 11.35
N ASN I 3 36.92 -39.49 10.01
CA ASN I 3 37.74 -40.41 9.24
C ASN I 3 38.27 -39.73 7.98
N GLU I 4 38.54 -38.41 8.07
CA GLU I 4 38.92 -37.55 6.95
C GLU I 4 37.69 -37.29 6.09
N GLU I 5 36.58 -37.91 6.42
CA GLU I 5 35.31 -37.69 5.73
C GLU I 5 34.50 -36.55 6.32
N ASP I 6 34.99 -35.93 7.40
CA ASP I 6 34.30 -34.83 8.04
C ASP I 6 34.86 -33.46 7.66
N ARG I 7 36.14 -33.38 7.31
CA ARG I 7 36.77 -32.10 6.96
C ARG I 7 36.45 -31.73 5.51
N TYR I 8 35.15 -31.53 5.25
CA TYR I 8 34.67 -31.21 3.91
C TYR I 8 33.95 -29.87 3.95
N LEU I 9 34.07 -29.11 2.86
CA LEU I 9 33.43 -27.81 2.74
C LEU I 9 32.35 -27.84 1.67
N MET I 10 31.26 -27.12 1.93
CA MET I 10 30.11 -27.17 1.04
C MET I 10 30.39 -26.42 -0.26
N LEU I 11 29.72 -26.84 -1.33
CA LEU I 11 29.86 -26.14 -2.61
C LEU I 11 29.22 -24.77 -2.59
N SER I 12 28.32 -24.49 -1.66
CA SER I 12 27.74 -23.17 -1.58
C SER I 12 28.78 -22.11 -1.27
N GLY I 13 29.92 -22.50 -0.72
CA GLY I 13 30.95 -21.53 -0.39
C GLY I 13 31.68 -20.96 -1.58
N LEU I 14 31.68 -21.67 -2.70
CA LEU I 14 32.48 -21.23 -3.85
C LEU I 14 31.94 -19.95 -4.45
N GLN I 15 30.63 -19.86 -4.65
CA GLN I 15 30.05 -18.65 -5.22
C GLN I 15 30.28 -17.46 -4.30
N HIS I 16 30.08 -17.65 -2.99
CA HIS I 16 30.32 -16.57 -2.04
C HIS I 16 31.77 -16.12 -2.06
N PHE I 17 32.71 -17.07 -2.06
CA PHE I 17 34.13 -16.72 -2.10
C PHE I 17 34.47 -15.96 -3.37
N GLN I 18 33.85 -16.34 -4.49
CA GLN I 18 34.11 -15.64 -5.74
C GLN I 18 33.57 -14.21 -5.71
N PHE I 19 32.43 -14.00 -5.06
CA PHE I 19 31.83 -12.67 -5.13
C PHE I 19 32.50 -11.68 -4.18
N CYS I 20 32.42 -11.93 -2.88
CA CYS I 20 32.92 -11.02 -1.85
C CYS I 20 33.73 -11.88 -0.89
N LYS I 21 35.06 -11.91 -1.08
CA LYS I 21 35.92 -12.77 -0.28
C LYS I 21 35.72 -12.55 1.22
N ARG I 22 35.07 -11.46 1.60
CA ARG I 22 34.63 -11.29 2.97
C ARG I 22 33.31 -12.02 3.22
N GLN I 23 32.43 -12.08 2.22
CA GLN I 23 31.10 -12.64 2.43
C GLN I 23 31.16 -14.12 2.80
N TRP I 24 31.98 -14.90 2.09
CA TRP I 24 32.16 -16.29 2.46
C TRP I 24 32.65 -16.41 3.88
N ALA I 25 33.56 -15.51 4.28
CA ALA I 25 34.06 -15.51 5.65
C ALA I 25 32.94 -15.25 6.65
N LEU I 26 32.07 -14.28 6.35
CA LEU I 26 30.98 -13.98 7.26
C LEU I 26 30.01 -15.14 7.39
N ILE I 27 29.67 -15.78 6.27
CA ILE I 27 28.66 -16.84 6.31
C ILE I 27 29.21 -18.10 6.97
N HIS I 28 30.35 -18.58 6.49
CA HIS I 28 30.77 -19.95 6.80
C HIS I 28 31.75 -20.04 7.96
N ILE I 29 32.19 -18.93 8.53
CA ILE I 29 33.12 -18.95 9.65
C ILE I 29 32.48 -18.41 10.93
N GLU I 30 31.76 -17.30 10.83
CA GLU I 30 31.01 -16.78 11.96
C GLU I 30 29.60 -17.36 12.05
N GLN I 31 29.18 -18.12 11.05
CA GLN I 31 27.89 -18.81 11.05
C GLN I 31 26.74 -17.86 11.35
N GLN I 32 26.53 -16.92 10.43
CA GLN I 32 25.43 -15.99 10.55
C GLN I 32 24.89 -15.63 9.17
N TRP I 33 23.63 -15.22 9.16
CA TRP I 33 22.89 -15.07 7.91
C TRP I 33 21.81 -14.00 8.10
N GLU I 34 21.51 -13.29 7.02
CA GLU I 34 20.53 -12.22 7.04
C GLU I 34 19.96 -12.08 5.64
N GLU I 35 18.66 -11.88 5.55
CA GLU I 35 17.96 -11.97 4.27
C GLU I 35 17.32 -10.64 3.90
N ASN I 36 17.34 -10.33 2.60
CA ASN I 36 16.62 -9.20 2.04
C ASN I 36 15.72 -9.70 0.91
N VAL I 37 15.18 -8.79 0.10
CA VAL I 37 14.18 -9.16 -0.89
C VAL I 37 14.71 -10.21 -1.85
N ARG I 38 15.89 -9.95 -2.42
CA ARG I 38 16.42 -10.84 -3.44
C ARG I 38 16.74 -12.22 -2.86
N THR I 39 17.26 -12.25 -1.63
CA THR I 39 17.52 -13.53 -0.97
C THR I 39 16.23 -14.30 -0.75
N ILE I 40 15.17 -13.61 -0.32
CA ILE I 40 13.88 -14.28 -0.12
C ILE I 40 13.41 -14.91 -1.42
N GLU I 41 13.47 -14.14 -2.51
CA GLU I 41 13.03 -14.69 -3.79
C GLU I 41 13.86 -15.89 -4.20
N GLY I 42 15.19 -15.79 -4.07
CA GLY I 42 16.03 -16.91 -4.43
C GLY I 42 15.71 -18.16 -3.64
N GLN I 43 15.55 -18.02 -2.32
CA GLN I 43 15.25 -19.17 -1.50
C GLN I 43 13.91 -19.78 -1.84
N HIS I 44 12.91 -18.94 -2.11
CA HIS I 44 11.59 -19.47 -2.43
C HIS I 44 11.61 -20.25 -3.74
N LEU I 45 12.29 -19.73 -4.76
CA LEU I 45 12.43 -20.49 -6.00
C LEU I 45 13.16 -21.81 -5.77
N HIS I 46 14.25 -21.78 -5.01
CA HIS I 46 15.00 -23.02 -4.77
C HIS I 46 14.14 -24.04 -4.04
N LYS I 47 13.33 -23.59 -3.08
CA LYS I 47 12.49 -24.50 -2.32
C LYS I 47 11.37 -25.08 -3.16
N LYS I 48 10.71 -24.23 -3.96
CA LYS I 48 9.60 -24.71 -4.78
C LYS I 48 10.09 -25.69 -5.85
N ALA I 49 11.20 -25.38 -6.50
CA ALA I 49 11.74 -26.25 -7.54
C ALA I 49 12.38 -27.52 -6.97
N ASP I 50 12.27 -27.75 -5.67
CA ASP I 50 12.86 -28.91 -5.01
C ASP I 50 11.79 -29.98 -4.87
N GLN I 51 11.87 -31.02 -5.70
CA GLN I 51 10.88 -32.10 -5.73
C GLN I 51 11.61 -33.44 -5.69
N PRO I 52 12.04 -33.89 -4.53
CA PRO I 52 12.71 -35.20 -4.42
C PRO I 52 11.69 -36.33 -4.51
N PHE I 53 12.21 -37.56 -4.44
CA PHE I 53 11.39 -38.78 -4.46
C PHE I 53 10.60 -38.95 -5.74
N MET I 54 10.90 -38.15 -6.76
CA MET I 54 10.22 -38.29 -8.04
C MET I 54 11.23 -38.18 -9.17
N LYS I 55 11.06 -39.01 -10.19
CA LYS I 55 11.87 -38.95 -11.39
C LYS I 55 10.96 -38.59 -12.57
N GLU I 56 11.53 -37.88 -13.55
CA GLU I 56 10.82 -37.50 -14.76
C GLU I 56 11.66 -37.93 -15.95
N LYS I 57 11.06 -38.71 -16.85
CA LYS I 57 11.77 -39.25 -17.99
C LYS I 57 10.97 -39.03 -19.26
N ARG I 58 11.67 -39.01 -20.39
CA ARG I 58 11.06 -38.83 -21.70
C ARG I 58 11.43 -39.97 -22.64
N GLY I 59 11.68 -41.15 -22.10
CA GLY I 59 12.03 -42.32 -22.88
C GLY I 59 13.49 -42.39 -23.28
N SER I 60 14.10 -41.23 -23.56
CA SER I 60 15.50 -41.15 -23.95
C SER I 60 16.39 -40.65 -22.83
N LYS I 61 15.98 -39.58 -22.13
CA LYS I 61 16.76 -38.99 -21.06
C LYS I 61 16.07 -39.15 -19.73
N LEU I 62 16.82 -38.89 -18.67
CA LEU I 62 16.34 -39.00 -17.30
C LEU I 62 16.79 -37.77 -16.53
N THR I 63 15.99 -37.37 -15.55
CA THR I 63 16.30 -36.21 -14.72
C THR I 63 16.20 -36.60 -13.26
N VAL I 64 17.14 -36.11 -12.45
CA VAL I 64 17.18 -36.39 -11.02
C VAL I 64 17.29 -35.06 -10.28
N ARG I 65 16.60 -34.96 -9.15
CA ARG I 65 16.59 -33.78 -8.31
C ARG I 65 17.24 -34.09 -6.97
N ALA I 66 17.89 -33.07 -6.40
CA ALA I 66 18.52 -33.15 -5.08
C ALA I 66 19.51 -34.32 -5.01
N MET I 67 20.53 -34.23 -5.85
CA MET I 67 21.47 -35.33 -6.04
C MET I 67 22.65 -35.13 -5.09
N PRO I 68 22.81 -35.97 -4.07
CA PRO I 68 23.93 -35.77 -3.12
C PRO I 68 25.25 -36.20 -3.74
N ILE I 69 26.27 -35.34 -3.61
CA ILE I 69 27.57 -35.60 -4.21
C ILE I 69 28.67 -35.22 -3.24
N GLN I 70 29.85 -35.81 -3.43
CA GLN I 70 31.04 -35.41 -2.71
C GLN I 70 32.27 -35.75 -3.53
N SER I 71 33.36 -35.07 -3.23
CA SER I 71 34.65 -35.27 -3.88
C SER I 71 35.75 -35.27 -2.83
N LYS I 72 36.50 -36.36 -2.78
CA LYS I 72 37.62 -36.49 -1.86
C LYS I 72 38.85 -35.69 -2.31
N ASN I 73 39.03 -35.53 -3.63
CA ASN I 73 40.19 -34.82 -4.12
C ASN I 73 40.23 -33.37 -3.63
N LEU I 74 39.08 -32.71 -3.61
CA LEU I 74 38.97 -31.36 -3.08
C LEU I 74 38.44 -31.31 -1.66
N GLN I 75 37.99 -32.43 -1.12
CA GLN I 75 37.32 -32.47 0.17
C GLN I 75 36.12 -31.52 0.18
N ILE I 76 35.24 -31.69 -0.81
CA ILE I 76 34.10 -30.81 -1.01
C ILE I 76 32.85 -31.65 -1.20
N SER I 77 31.82 -31.38 -0.40
CA SER I 77 30.56 -32.13 -0.46
C SER I 77 29.41 -31.17 -0.68
N GLY I 78 28.34 -31.66 -1.27
CA GLY I 78 27.19 -30.81 -1.52
C GLY I 78 26.06 -31.55 -2.19
N ILE I 79 25.12 -30.77 -2.71
CA ILE I 79 23.89 -31.28 -3.31
C ILE I 79 23.69 -30.61 -4.66
N CYS I 80 23.67 -31.40 -5.73
CA CYS I 80 23.38 -30.88 -7.05
C CYS I 80 21.89 -30.67 -7.25
N ASP I 81 21.54 -29.51 -7.81
CA ASP I 81 20.13 -29.17 -7.99
C ASP I 81 19.45 -30.11 -8.98
N VAL I 82 20.02 -30.27 -10.16
CA VAL I 82 19.45 -31.18 -11.16
C VAL I 82 20.59 -31.91 -11.88
N VAL I 83 20.41 -33.20 -12.09
CA VAL I 83 21.34 -33.98 -12.90
C VAL I 83 20.57 -34.57 -14.06
N GLU I 84 21.09 -34.39 -15.28
CA GLU I 84 20.44 -34.90 -16.47
C GLU I 84 21.30 -36.01 -17.08
N PHE I 85 20.70 -37.17 -17.26
CA PHE I 85 21.36 -38.33 -17.85
C PHE I 85 20.81 -38.54 -19.25
N VAL I 86 21.70 -38.71 -20.22
CA VAL I 86 21.30 -38.91 -21.61
C VAL I 86 21.78 -40.29 -22.07
N GLN I 87 21.04 -40.87 -23.02
CA GLN I 87 21.24 -42.26 -23.42
C GLN I 87 22.16 -42.34 -24.62
N ASP I 88 23.30 -43.01 -24.44
CA ASP I 88 24.26 -43.27 -25.51
C ASP I 88 25.30 -44.23 -24.97
N SER I 89 25.82 -45.09 -25.86
CA SER I 89 26.81 -46.10 -25.48
C SER I 89 28.21 -45.49 -25.39
N GLU I 90 28.33 -44.47 -24.56
CA GLU I 90 29.60 -43.77 -24.38
C GLU I 90 29.98 -43.68 -22.91
N GLY I 91 28.98 -43.52 -22.04
CA GLY I 91 29.24 -43.26 -20.64
C GLY I 91 29.34 -44.49 -19.76
N ILE I 92 28.91 -44.36 -18.51
CA ILE I 92 28.99 -45.42 -17.52
C ILE I 92 27.58 -45.79 -17.10
N GLU I 93 27.31 -47.09 -16.99
CA GLU I 93 26.05 -47.54 -16.41
C GLU I 93 25.97 -47.12 -14.96
N LEU I 94 24.76 -46.79 -14.51
CA LEU I 94 24.53 -46.28 -13.18
C LEU I 94 23.48 -47.12 -12.46
N SER I 95 23.55 -47.09 -11.13
CA SER I 95 22.74 -47.99 -10.31
C SER I 95 21.26 -47.66 -10.41
N GLY I 96 20.44 -48.69 -10.54
CA GLY I 96 19.00 -48.53 -10.55
C GLY I 96 18.31 -48.93 -11.85
N VAL I 97 18.88 -48.57 -12.99
CA VAL I 97 18.24 -48.75 -14.28
C VAL I 97 19.20 -49.47 -15.22
N SER I 98 18.76 -49.64 -16.47
CA SER I 98 19.55 -50.24 -17.53
C SER I 98 19.95 -49.19 -18.56
N GLY I 99 20.82 -49.60 -19.48
CA GLY I 99 21.35 -48.69 -20.48
C GLY I 99 22.57 -47.94 -19.99
N SER I 100 23.13 -47.14 -20.88
CA SER I 100 24.34 -46.37 -20.59
C SER I 100 24.04 -44.90 -20.75
N TYR I 101 24.37 -44.10 -19.74
CA TYR I 101 24.01 -42.70 -19.70
C TYR I 101 25.23 -41.82 -19.45
N LYS I 102 25.21 -40.64 -20.07
CA LYS I 102 26.16 -39.57 -19.79
C LYS I 102 25.49 -38.51 -18.91
N ALA I 103 26.30 -37.79 -18.15
CA ALA I 103 25.81 -36.89 -17.13
C ALA I 103 26.05 -35.43 -17.50
N PHE I 104 25.09 -34.58 -17.10
CA PHE I 104 25.19 -33.13 -17.26
C PHE I 104 24.65 -32.48 -15.99
N PRO I 105 25.41 -31.58 -15.36
CA PRO I 105 24.91 -30.88 -14.17
C PRO I 105 24.11 -29.64 -14.55
N VAL I 106 23.03 -29.38 -13.83
CA VAL I 106 22.18 -28.22 -14.05
C VAL I 106 21.93 -27.56 -12.70
N GLU I 107 22.18 -26.25 -12.62
CA GLU I 107 21.91 -25.49 -11.41
C GLU I 107 21.17 -24.21 -11.77
N TYR I 108 19.99 -24.03 -11.18
CA TYR I 108 19.16 -22.86 -11.38
C TYR I 108 19.62 -21.74 -10.47
N LYS I 109 19.37 -20.49 -10.90
CA LYS I 109 19.65 -19.33 -10.07
C LYS I 109 18.63 -18.25 -10.39
N ARG I 110 18.82 -17.08 -9.77
CA ARG I 110 17.92 -15.95 -9.95
C ARG I 110 18.75 -14.70 -10.17
N GLY I 111 18.83 -14.24 -11.41
CA GLY I 111 19.54 -13.02 -11.72
C GLY I 111 20.14 -13.07 -13.10
N LYS I 112 20.49 -11.89 -13.61
CA LYS I 112 21.09 -11.78 -14.92
C LYS I 112 22.48 -12.42 -14.92
N PRO I 113 22.95 -12.91 -16.06
CA PRO I 113 24.33 -13.40 -16.14
C PRO I 113 25.30 -12.30 -15.77
N LYS I 114 26.29 -12.65 -14.96
CA LYS I 114 27.20 -11.66 -14.39
C LYS I 114 28.47 -11.56 -15.21
N LYS I 115 29.03 -10.35 -15.26
CA LYS I 115 30.25 -10.13 -16.02
C LYS I 115 31.42 -10.93 -15.46
N GLY I 116 31.52 -11.03 -14.14
CA GLY I 116 32.56 -11.85 -13.55
C GLY I 116 32.26 -13.32 -13.71
N ASP I 117 33.26 -14.14 -13.39
CA ASP I 117 33.08 -15.59 -13.50
C ASP I 117 31.98 -16.08 -12.58
N GLU I 118 32.18 -15.93 -11.26
CA GLU I 118 31.14 -16.19 -10.26
C GLU I 118 30.48 -17.56 -10.44
N ASP I 119 29.23 -17.53 -10.91
CA ASP I 119 28.41 -18.73 -10.95
C ASP I 119 29.14 -19.87 -11.63
N ILE I 120 29.82 -19.57 -12.75
CA ILE I 120 30.51 -20.61 -13.52
C ILE I 120 31.34 -21.48 -12.60
N VAL I 121 32.14 -20.84 -11.74
CA VAL I 121 33.05 -21.60 -10.89
C VAL I 121 32.29 -22.66 -10.11
N GLN I 122 31.20 -22.24 -9.47
CA GLN I 122 30.41 -23.20 -8.68
C GLN I 122 30.02 -24.39 -9.56
N LEU I 123 29.41 -24.11 -10.71
CA LEU I 123 28.97 -25.19 -11.58
C LEU I 123 30.13 -26.10 -11.95
N VAL I 124 31.30 -25.51 -12.25
CA VAL I 124 32.44 -26.32 -12.64
C VAL I 124 32.74 -27.35 -11.57
N ALA I 125 32.76 -26.92 -10.30
CA ALA I 125 33.02 -27.85 -9.22
C ALA I 125 32.09 -29.05 -9.32
N GLN I 126 30.79 -28.78 -9.44
CA GLN I 126 29.80 -29.84 -9.60
C GLN I 126 30.27 -30.86 -10.63
N ALA I 127 30.52 -30.38 -11.85
CA ALA I 127 30.92 -31.29 -12.92
C ALA I 127 32.12 -32.11 -12.50
N MET I 128 33.16 -31.43 -12.05
CA MET I 128 34.36 -32.13 -11.63
C MET I 128 34.06 -33.09 -10.49
N CYS I 129 33.26 -32.63 -9.52
CA CYS I 129 32.86 -33.49 -8.42
C CYS I 129 32.25 -34.78 -8.96
N LEU I 130 31.36 -34.65 -9.95
CA LEU I 130 30.64 -35.82 -10.44
C LEU I 130 31.60 -36.82 -11.05
N GLU I 131 32.68 -36.34 -11.67
CA GLU I 131 33.64 -37.26 -12.28
C GLU I 131 34.26 -38.20 -11.26
N GLU I 132 34.31 -37.82 -9.99
CA GLU I 132 34.90 -38.72 -9.01
C GLU I 132 33.95 -39.86 -8.66
N MET I 133 32.65 -39.63 -8.66
CA MET I 133 31.71 -40.66 -8.22
C MET I 133 31.21 -41.56 -9.33
N LEU I 134 30.96 -40.97 -10.48
CA LEU I 134 30.46 -41.74 -11.60
C LEU I 134 31.62 -42.10 -12.52
N VAL I 135 32.84 -42.05 -12.00
CA VAL I 135 34.04 -42.38 -12.78
C VAL I 135 33.96 -42.16 -14.30
N CYS I 136 33.97 -40.90 -14.72
CA CYS I 136 33.87 -40.58 -16.14
C CYS I 136 34.60 -39.28 -16.43
N ARG I 137 34.30 -38.67 -17.57
CA ARG I 137 34.90 -37.38 -17.91
C ARG I 137 33.78 -36.43 -18.27
N ILE I 138 33.78 -35.23 -17.70
CA ILE I 138 32.67 -34.31 -17.92
C ILE I 138 33.22 -33.01 -18.47
N ASP I 139 32.64 -32.54 -19.58
CA ASP I 139 33.10 -31.33 -20.24
C ASP I 139 31.93 -30.46 -20.72
N LYS I 140 30.87 -30.36 -19.93
CA LYS I 140 29.75 -29.50 -20.30
C LYS I 140 28.95 -29.15 -19.06
N GLY I 141 28.37 -27.95 -19.07
CA GLY I 141 27.53 -27.52 -17.96
C GLY I 141 26.38 -26.67 -18.45
N TYR I 142 25.33 -26.62 -17.64
CA TYR I 142 24.11 -25.90 -17.99
C TYR I 142 23.78 -24.92 -16.89
N LEU I 143 23.50 -23.67 -17.25
CA LEU I 143 23.01 -22.70 -16.29
C LEU I 143 21.67 -22.16 -16.73
N PHE I 144 20.72 -22.14 -15.81
CA PHE I 144 19.38 -21.61 -16.06
C PHE I 144 19.22 -20.34 -15.25
N TYR I 145 18.88 -19.25 -15.92
CA TYR I 145 18.68 -17.96 -15.28
C TYR I 145 17.19 -17.64 -15.36
N ASN I 146 16.52 -17.67 -14.21
CA ASN I 146 15.08 -17.56 -14.16
C ASN I 146 14.58 -16.13 -14.24
N GLU I 147 15.45 -15.14 -14.05
CA GLU I 147 15.00 -13.77 -14.22
C GLU I 147 14.78 -13.45 -15.70
N ILE I 148 15.62 -13.98 -16.58
CA ILE I 148 15.36 -13.95 -18.02
C ILE I 148 14.72 -15.22 -18.53
N LYS I 149 14.62 -16.26 -17.69
CA LYS I 149 14.11 -17.57 -18.09
C LYS I 149 14.85 -18.10 -19.31
N HIS I 150 16.17 -17.94 -19.28
CA HIS I 150 17.04 -18.35 -20.37
C HIS I 150 17.98 -19.44 -19.88
N ARG I 151 18.64 -20.09 -20.83
CA ARG I 151 19.54 -21.20 -20.55
C ARG I 151 20.83 -21.01 -21.32
N VAL I 152 21.96 -21.18 -20.65
CA VAL I 152 23.27 -20.93 -21.24
C VAL I 152 24.15 -22.17 -21.05
N GLU I 153 24.82 -22.55 -22.13
CA GLU I 153 25.80 -23.62 -22.08
C GLU I 153 27.12 -23.10 -21.52
N VAL I 154 27.88 -24.00 -20.90
CA VAL I 154 29.15 -23.64 -20.29
C VAL I 154 30.18 -24.70 -20.64
N PRO I 155 31.19 -24.36 -21.43
CA PRO I 155 32.31 -25.29 -21.65
C PRO I 155 33.28 -25.26 -20.49
N ILE I 156 34.13 -26.28 -20.44
CA ILE I 156 35.15 -26.42 -19.41
C ILE I 156 36.49 -26.70 -20.08
N THR I 157 37.52 -26.00 -19.62
CA THR I 157 38.89 -26.23 -20.08
C THR I 157 39.79 -26.41 -18.87
N ASP I 158 41.09 -26.63 -19.13
CA ASP I 158 42.04 -26.73 -18.03
C ASP I 158 42.13 -25.44 -17.23
N ALA I 159 41.87 -24.31 -17.87
CA ALA I 159 41.94 -23.03 -17.15
C ALA I 159 40.93 -23.01 -16.01
N LEU I 160 39.67 -23.35 -16.30
CA LEU I 160 38.64 -23.32 -15.26
C LEU I 160 38.94 -24.33 -14.16
N ARG I 161 39.40 -25.53 -14.54
CA ARG I 161 39.68 -26.55 -13.53
C ARG I 161 40.83 -26.15 -12.63
N ASP I 162 41.91 -25.61 -13.20
CA ASP I 162 43.02 -25.19 -12.35
C ASP I 162 42.62 -24.02 -11.47
N LYS I 163 41.81 -23.09 -12.00
CA LYS I 163 41.33 -22.00 -11.17
C LYS I 163 40.50 -22.51 -10.00
N VAL I 164 39.63 -23.49 -10.25
CA VAL I 164 38.82 -24.05 -9.19
C VAL I 164 39.69 -24.74 -8.14
N VAL I 165 40.70 -25.48 -8.58
CA VAL I 165 41.58 -26.17 -7.65
C VAL I 165 42.32 -25.16 -6.77
N GLN I 166 42.86 -24.11 -7.39
CA GLN I 166 43.57 -23.10 -6.60
C GLN I 166 42.63 -22.40 -5.64
N MET I 167 41.40 -22.11 -6.09
CA MET I 167 40.42 -21.49 -5.21
C MET I 167 40.12 -22.36 -4.00
N ALA I 168 39.92 -23.67 -4.22
CA ALA I 168 39.64 -24.55 -3.10
C ALA I 168 40.81 -24.60 -2.14
N LYS I 169 42.04 -24.64 -2.67
CA LYS I 169 43.21 -24.67 -1.80
C LYS I 169 43.29 -23.42 -0.93
N GLU I 170 43.12 -22.25 -1.55
CA GLU I 170 43.18 -21.00 -0.79
C GLU I 170 42.06 -20.92 0.22
N MET I 171 40.87 -21.38 -0.14
CA MET I 171 39.74 -21.35 0.79
C MET I 171 40.01 -22.22 1.99
N HIS I 172 40.56 -23.42 1.78
CA HIS I 172 40.91 -24.27 2.90
C HIS I 172 41.97 -23.61 3.77
N HIS I 173 42.93 -22.93 3.16
CA HIS I 173 43.94 -22.24 3.96
C HIS I 173 43.32 -21.17 4.85
N TYR I 174 42.43 -20.37 4.27
CA TYR I 174 41.76 -19.33 5.06
C TYR I 174 40.96 -19.95 6.19
N TYR I 175 40.26 -21.04 5.92
CA TYR I 175 39.48 -21.70 6.96
C TYR I 175 40.37 -22.20 8.09
N GLU I 176 41.49 -22.84 7.74
CA GLU I 176 42.41 -23.31 8.76
C GLU I 176 42.96 -22.15 9.58
N ASN I 177 43.05 -20.96 8.98
CA ASN I 177 43.58 -19.82 9.71
C ASN I 177 42.53 -19.01 10.47
N ARG I 178 41.24 -19.30 10.29
CA ARG I 178 40.16 -18.64 11.04
C ARG I 178 40.20 -17.13 10.85
N HIS I 179 40.52 -16.69 9.63
CA HIS I 179 40.83 -15.29 9.37
C HIS I 179 39.84 -14.72 8.36
N THR I 180 39.29 -13.54 8.66
CA THR I 180 38.36 -12.88 7.75
C THR I 180 39.02 -11.68 7.09
N PRO I 181 39.32 -11.73 5.81
CA PRO I 181 40.09 -10.64 5.17
C PRO I 181 39.27 -9.40 4.87
N LYS I 182 39.89 -8.46 4.16
CA LYS I 182 39.26 -7.23 3.71
C LYS I 182 39.39 -7.11 2.20
N VAL I 183 38.39 -6.52 1.56
CA VAL I 183 38.37 -6.38 0.10
C VAL I 183 38.09 -4.92 -0.27
N LYS I 184 38.16 -4.64 -1.57
CA LYS I 184 37.77 -3.34 -2.08
C LYS I 184 36.25 -3.29 -2.22
N THR I 185 35.61 -2.35 -1.53
CA THR I 185 34.17 -2.42 -1.33
C THR I 185 33.39 -1.92 -2.53
N GLY I 186 33.50 -0.63 -2.83
CA GLY I 186 32.79 -0.05 -3.93
C GLY I 186 31.28 -0.13 -3.75
N PRO I 187 30.55 -0.08 -4.86
CA PRO I 187 29.08 -0.13 -4.81
C PRO I 187 28.48 -1.53 -4.82
N PHE I 188 29.23 -2.62 -4.71
CA PHE I 188 28.52 -3.91 -4.67
C PHE I 188 27.88 -4.19 -3.32
N CYS I 189 28.40 -3.58 -2.25
CA CYS I 189 27.75 -3.78 -0.97
C CYS I 189 26.62 -2.77 -0.78
N ASN I 190 25.76 -2.66 -1.79
CA ASN I 190 24.46 -2.03 -1.63
C ASN I 190 23.34 -3.06 -1.64
N ASN I 191 23.59 -4.25 -2.16
CA ASN I 191 22.68 -5.37 -2.08
C ASN I 191 23.30 -6.58 -1.40
N CYS I 192 24.52 -6.44 -0.87
CA CYS I 192 25.13 -7.42 0.00
C CYS I 192 24.20 -7.60 1.19
N SER I 193 23.55 -8.76 1.30
CA SER I 193 22.55 -8.96 2.34
C SER I 193 23.16 -8.82 3.73
N LEU I 194 24.46 -8.95 3.86
CA LEU I 194 25.15 -8.79 5.13
C LEU I 194 25.65 -7.37 5.33
N GLN I 195 24.99 -6.38 4.73
CA GLN I 195 25.48 -5.01 4.83
C GLN I 195 25.40 -4.48 6.24
N SER I 196 24.49 -5.02 7.05
CA SER I 196 24.38 -4.69 8.46
C SER I 196 25.35 -5.47 9.32
N ILE I 197 26.31 -6.18 8.71
CA ILE I 197 27.33 -6.90 9.45
C ILE I 197 28.73 -6.56 8.97
N CYS I 198 28.99 -6.67 7.66
CA CYS I 198 30.37 -6.51 7.19
C CYS I 198 30.83 -5.06 7.22
N LEU I 199 29.92 -4.10 7.35
CA LEU I 199 30.24 -2.68 7.51
C LEU I 199 31.33 -2.20 6.56
N PRO I 200 31.01 -1.99 5.29
CA PRO I 200 32.04 -1.51 4.36
C PRO I 200 32.60 -0.16 4.74
N LYS I 201 31.85 0.64 5.50
CA LYS I 201 32.25 2.01 5.77
C LYS I 201 33.57 2.07 6.54
N LEU I 202 33.73 1.23 7.56
CA LEU I 202 34.94 1.34 8.38
C LEU I 202 36.18 0.80 7.67
N MET I 203 36.03 0.20 6.50
CA MET I 203 37.19 -0.36 5.81
C MET I 203 38.05 0.74 5.19
N ASN I 204 37.44 1.87 4.84
CA ASN I 204 38.17 2.95 4.20
C ASN I 204 38.58 4.07 5.14
N LYS I 205 37.94 4.17 6.31
CA LYS I 205 38.08 5.36 7.13
C LYS I 205 39.44 5.38 7.83
N ARG I 206 39.65 6.43 8.64
CA ARG I 206 40.90 6.65 9.31
C ARG I 206 41.10 5.64 10.44
N SER I 207 42.34 5.58 10.93
CA SER I 207 42.65 4.75 12.08
C SER I 207 41.96 5.29 13.33
N VAL I 208 41.78 4.41 14.31
CA VAL I 208 41.10 4.80 15.54
C VAL I 208 41.95 5.78 16.34
N LYS I 209 43.27 5.61 16.31
CA LYS I 209 44.14 6.45 17.12
C LYS I 209 44.01 7.92 16.74
N ARG I 210 43.92 8.20 15.44
CA ARG I 210 43.84 9.59 15.00
C ARG I 210 42.55 10.26 15.50
N TYR I 211 41.43 9.54 15.45
CA TYR I 211 40.17 10.15 15.89
C TYR I 211 40.18 10.40 17.38
N ILE I 212 40.65 9.44 18.17
CA ILE I 212 40.70 9.66 19.63
C ILE I 212 41.68 10.78 19.95
N GLU I 213 42.86 10.77 19.33
CA GLU I 213 43.79 11.87 19.53
C GLU I 213 43.25 13.18 18.98
N GLY I 214 42.51 13.12 17.87
CA GLY I 214 41.89 14.31 17.34
C GLY I 214 40.90 14.95 18.32
N ARG I 215 40.07 14.13 18.94
CA ARG I 215 39.12 14.63 19.92
C ARG I 215 39.72 14.73 21.32
N LEU I 216 40.98 14.38 21.49
CA LEU I 216 41.69 14.58 22.75
C LEU I 216 42.33 15.96 22.83
N SER I 217 42.95 16.43 21.74
CA SER I 217 43.61 17.71 21.73
C SER I 217 42.63 18.88 21.80
N GLU I 218 41.40 18.68 21.37
CA GLU I 218 40.40 19.75 21.38
C GLU I 218 39.04 19.20 21.78
#